data_5CQT
# 
_entry.id   5CQT 
# 
_audit_conform.dict_name       mmcif_pdbx.dic 
_audit_conform.dict_version    5.380 
_audit_conform.dict_location   http://mmcif.pdb.org/dictionaries/ascii/mmcif_pdbx.dic 
# 
loop_
_database_2.database_id 
_database_2.database_code 
_database_2.pdbx_database_accession 
_database_2.pdbx_DOI 
PDB   5CQT         pdb_00005cqt 10.2210/pdb5cqt/pdb 
WWPDB D_1000212051 ?            ?                   
# 
loop_
_pdbx_database_related.content_type 
_pdbx_database_related.db_id 
_pdbx_database_related.db_name 
_pdbx_database_related.details 
unspecified 5COI PDB . 
unspecified 5CP5 PDB . 
unspecified 5CPE PDB . 
unspecified 5CRM PDB . 
unspecified 5CRZ PDB . 
unspecified 5CS8 PDB . 
unspecified 5CTL PDB . 
# 
_pdbx_database_status.status_code                     REL 
_pdbx_database_status.status_code_sf                  REL 
_pdbx_database_status.status_code_mr                  ? 
_pdbx_database_status.entry_id                        5CQT 
_pdbx_database_status.recvd_initial_deposition_date   2015-07-22 
_pdbx_database_status.SG_entry                        N 
_pdbx_database_status.deposit_site                    RCSB 
_pdbx_database_status.process_site                    PDBJ 
_pdbx_database_status.status_code_cs                  ? 
_pdbx_database_status.methods_development_category    ? 
_pdbx_database_status.pdb_format_compatible           Y 
_pdbx_database_status.status_code_nmr_data            ? 
# 
loop_
_audit_author.name 
_audit_author.pdbx_ordinal 
'Zhang, Y.' 1 
'Song, M.'  2 
'Liu, Z.'   3 
'Xue, X.'   4 
'Xu, Y.'    5 
# 
_citation.abstract                  ? 
_citation.abstract_id_CAS           ? 
_citation.book_id_ISBN              ? 
_citation.book_publisher            ? 
_citation.book_publisher_city       ? 
_citation.book_title                ? 
_citation.coordinate_linkage        ? 
_citation.country                   US 
_citation.database_id_Medline       ? 
_citation.details                   ? 
_citation.id                        primary 
_citation.journal_abbrev            J.Med.Chem. 
_citation.journal_id_ASTM           JMCMAR 
_citation.journal_id_CSD            0151 
_citation.journal_id_ISSN           0022-2623 
_citation.journal_full              ? 
_citation.journal_issue             ? 
_citation.journal_volume            59 
_citation.language                  ? 
_citation.page_first                1565 
_citation.page_last                 1579 
_citation.title                     
;Discovery of Benzo[cd]indol-2(1H)-ones as Potent and Specific BET Bromodomain Inhibitors: Structure-Based Virtual Screening, Optimization, and Biological Evaluation
;
_citation.year                      2016 
_citation.database_id_CSD           ? 
_citation.pdbx_database_id_DOI      10.1021/acs.jmedchem.5b01511 
_citation.pdbx_database_id_PubMed   26731490 
_citation.unpublished_flag          ? 
# 
loop_
_citation_author.citation_id 
_citation_author.name 
_citation_author.ordinal 
_citation_author.identifier_ORCID 
primary 'Xue, X.'   1  ? 
primary 'Zhang, Y.' 2  ? 
primary 'Liu, Z.'   3  ? 
primary 'Song, M.'  4  ? 
primary 'Xing, Y.'  5  ? 
primary 'Xiang, Q.' 6  ? 
primary 'Wang, Z.'  7  ? 
primary 'Tu, Z.'    8  ? 
primary 'Zhou, Y.'  9  ? 
primary 'Ding, K.'  10 ? 
primary 'Xu, Y.'    11 ? 
# 
_cell.angle_alpha                  90.000 
_cell.angle_alpha_esd              ? 
_cell.angle_beta                   97.230 
_cell.angle_beta_esd               ? 
_cell.angle_gamma                  90.000 
_cell.angle_gamma_esd              ? 
_cell.entry_id                     5CQT 
_cell.details                      ? 
_cell.formula_units_Z              ? 
_cell.length_a                     29.840 
_cell.length_a_esd                 ? 
_cell.length_b                     45.520 
_cell.length_b_esd                 ? 
_cell.length_c                     47.150 
_cell.length_c_esd                 ? 
_cell.volume                       ? 
_cell.volume_esd                   ? 
_cell.Z_PDB                        2 
_cell.reciprocal_angle_alpha       ? 
_cell.reciprocal_angle_beta        ? 
_cell.reciprocal_angle_gamma       ? 
_cell.reciprocal_angle_alpha_esd   ? 
_cell.reciprocal_angle_beta_esd    ? 
_cell.reciprocal_angle_gamma_esd   ? 
_cell.reciprocal_length_a          ? 
_cell.reciprocal_length_b          ? 
_cell.reciprocal_length_c          ? 
_cell.reciprocal_length_a_esd      ? 
_cell.reciprocal_length_b_esd      ? 
_cell.reciprocal_length_c_esd      ? 
_cell.pdbx_unique_axis             ? 
# 
_symmetry.entry_id                         5CQT 
_symmetry.cell_setting                     ? 
_symmetry.Int_Tables_number                4 
_symmetry.space_group_name_Hall            ? 
_symmetry.space_group_name_H-M             'P 1 21 1' 
_symmetry.pdbx_full_space_group_name_H-M   ? 
# 
loop_
_entity.id 
_entity.type 
_entity.src_method 
_entity.pdbx_description 
_entity.formula_weight 
_entity.pdbx_number_of_molecules 
_entity.pdbx_ec 
_entity.pdbx_mutation 
_entity.pdbx_fragment 
_entity.details 
1 polymer     man 'Bromodomain-containing protein 4'                                    16767.326 1   ? ? 
'N-TERMINAL BROMODOMAIN, RESIDUES 44-168' ? 
2 non-polymer syn 'N-cyclohexyl-1-ethyl-2-oxo-1,2-dihydrobenzo[cd]indole-6-sulfonamide' 358.455   1   ? ? ? ? 
3 water       nat water                                                                 18.015    117 ? ? ? ? 
# 
_entity_name_com.entity_id   1 
_entity_name_com.name        'Protein HUNK1' 
# 
_entity_poly.entity_id                      1 
_entity_poly.type                           'polypeptide(L)' 
_entity_poly.nstd_linkage                   no 
_entity_poly.nstd_monomer                   no 
_entity_poly.pdbx_seq_one_letter_code       
;MKKGHHHHHHLVPRGSNPPPPETSNPNKPKRQTNQLQYLLRVVLKTLWKHQFAWPFQQPVDAVKLNLPDYYKIIKTPMDM
GTIKKRLENNYYWNAQECIQDFNTMFTNCYIYNKPGDDIVLMAEALEKLFLQKINELPTEE
;
_entity_poly.pdbx_seq_one_letter_code_can   
;MKKGHHHHHHLVPRGSNPPPPETSNPNKPKRQTNQLQYLLRVVLKTLWKHQFAWPFQQPVDAVKLNLPDYYKIIKTPMDM
GTIKKRLENNYYWNAQECIQDFNTMFTNCYIYNKPGDDIVLMAEALEKLFLQKINELPTEE
;
_entity_poly.pdbx_strand_id                 A 
_entity_poly.pdbx_target_identifier         ? 
# 
loop_
_entity_poly_seq.entity_id 
_entity_poly_seq.num 
_entity_poly_seq.mon_id 
_entity_poly_seq.hetero 
1 1   MET n 
1 2   LYS n 
1 3   LYS n 
1 4   GLY n 
1 5   HIS n 
1 6   HIS n 
1 7   HIS n 
1 8   HIS n 
1 9   HIS n 
1 10  HIS n 
1 11  LEU n 
1 12  VAL n 
1 13  PRO n 
1 14  ARG n 
1 15  GLY n 
1 16  SER n 
1 17  ASN n 
1 18  PRO n 
1 19  PRO n 
1 20  PRO n 
1 21  PRO n 
1 22  GLU n 
1 23  THR n 
1 24  SER n 
1 25  ASN n 
1 26  PRO n 
1 27  ASN n 
1 28  LYS n 
1 29  PRO n 
1 30  LYS n 
1 31  ARG n 
1 32  GLN n 
1 33  THR n 
1 34  ASN n 
1 35  GLN n 
1 36  LEU n 
1 37  GLN n 
1 38  TYR n 
1 39  LEU n 
1 40  LEU n 
1 41  ARG n 
1 42  VAL n 
1 43  VAL n 
1 44  LEU n 
1 45  LYS n 
1 46  THR n 
1 47  LEU n 
1 48  TRP n 
1 49  LYS n 
1 50  HIS n 
1 51  GLN n 
1 52  PHE n 
1 53  ALA n 
1 54  TRP n 
1 55  PRO n 
1 56  PHE n 
1 57  GLN n 
1 58  GLN n 
1 59  PRO n 
1 60  VAL n 
1 61  ASP n 
1 62  ALA n 
1 63  VAL n 
1 64  LYS n 
1 65  LEU n 
1 66  ASN n 
1 67  LEU n 
1 68  PRO n 
1 69  ASP n 
1 70  TYR n 
1 71  TYR n 
1 72  LYS n 
1 73  ILE n 
1 74  ILE n 
1 75  LYS n 
1 76  THR n 
1 77  PRO n 
1 78  MET n 
1 79  ASP n 
1 80  MET n 
1 81  GLY n 
1 82  THR n 
1 83  ILE n 
1 84  LYS n 
1 85  LYS n 
1 86  ARG n 
1 87  LEU n 
1 88  GLU n 
1 89  ASN n 
1 90  ASN n 
1 91  TYR n 
1 92  TYR n 
1 93  TRP n 
1 94  ASN n 
1 95  ALA n 
1 96  GLN n 
1 97  GLU n 
1 98  CYS n 
1 99  ILE n 
1 100 GLN n 
1 101 ASP n 
1 102 PHE n 
1 103 ASN n 
1 104 THR n 
1 105 MET n 
1 106 PHE n 
1 107 THR n 
1 108 ASN n 
1 109 CYS n 
1 110 TYR n 
1 111 ILE n 
1 112 TYR n 
1 113 ASN n 
1 114 LYS n 
1 115 PRO n 
1 116 GLY n 
1 117 ASP n 
1 118 ASP n 
1 119 ILE n 
1 120 VAL n 
1 121 LEU n 
1 122 MET n 
1 123 ALA n 
1 124 GLU n 
1 125 ALA n 
1 126 LEU n 
1 127 GLU n 
1 128 LYS n 
1 129 LEU n 
1 130 PHE n 
1 131 LEU n 
1 132 GLN n 
1 133 LYS n 
1 134 ILE n 
1 135 ASN n 
1 136 GLU n 
1 137 LEU n 
1 138 PRO n 
1 139 THR n 
1 140 GLU n 
1 141 GLU n 
# 
_entity_src_gen.entity_id                          1 
_entity_src_gen.pdbx_src_id                        1 
_entity_src_gen.pdbx_alt_source_flag               sample 
_entity_src_gen.pdbx_seq_type                      'Biological sequence' 
_entity_src_gen.pdbx_beg_seq_num                   1 
_entity_src_gen.pdbx_end_seq_num                   141 
_entity_src_gen.gene_src_common_name               Human 
_entity_src_gen.gene_src_genus                     ? 
_entity_src_gen.pdbx_gene_src_gene                 'BRD4, HUNK1' 
_entity_src_gen.gene_src_species                   ? 
_entity_src_gen.gene_src_strain                    ? 
_entity_src_gen.gene_src_tissue                    ? 
_entity_src_gen.gene_src_tissue_fraction           ? 
_entity_src_gen.gene_src_details                   ? 
_entity_src_gen.pdbx_gene_src_fragment             ? 
_entity_src_gen.pdbx_gene_src_scientific_name      'Homo sapiens' 
_entity_src_gen.pdbx_gene_src_ncbi_taxonomy_id     9606 
_entity_src_gen.pdbx_gene_src_variant              ? 
_entity_src_gen.pdbx_gene_src_cell_line            ? 
_entity_src_gen.pdbx_gene_src_atcc                 ? 
_entity_src_gen.pdbx_gene_src_organ                ? 
_entity_src_gen.pdbx_gene_src_organelle            ? 
_entity_src_gen.pdbx_gene_src_cell                 ? 
_entity_src_gen.pdbx_gene_src_cellular_location    ? 
_entity_src_gen.host_org_common_name               ? 
_entity_src_gen.pdbx_host_org_scientific_name      'Escherichia coli BL21(DE3)' 
_entity_src_gen.pdbx_host_org_ncbi_taxonomy_id     469008 
_entity_src_gen.host_org_genus                     ? 
_entity_src_gen.pdbx_host_org_gene                 ? 
_entity_src_gen.pdbx_host_org_organ                ? 
_entity_src_gen.host_org_species                   ? 
_entity_src_gen.pdbx_host_org_tissue               ? 
_entity_src_gen.pdbx_host_org_tissue_fraction      ? 
_entity_src_gen.pdbx_host_org_strain               'BL21(DE3)' 
_entity_src_gen.pdbx_host_org_variant              ? 
_entity_src_gen.pdbx_host_org_cell_line            ? 
_entity_src_gen.pdbx_host_org_atcc                 ? 
_entity_src_gen.pdbx_host_org_culture_collection   ? 
_entity_src_gen.pdbx_host_org_cell                 ? 
_entity_src_gen.pdbx_host_org_organelle            ? 
_entity_src_gen.pdbx_host_org_cellular_location    ? 
_entity_src_gen.pdbx_host_org_vector_type          plasmid 
_entity_src_gen.pdbx_host_org_vector               ? 
_entity_src_gen.host_org_details                   ? 
_entity_src_gen.expression_system_id               ? 
_entity_src_gen.plasmid_name                       pET24a 
_entity_src_gen.plasmid_details                    ? 
_entity_src_gen.pdbx_description                   ? 
# 
_struct_ref.id                         1 
_struct_ref.db_name                    UNP 
_struct_ref.db_code                    BRD4_HUMAN 
_struct_ref.pdbx_db_accession          O60885 
_struct_ref.pdbx_db_isoform            ? 
_struct_ref.entity_id                  1 
_struct_ref.pdbx_seq_one_letter_code   
;NPPPPETSNPNKPKRQTNQLQYLLRVVLKTLWKHQFAWPFQQPVDAVKLNLPDYYKIIKTPMDMGTIKKRLENNYYWNAQ
ECIQDFNTMFTNCYIYNKPGDDIVLMAEALEKLFLQKINELPTEE
;
_struct_ref.pdbx_align_begin           44 
# 
_struct_ref_seq.align_id                      1 
_struct_ref_seq.ref_id                        1 
_struct_ref_seq.pdbx_PDB_id_code              5CQT 
_struct_ref_seq.pdbx_strand_id                A 
_struct_ref_seq.seq_align_beg                 17 
_struct_ref_seq.pdbx_seq_align_beg_ins_code   ? 
_struct_ref_seq.seq_align_end                 141 
_struct_ref_seq.pdbx_seq_align_end_ins_code   ? 
_struct_ref_seq.pdbx_db_accession             O60885 
_struct_ref_seq.db_align_beg                  44 
_struct_ref_seq.pdbx_db_align_beg_ins_code    ? 
_struct_ref_seq.db_align_end                  168 
_struct_ref_seq.pdbx_db_align_end_ins_code    ? 
_struct_ref_seq.pdbx_auth_seq_align_beg       44 
_struct_ref_seq.pdbx_auth_seq_align_end       168 
# 
loop_
_struct_ref_seq_dif.align_id 
_struct_ref_seq_dif.pdbx_pdb_id_code 
_struct_ref_seq_dif.mon_id 
_struct_ref_seq_dif.pdbx_pdb_strand_id 
_struct_ref_seq_dif.seq_num 
_struct_ref_seq_dif.pdbx_pdb_ins_code 
_struct_ref_seq_dif.pdbx_seq_db_name 
_struct_ref_seq_dif.pdbx_seq_db_accession_code 
_struct_ref_seq_dif.db_mon_id 
_struct_ref_seq_dif.pdbx_seq_db_seq_num 
_struct_ref_seq_dif.details 
_struct_ref_seq_dif.pdbx_auth_seq_num 
_struct_ref_seq_dif.pdbx_ordinal 
1 5CQT MET A 1  ? UNP O60885 ? ? 'initiating methionine' 28 1  
1 5CQT LYS A 2  ? UNP O60885 ? ? 'expression tag'        29 2  
1 5CQT LYS A 3  ? UNP O60885 ? ? 'expression tag'        30 3  
1 5CQT GLY A 4  ? UNP O60885 ? ? 'expression tag'        31 4  
1 5CQT HIS A 5  ? UNP O60885 ? ? 'expression tag'        32 5  
1 5CQT HIS A 6  ? UNP O60885 ? ? 'expression tag'        33 6  
1 5CQT HIS A 7  ? UNP O60885 ? ? 'expression tag'        34 7  
1 5CQT HIS A 8  ? UNP O60885 ? ? 'expression tag'        35 8  
1 5CQT HIS A 9  ? UNP O60885 ? ? 'expression tag'        36 9  
1 5CQT HIS A 10 ? UNP O60885 ? ? 'expression tag'        37 10 
1 5CQT LEU A 11 ? UNP O60885 ? ? 'expression tag'        38 11 
1 5CQT VAL A 12 ? UNP O60885 ? ? 'expression tag'        39 12 
1 5CQT PRO A 13 ? UNP O60885 ? ? 'expression tag'        40 13 
1 5CQT ARG A 14 ? UNP O60885 ? ? 'expression tag'        41 14 
1 5CQT GLY A 15 ? UNP O60885 ? ? 'expression tag'        42 15 
1 5CQT SER A 16 ? UNP O60885 ? ? 'expression tag'        43 16 
# 
loop_
_chem_comp.id 
_chem_comp.type 
_chem_comp.mon_nstd_flag 
_chem_comp.name 
_chem_comp.pdbx_synonyms 
_chem_comp.formula 
_chem_comp.formula_weight 
ALA 'L-peptide linking' y ALANINE                                                               ? 'C3 H7 N O2'      89.093  
ARG 'L-peptide linking' y ARGININE                                                              ? 'C6 H15 N4 O2 1'  175.209 
ASN 'L-peptide linking' y ASPARAGINE                                                            ? 'C4 H8 N2 O3'     132.118 
ASP 'L-peptide linking' y 'ASPARTIC ACID'                                                       ? 'C4 H7 N O4'      133.103 
CYS 'L-peptide linking' y CYSTEINE                                                              ? 'C3 H7 N O2 S'    121.158 
EB3 non-polymer         . 'N-cyclohexyl-1-ethyl-2-oxo-1,2-dihydrobenzo[cd]indole-6-sulfonamide' ? 'C19 H22 N2 O3 S' 358.455 
GLN 'L-peptide linking' y GLUTAMINE                                                             ? 'C5 H10 N2 O3'    146.144 
GLU 'L-peptide linking' y 'GLUTAMIC ACID'                                                       ? 'C5 H9 N O4'      147.129 
GLY 'peptide linking'   y GLYCINE                                                               ? 'C2 H5 N O2'      75.067  
HIS 'L-peptide linking' y HISTIDINE                                                             ? 'C6 H10 N3 O2 1'  156.162 
HOH non-polymer         . WATER                                                                 ? 'H2 O'            18.015  
ILE 'L-peptide linking' y ISOLEUCINE                                                            ? 'C6 H13 N O2'     131.173 
LEU 'L-peptide linking' y LEUCINE                                                               ? 'C6 H13 N O2'     131.173 
LYS 'L-peptide linking' y LYSINE                                                                ? 'C6 H15 N2 O2 1'  147.195 
MET 'L-peptide linking' y METHIONINE                                                            ? 'C5 H11 N O2 S'   149.211 
PHE 'L-peptide linking' y PHENYLALANINE                                                         ? 'C9 H11 N O2'     165.189 
PRO 'L-peptide linking' y PROLINE                                                               ? 'C5 H9 N O2'      115.130 
SER 'L-peptide linking' y SERINE                                                                ? 'C3 H7 N O3'      105.093 
THR 'L-peptide linking' y THREONINE                                                             ? 'C4 H9 N O3'      119.119 
TRP 'L-peptide linking' y TRYPTOPHAN                                                            ? 'C11 H12 N2 O2'   204.225 
TYR 'L-peptide linking' y TYROSINE                                                              ? 'C9 H11 N O3'     181.189 
VAL 'L-peptide linking' y VALINE                                                                ? 'C5 H11 N O2'     117.146 
# 
_exptl.absorpt_coefficient_mu     ? 
_exptl.absorpt_correction_T_max   ? 
_exptl.absorpt_correction_T_min   ? 
_exptl.absorpt_correction_type    ? 
_exptl.absorpt_process_details    ? 
_exptl.entry_id                   5CQT 
_exptl.crystals_number            1 
_exptl.details                    ? 
_exptl.method                     'X-RAY DIFFRACTION' 
_exptl.method_details             ? 
# 
_exptl_crystal.colour                      ? 
_exptl_crystal.density_diffrn              ? 
_exptl_crystal.density_Matthews            1.89 
_exptl_crystal.density_method              ? 
_exptl_crystal.density_percent_sol         35.08 
_exptl_crystal.description                 ? 
_exptl_crystal.F_000                       ? 
_exptl_crystal.id                          1 
_exptl_crystal.preparation                 ? 
_exptl_crystal.size_max                    ? 
_exptl_crystal.size_mid                    ? 
_exptl_crystal.size_min                    ? 
_exptl_crystal.size_rad                    ? 
_exptl_crystal.colour_lustre               ? 
_exptl_crystal.colour_modifier             ? 
_exptl_crystal.colour_primary              ? 
_exptl_crystal.density_meas                ? 
_exptl_crystal.density_meas_esd            ? 
_exptl_crystal.density_meas_gt             ? 
_exptl_crystal.density_meas_lt             ? 
_exptl_crystal.density_meas_temp           ? 
_exptl_crystal.density_meas_temp_esd       ? 
_exptl_crystal.density_meas_temp_gt        ? 
_exptl_crystal.density_meas_temp_lt        ? 
_exptl_crystal.pdbx_crystal_image_url      ? 
_exptl_crystal.pdbx_crystal_image_format   ? 
_exptl_crystal.pdbx_mosaicity              ? 
_exptl_crystal.pdbx_mosaicity_esd          ? 
# 
_exptl_crystal_grow.apparatus       ? 
_exptl_crystal_grow.atmosphere      ? 
_exptl_crystal_grow.crystal_id      1 
_exptl_crystal_grow.details         ? 
_exptl_crystal_grow.method          'VAPOR DIFFUSION, SITTING DROP' 
_exptl_crystal_grow.method_ref      ? 
_exptl_crystal_grow.pH              7.5 
_exptl_crystal_grow.pressure        ? 
_exptl_crystal_grow.pressure_esd    ? 
_exptl_crystal_grow.seeding         ? 
_exptl_crystal_grow.seeding_ref     ? 
_exptl_crystal_grow.temp            277 
_exptl_crystal_grow.temp_details    ? 
_exptl_crystal_grow.temp_esd        ? 
_exptl_crystal_grow.time            ? 
_exptl_crystal_grow.pdbx_details    '20% PEG3350, 0.2M NaNO3, 0.1M HEPES, 10% EtGhly, pH 7.5' 
_exptl_crystal_grow.pdbx_pH_range   ? 
# 
_diffrn.ambient_environment    ? 
_diffrn.ambient_temp           100 
_diffrn.ambient_temp_details   ? 
_diffrn.ambient_temp_esd       ? 
_diffrn.crystal_id             1 
_diffrn.crystal_support        ? 
_diffrn.crystal_treatment      ? 
_diffrn.details                ? 
_diffrn.id                     1 
_diffrn.ambient_pressure       ? 
_diffrn.ambient_pressure_esd   ? 
_diffrn.ambient_pressure_gt    ? 
_diffrn.ambient_pressure_lt    ? 
_diffrn.ambient_temp_gt        ? 
_diffrn.ambient_temp_lt        ? 
# 
_diffrn_detector.details                      ? 
_diffrn_detector.detector                     PIXEL 
_diffrn_detector.diffrn_id                    1 
_diffrn_detector.type                         'PSI PILATUS 6M' 
_diffrn_detector.area_resol_mean              ? 
_diffrn_detector.dtime                        ? 
_diffrn_detector.pdbx_frames_total            ? 
_diffrn_detector.pdbx_collection_time_total   ? 
_diffrn_detector.pdbx_collection_date         2015-03-27 
# 
_diffrn_radiation.collimation                      ? 
_diffrn_radiation.diffrn_id                        1 
_diffrn_radiation.filter_edge                      ? 
_diffrn_radiation.inhomogeneity                    ? 
_diffrn_radiation.monochromator                    ? 
_diffrn_radiation.polarisn_norm                    ? 
_diffrn_radiation.polarisn_ratio                   ? 
_diffrn_radiation.probe                            ? 
_diffrn_radiation.type                             ? 
_diffrn_radiation.xray_symbol                      ? 
_diffrn_radiation.wavelength_id                    1 
_diffrn_radiation.pdbx_monochromatic_or_laue_m_l   M 
_diffrn_radiation.pdbx_wavelength_list             ? 
_diffrn_radiation.pdbx_wavelength                  ? 
_diffrn_radiation.pdbx_diffrn_protocol             'SINGLE WAVELENGTH' 
_diffrn_radiation.pdbx_analyzer                    ? 
_diffrn_radiation.pdbx_scattering_type             x-ray 
# 
_diffrn_radiation_wavelength.id           1 
_diffrn_radiation_wavelength.wavelength   0.97776 
_diffrn_radiation_wavelength.wt           1.0 
# 
_diffrn_source.current                     ? 
_diffrn_source.details                     ? 
_diffrn_source.diffrn_id                   1 
_diffrn_source.power                       ? 
_diffrn_source.size                        ? 
_diffrn_source.source                      SYNCHROTRON 
_diffrn_source.target                      ? 
_diffrn_source.type                        OTHER 
_diffrn_source.voltage                     ? 
_diffrn_source.take-off_angle              ? 
_diffrn_source.pdbx_wavelength_list        0.97776 
_diffrn_source.pdbx_wavelength             ? 
_diffrn_source.pdbx_synchrotron_beamline   ? 
_diffrn_source.pdbx_synchrotron_site       ? 
# 
_reflns.B_iso_Wilson_estimate            ? 
_reflns.entry_id                         5CQT 
_reflns.data_reduction_details           ? 
_reflns.data_reduction_method            ? 
_reflns.d_resolution_high                1.600 
_reflns.d_resolution_low                 46.770 
_reflns.details                          ? 
_reflns.limit_h_max                      ? 
_reflns.limit_h_min                      ? 
_reflns.limit_k_max                      ? 
_reflns.limit_k_min                      ? 
_reflns.limit_l_max                      ? 
_reflns.limit_l_min                      ? 
_reflns.number_all                       ? 
_reflns.number_obs                       15753 
_reflns.observed_criterion               ? 
_reflns.observed_criterion_F_max         ? 
_reflns.observed_criterion_F_min         ? 
_reflns.observed_criterion_I_max         ? 
_reflns.observed_criterion_I_min         ? 
_reflns.observed_criterion_sigma_F       ? 
_reflns.observed_criterion_sigma_I       ? 
_reflns.percent_possible_obs             94.700 
_reflns.R_free_details                   ? 
_reflns.Rmerge_F_all                     ? 
_reflns.Rmerge_F_obs                     ? 
_reflns.Friedel_coverage                 ? 
_reflns.number_gt                        ? 
_reflns.threshold_expression             ? 
_reflns.pdbx_redundancy                  5.600 
_reflns.pdbx_Rmerge_I_obs                0.072 
_reflns.pdbx_Rmerge_I_all                ? 
_reflns.pdbx_Rsym_value                  ? 
_reflns.pdbx_netI_over_av_sigmaI         ? 
_reflns.pdbx_netI_over_sigmaI            12.600 
_reflns.pdbx_res_netI_over_av_sigmaI_2   ? 
_reflns.pdbx_res_netI_over_sigmaI_2      ? 
_reflns.pdbx_chi_squared                 ? 
_reflns.pdbx_scaling_rejects             62 
_reflns.pdbx_d_res_high_opt              ? 
_reflns.pdbx_d_res_low_opt               ? 
_reflns.pdbx_d_res_opt_method            ? 
_reflns.phase_calculation_details        ? 
_reflns.pdbx_Rrim_I_all                  ? 
_reflns.pdbx_Rpim_I_all                  0.033 
_reflns.pdbx_d_opt                       ? 
_reflns.pdbx_number_measured_all         87849 
_reflns.pdbx_diffrn_id                   1 
_reflns.pdbx_ordinal                     1 
_reflns.pdbx_CC_half                     0.997 
_reflns.pdbx_R_split                     ? 
# 
loop_
_reflns_shell.d_res_high 
_reflns_shell.d_res_low 
_reflns_shell.meanI_over_sigI_all 
_reflns_shell.meanI_over_sigI_obs 
_reflns_shell.number_measured_all 
_reflns_shell.number_measured_obs 
_reflns_shell.number_possible 
_reflns_shell.number_unique_all 
_reflns_shell.number_unique_obs 
_reflns_shell.percent_possible_all 
_reflns_shell.percent_possible_obs 
_reflns_shell.Rmerge_F_all 
_reflns_shell.Rmerge_F_obs 
_reflns_shell.Rmerge_I_all 
_reflns_shell.Rmerge_I_obs 
_reflns_shell.meanI_over_sigI_gt 
_reflns_shell.meanI_over_uI_all 
_reflns_shell.meanI_over_uI_gt 
_reflns_shell.number_measured_gt 
_reflns_shell.number_unique_gt 
_reflns_shell.percent_possible_gt 
_reflns_shell.Rmerge_F_gt 
_reflns_shell.Rmerge_I_gt 
_reflns_shell.pdbx_redundancy 
_reflns_shell.pdbx_Rsym_value 
_reflns_shell.pdbx_chi_squared 
_reflns_shell.pdbx_netI_over_sigmaI_all 
_reflns_shell.pdbx_netI_over_sigmaI_obs 
_reflns_shell.pdbx_Rrim_I_all 
_reflns_shell.pdbx_Rpim_I_all 
_reflns_shell.pdbx_rejects 
_reflns_shell.pdbx_ordinal 
_reflns_shell.pdbx_diffrn_id 
_reflns_shell.pdbx_CC_half 
_reflns_shell.pdbx_R_split 
1.600 1.630  ? 4.200  4615 ? ? 788 ? 95.800 ? ? ? ? 0.276 ? ? ? ? ? ? ? ? 5.900 ? ? ? ? ? 0.122 0 1 1 0.962 ? 
8.760 46.770 ? 24.700 703  ? ? 113 ? 99.500 ? ? ? ? 0.056 ? ? ? ? ? ? ? ? 6.200 ? ? ? ? ? 0.023 0 2 1 0.997 ? 
# 
_refine.aniso_B[1][1]                            -0.7500 
_refine.aniso_B[1][2]                            -0.0000 
_refine.aniso_B[1][3]                            1.0000 
_refine.aniso_B[2][2]                            -0.5700 
_refine.aniso_B[2][3]                            -0.0000 
_refine.aniso_B[3][3]                            1.0300 
_refine.B_iso_max                                48.610 
_refine.B_iso_mean                               16.1640 
_refine.B_iso_min                                8.070 
_refine.correlation_coeff_Fo_to_Fc               0.9610 
_refine.correlation_coeff_Fo_to_Fc_free          0.9530 
_refine.details                                  
'HYDROGENS HAVE BEEN ADDED IN THE RIDING POSITIONS U VALUES      : REFINED INDIVIDUALLY' 
_refine.diff_density_max                         ? 
_refine.diff_density_max_esd                     ? 
_refine.diff_density_min                         ? 
_refine.diff_density_min_esd                     ? 
_refine.diff_density_rms                         ? 
_refine.diff_density_rms_esd                     ? 
_refine.entry_id                                 5CQT 
_refine.pdbx_refine_id                           'X-RAY DIFFRACTION' 
_refine.ls_abs_structure_details                 ? 
_refine.ls_abs_structure_Flack                   ? 
_refine.ls_abs_structure_Flack_esd               ? 
_refine.ls_abs_structure_Rogers                  ? 
_refine.ls_abs_structure_Rogers_esd              ? 
_refine.ls_d_res_high                            1.6000 
_refine.ls_d_res_low                             46.7700 
_refine.ls_extinction_coef                       ? 
_refine.ls_extinction_coef_esd                   ? 
_refine.ls_extinction_expression                 ? 
_refine.ls_extinction_method                     ? 
_refine.ls_goodness_of_fit_all                   ? 
_refine.ls_goodness_of_fit_all_esd               ? 
_refine.ls_goodness_of_fit_obs                   ? 
_refine.ls_goodness_of_fit_obs_esd               ? 
_refine.ls_hydrogen_treatment                    ? 
_refine.ls_matrix_type                           ? 
_refine.ls_number_constraints                    ? 
_refine.ls_number_parameters                     ? 
_refine.ls_number_reflns_all                     ? 
_refine.ls_number_reflns_obs                     14984 
_refine.ls_number_reflns_R_free                  757 
_refine.ls_number_reflns_R_work                  ? 
_refine.ls_number_restraints                     ? 
_refine.ls_percent_reflns_obs                    94.4300 
_refine.ls_percent_reflns_R_free                 4.8000 
_refine.ls_R_factor_all                          ? 
_refine.ls_R_factor_obs                          0.1679 
_refine.ls_R_factor_R_free                       0.1913 
_refine.ls_R_factor_R_free_error                 ? 
_refine.ls_R_factor_R_free_error_details         ? 
_refine.ls_R_factor_R_work                       0.1666 
_refine.ls_R_Fsqd_factor_obs                     ? 
_refine.ls_R_I_factor_obs                        ? 
_refine.ls_redundancy_reflns_all                 ? 
_refine.ls_redundancy_reflns_obs                 ? 
_refine.ls_restrained_S_all                      ? 
_refine.ls_restrained_S_obs                      ? 
_refine.ls_shift_over_esd_max                    ? 
_refine.ls_shift_over_esd_mean                   ? 
_refine.ls_structure_factor_coef                 ? 
_refine.ls_weighting_details                     ? 
_refine.ls_weighting_scheme                      ? 
_refine.ls_wR_factor_all                         ? 
_refine.ls_wR_factor_obs                         ? 
_refine.ls_wR_factor_R_free                      ? 
_refine.ls_wR_factor_R_work                      ? 
_refine.occupancy_max                            ? 
_refine.occupancy_min                            ? 
_refine.solvent_model_details                    MASK 
_refine.solvent_model_param_bsol                 ? 
_refine.solvent_model_param_ksol                 ? 
_refine.ls_R_factor_gt                           ? 
_refine.ls_goodness_of_fit_gt                    ? 
_refine.ls_goodness_of_fit_ref                   ? 
_refine.ls_shift_over_su_max                     ? 
_refine.ls_shift_over_su_max_lt                  ? 
_refine.ls_shift_over_su_mean                    ? 
_refine.ls_shift_over_su_mean_lt                 ? 
_refine.pdbx_ls_sigma_I                          ? 
_refine.pdbx_ls_sigma_F                          0.000 
_refine.pdbx_ls_sigma_Fsqd                       ? 
_refine.pdbx_data_cutoff_high_absF               ? 
_refine.pdbx_data_cutoff_high_rms_absF           ? 
_refine.pdbx_data_cutoff_low_absF                ? 
_refine.pdbx_isotropic_thermal_model             ? 
_refine.pdbx_ls_cross_valid_method               THROUGHOUT 
_refine.pdbx_method_to_determine_struct          'MOLECULAR REPLACEMENT' 
_refine.pdbx_starting_model                      3MXF 
_refine.pdbx_stereochemistry_target_values       'MAXIMUM LIKELIHOOD' 
_refine.pdbx_R_Free_selection_details            RANDOM 
_refine.pdbx_stereochem_target_val_spec_case     ? 
_refine.pdbx_overall_ESU_R                       0.0970 
_refine.pdbx_overall_ESU_R_Free                  0.0910 
_refine.pdbx_solvent_vdw_probe_radii             1.2000 
_refine.pdbx_solvent_ion_probe_radii             0.8000 
_refine.pdbx_solvent_shrinkage_radii             0.8000 
_refine.pdbx_real_space_R                        ? 
_refine.pdbx_density_correlation                 ? 
_refine.pdbx_pd_number_of_powder_patterns        ? 
_refine.pdbx_pd_number_of_points                 ? 
_refine.pdbx_pd_meas_number_of_points            ? 
_refine.pdbx_pd_proc_ls_prof_R_factor            ? 
_refine.pdbx_pd_proc_ls_prof_wR_factor           ? 
_refine.pdbx_pd_Marquardt_correlation_coeff      ? 
_refine.pdbx_pd_Fsqrd_R_factor                   ? 
_refine.pdbx_pd_ls_matrix_band_width             ? 
_refine.pdbx_overall_phase_error                 ? 
_refine.pdbx_overall_SU_R_free_Cruickshank_DPI   ? 
_refine.pdbx_overall_SU_R_free_Blow_DPI          ? 
_refine.pdbx_overall_SU_R_Blow_DPI               ? 
_refine.pdbx_TLS_residual_ADP_flag               ? 
_refine.pdbx_diffrn_id                           1 
_refine.overall_SU_B                             1.6380 
_refine.overall_SU_ML                            0.0580 
_refine.overall_SU_R_Cruickshank_DPI             ? 
_refine.overall_SU_R_free                        ? 
_refine.overall_FOM_free_R_set                   ? 
_refine.overall_FOM_work_R_set                   ? 
_refine.pdbx_average_fsc_overall                 ? 
_refine.pdbx_average_fsc_work                    ? 
_refine.pdbx_average_fsc_free                    ? 
# 
_refine_hist.cycle_id                         final 
_refine_hist.pdbx_refine_id                   'X-RAY DIFFRACTION' 
_refine_hist.d_res_high                       1.6000 
_refine_hist.d_res_low                        46.7700 
_refine_hist.pdbx_number_atoms_ligand         25 
_refine_hist.number_atoms_solvent             117 
_refine_hist.number_atoms_total               1234 
_refine_hist.pdbx_number_residues_total       131 
_refine_hist.pdbx_B_iso_mean_ligand           12.27 
_refine_hist.pdbx_B_iso_mean_solvent          24.91 
_refine_hist.pdbx_number_atoms_protein        1092 
_refine_hist.pdbx_number_atoms_nucleic_acid   0 
# 
loop_
_refine_ls_restr.pdbx_refine_id 
_refine_ls_restr.criterion 
_refine_ls_restr.dev_ideal 
_refine_ls_restr.dev_ideal_target 
_refine_ls_restr.number 
_refine_ls_restr.rejects 
_refine_ls_restr.type 
_refine_ls_restr.weight 
_refine_ls_restr.pdbx_restraint_function 
'X-RAY DIFFRACTION' ? 0.011  0.020  1153 ? r_bond_refined_d       ? ? 
'X-RAY DIFFRACTION' ? 0.004  0.020  1101 ? r_bond_other_d         ? ? 
'X-RAY DIFFRACTION' ? 1.651  1.993  1574 ? r_angle_refined_deg    ? ? 
'X-RAY DIFFRACTION' ? 1.076  3.007  2544 ? r_angle_other_deg      ? ? 
'X-RAY DIFFRACTION' ? 5.237  5.000  130  ? r_dihedral_angle_1_deg ? ? 
'X-RAY DIFFRACTION' ? 36.595 25.273 55   ? r_dihedral_angle_2_deg ? ? 
'X-RAY DIFFRACTION' ? 13.558 15.000 198  ? r_dihedral_angle_3_deg ? ? 
'X-RAY DIFFRACTION' ? 13.072 15.000 4    ? r_dihedral_angle_4_deg ? ? 
'X-RAY DIFFRACTION' ? 0.102  0.200  165  ? r_chiral_restr         ? ? 
'X-RAY DIFFRACTION' ? 0.008  0.021  1275 ? r_gen_planes_refined   ? ? 
'X-RAY DIFFRACTION' ? 0.002  0.020  263  ? r_gen_planes_other     ? ? 
'X-RAY DIFFRACTION' ? 1.020  1.414  523  ? r_mcbond_it            ? ? 
'X-RAY DIFFRACTION' ? 1.008  1.409  522  ? r_mcbond_other         ? ? 
'X-RAY DIFFRACTION' ? 1.610  2.109  652  ? r_mcangle_it           ? ? 
# 
_refine_ls_shell.pdbx_refine_id                   'X-RAY DIFFRACTION' 
_refine_ls_shell.d_res_high                       1.6000 
_refine_ls_shell.d_res_low                        1.6420 
_refine_ls_shell.number_reflns_all                1181 
_refine_ls_shell.number_reflns_obs                ? 
_refine_ls_shell.number_reflns_R_free             51 
_refine_ls_shell.number_reflns_R_work             1130 
_refine_ls_shell.percent_reflns_obs               96.0900 
_refine_ls_shell.percent_reflns_R_free            ? 
_refine_ls_shell.R_factor_all                     ? 
_refine_ls_shell.R_factor_obs                     ? 
_refine_ls_shell.R_factor_R_free                  0.2280 
_refine_ls_shell.R_factor_R_free_error            ? 
_refine_ls_shell.R_factor_R_work                  0.1860 
_refine_ls_shell.redundancy_reflns_all            ? 
_refine_ls_shell.redundancy_reflns_obs            ? 
_refine_ls_shell.wR_factor_all                    ? 
_refine_ls_shell.wR_factor_obs                    ? 
_refine_ls_shell.wR_factor_R_free                 ? 
_refine_ls_shell.wR_factor_R_work                 ? 
_refine_ls_shell.pdbx_total_number_of_bins_used   20 
_refine_ls_shell.pdbx_phase_error                 ? 
_refine_ls_shell.pdbx_fsc_work                    ? 
_refine_ls_shell.pdbx_fsc_free                    ? 
# 
_struct.entry_id                     5CQT 
_struct.title                        
'Crystal Structure of the first bromodomain of human BRD4 in complex with benzo[cd]indol-2(1H)-one ligand' 
_struct.pdbx_model_details           ? 
_struct.pdbx_formula_weight          ? 
_struct.pdbx_formula_weight_method   ? 
_struct.pdbx_model_type_details      ? 
_struct.pdbx_CASP_flag               ? 
# 
_struct_keywords.entry_id        5CQT 
_struct_keywords.text            
'BRD4, Bromodomain, Four Alpha Helices, BROMODOMAIN BINDING INHIBITOR, SIGNALING PROTEIN-INHIBITOR complex' 
_struct_keywords.pdbx_keywords   'SIGNALING PROTEIN/INHIBITOR' 
# 
loop_
_struct_asym.id 
_struct_asym.pdbx_blank_PDB_chainid_flag 
_struct_asym.pdbx_modified 
_struct_asym.entity_id 
_struct_asym.details 
A N N 1 ? 
B N N 2 ? 
C N N 3 ? 
# 
loop_
_struct_conf.conf_type_id 
_struct_conf.id 
_struct_conf.pdbx_PDB_helix_id 
_struct_conf.beg_label_comp_id 
_struct_conf.beg_label_asym_id 
_struct_conf.beg_label_seq_id 
_struct_conf.pdbx_beg_PDB_ins_code 
_struct_conf.end_label_comp_id 
_struct_conf.end_label_asym_id 
_struct_conf.end_label_seq_id 
_struct_conf.pdbx_end_PDB_ins_code 
_struct_conf.beg_auth_comp_id 
_struct_conf.beg_auth_asym_id 
_struct_conf.beg_auth_seq_id 
_struct_conf.end_auth_comp_id 
_struct_conf.end_auth_asym_id 
_struct_conf.end_auth_seq_id 
_struct_conf.pdbx_PDB_helix_class 
_struct_conf.details 
_struct_conf.pdbx_PDB_helix_length 
HELX_P HELX_P1 AA1 THR A 33  ? VAL A 42  ? THR A 60  VAL A 69  1 ? 10 
HELX_P HELX_P2 AA2 VAL A 42  ? LYS A 49  ? VAL A 69  LYS A 76  1 ? 8  
HELX_P HELX_P3 AA3 ALA A 53  ? GLN A 57  ? ALA A 80  GLN A 84  5 ? 5  
HELX_P HELX_P4 AA4 ASP A 69  ? ILE A 74  ? ASP A 96  ILE A 101 1 ? 6  
HELX_P HELX_P5 AA5 ASP A 79  ? ASN A 89  ? ASP A 106 ASN A 116 1 ? 11 
HELX_P HELX_P6 AA6 ASN A 94  ? ASN A 113 ? ASN A 121 ASN A 140 1 ? 20 
HELX_P HELX_P7 AA7 ASP A 117 ? ASN A 135 ? ASP A 144 ASN A 162 1 ? 19 
# 
_struct_conf_type.id          HELX_P 
_struct_conf_type.criteria    ? 
_struct_conf_type.reference   ? 
# 
_struct_site.id                   AC1 
_struct_site.pdbx_evidence_code   Software 
_struct_site.pdbx_auth_asym_id    A 
_struct_site.pdbx_auth_comp_id    EB3 
_struct_site.pdbx_auth_seq_id     201 
_struct_site.pdbx_auth_ins_code   ? 
_struct_site.pdbx_num_residues    10 
_struct_site.details              'binding site for residue EB3 A 201' 
# 
loop_
_struct_site_gen.id 
_struct_site_gen.site_id 
_struct_site_gen.pdbx_num_res 
_struct_site_gen.label_comp_id 
_struct_site_gen.label_asym_id 
_struct_site_gen.label_seq_id 
_struct_site_gen.pdbx_auth_ins_code 
_struct_site_gen.auth_comp_id 
_struct_site_gen.auth_asym_id 
_struct_site_gen.auth_seq_id 
_struct_site_gen.label_atom_id 
_struct_site_gen.label_alt_id 
_struct_site_gen.symmetry 
_struct_site_gen.details 
1  AC1 10 TRP A 54  ? TRP A 81  . ? 1_555 ? 
2  AC1 10 PRO A 55  ? PRO A 82  . ? 1_555 ? 
3  AC1 10 PHE A 56  ? PHE A 83  . ? 1_555 ? 
4  AC1 10 VAL A 60  ? VAL A 87  . ? 1_555 ? 
5  AC1 10 LEU A 65  ? LEU A 92  . ? 1_555 ? 
6  AC1 10 LEU A 67  ? LEU A 94  . ? 1_555 ? 
7  AC1 10 ASN A 113 ? ASN A 140 . ? 1_555 ? 
8  AC1 10 HOH C .   ? HOH A 302 . ? 1_555 ? 
9  AC1 10 HOH C .   ? HOH A 307 . ? 1_555 ? 
10 AC1 10 HOH C .   ? HOH A 309 . ? 1_555 ? 
# 
_atom_sites.entry_id                    5CQT 
_atom_sites.fract_transf_matrix[1][1]   -0.00496020 
_atom_sites.fract_transf_matrix[1][2]   -0.02304301 
_atom_sites.fract_transf_matrix[1][3]   0.02419796 
_atom_sites.fract_transf_matrix[2][1]   0.01701334 
_atom_sites.fract_transf_matrix[2][2]   -0.01163830 
_atom_sites.fract_transf_matrix[2][3]   -0.00759535 
_atom_sites.fract_transf_matrix[3][1]   0.01265586 
_atom_sites.fract_transf_matrix[3][2]   0.00885415 
_atom_sites.fract_transf_matrix[3][3]   0.01478157 
_atom_sites.fract_transf_vector[1]      0.406580 
_atom_sites.fract_transf_vector[2]      0.033560 
_atom_sites.fract_transf_vector[3]      0.236993 
# 
loop_
_atom_type.symbol 
C 
N 
O 
S 
# 
loop_
_atom_site.group_PDB 
_atom_site.id 
_atom_site.type_symbol 
_atom_site.label_atom_id 
_atom_site.label_alt_id 
_atom_site.label_comp_id 
_atom_site.label_asym_id 
_atom_site.label_entity_id 
_atom_site.label_seq_id 
_atom_site.pdbx_PDB_ins_code 
_atom_site.Cartn_x 
_atom_site.Cartn_y 
_atom_site.Cartn_z 
_atom_site.occupancy 
_atom_site.B_iso_or_equiv 
_atom_site.pdbx_formal_charge 
_atom_site.auth_seq_id 
_atom_site.auth_comp_id 
_atom_site.auth_asym_id 
_atom_site.auth_atom_id 
_atom_site.pdbx_PDB_model_num 
ATOM   1    N N   . HIS A 1 9   ? 26.467  -9.138  -15.095 1.00 36.90 ? 36  HIS A N   1 
ATOM   2    C CA  . HIS A 1 9   ? 25.456  -10.155 -15.515 1.00 33.78 ? 36  HIS A CA  1 
ATOM   3    C C   . HIS A 1 9   ? 24.736  -9.624  -16.778 1.00 32.46 ? 36  HIS A C   1 
ATOM   4    O O   . HIS A 1 9   ? 24.914  -10.144 -17.884 1.00 32.91 ? 36  HIS A O   1 
ATOM   5    C CB  . HIS A 1 9   ? 24.497  -10.394 -14.312 1.00 37.01 ? 36  HIS A CB  1 
ATOM   6    C CG  . HIS A 1 9   ? 23.535  -11.550 -14.451 1.00 37.24 ? 36  HIS A CG  1 
ATOM   7    N ND1 . HIS A 1 9   ? 23.375  -12.498 -13.459 1.00 37.92 ? 36  HIS A ND1 1 
ATOM   8    C CD2 . HIS A 1 9   ? 22.633  -11.864 -15.413 1.00 38.19 ? 36  HIS A CD2 1 
ATOM   9    C CE1 . HIS A 1 9   ? 22.437  -13.359 -13.815 1.00 38.31 ? 36  HIS A CE1 1 
ATOM   10   N NE2 . HIS A 1 9   ? 21.969  -12.996 -14.997 1.00 38.74 ? 36  HIS A NE2 1 
ATOM   11   N N   . HIS A 1 10  ? 23.986  -8.537  -16.612 1.00 26.70 ? 37  HIS A N   1 
ATOM   12   C CA  . HIS A 1 10  ? 23.062  -8.047  -17.628 1.00 24.29 ? 37  HIS A CA  1 
ATOM   13   C C   . HIS A 1 10  ? 23.667  -6.942  -18.465 1.00 22.74 ? 37  HIS A C   1 
ATOM   14   O O   . HIS A 1 10  ? 24.561  -6.220  -18.011 1.00 22.84 ? 37  HIS A O   1 
ATOM   15   C CB  . HIS A 1 10  ? 21.806  -7.518  -16.945 1.00 23.76 ? 37  HIS A CB  1 
ATOM   16   C CG  . HIS A 1 10  ? 21.078  -8.563  -16.171 1.00 23.78 ? 37  HIS A CG  1 
ATOM   17   N ND1 . HIS A 1 10  ? 20.186  -9.441  -16.757 1.00 24.47 ? 37  HIS A ND1 1 
ATOM   18   C CD2 . HIS A 1 10  ? 21.116  -8.883  -14.857 1.00 23.60 ? 37  HIS A CD2 1 
ATOM   19   C CE1 . HIS A 1 10  ? 19.706  -10.255 -15.835 1.00 24.51 ? 37  HIS A CE1 1 
ATOM   20   N NE2 . HIS A 1 10  ? 20.250  -9.935  -14.672 1.00 23.95 ? 37  HIS A NE2 1 
ATOM   21   N N   . LEU A 1 11  ? 23.150  -6.797  -19.682 1.00 20.52 ? 38  LEU A N   1 
ATOM   22   C CA  . LEU A 1 11  ? 23.595  -5.731  -20.609 1.00 18.77 ? 38  LEU A CA  1 
ATOM   23   C C   . LEU A 1 11  ? 22.647  -4.555  -20.720 1.00 18.86 ? 38  LEU A C   1 
ATOM   24   O O   . LEU A 1 11  ? 22.930  -3.552  -21.405 1.00 18.16 ? 38  LEU A O   1 
ATOM   25   C CB  . LEU A 1 11  ? 23.817  -6.339  -22.000 1.00 18.84 ? 38  LEU A CB  1 
ATOM   26   C CG  . LEU A 1 11  ? 24.980  -7.328  -21.986 1.00 18.35 ? 38  LEU A CG  1 
ATOM   27   C CD1 . LEU A 1 11  ? 24.917  -8.283  -23.175 1.00 18.41 ? 38  LEU A CD1 1 
ATOM   28   C CD2 . LEU A 1 11  ? 26.307  -6.584  -21.959 1.00 18.67 ? 38  LEU A CD2 1 
ATOM   29   N N   . VAL A 1 12  ? 21.496  -4.689  -20.086 1.00 15.98 ? 39  VAL A N   1 
ATOM   30   C CA  . VAL A 1 12  ? 20.616  -3.549  -19.888 1.00 16.45 ? 39  VAL A CA  1 
ATOM   31   C C   . VAL A 1 12  ? 20.278  -3.503  -18.397 1.00 14.76 ? 39  VAL A C   1 
ATOM   32   O O   . VAL A 1 12  ? 20.248  -4.554  -17.769 1.00 13.39 ? 39  VAL A O   1 
ATOM   33   C CB  . VAL A 1 12  ? 19.312  -3.632  -20.732 1.00 17.63 ? 39  VAL A CB  1 
ATOM   34   C CG1 . VAL A 1 12  ? 19.639  -3.754  -22.204 1.00 18.90 ? 39  VAL A CG1 1 
ATOM   35   C CG2 . VAL A 1 12  ? 18.386  -4.769  -20.310 1.00 18.07 ? 39  VAL A CG2 1 
ATOM   36   N N   . PRO A 1 13  ? 19.971  -2.303  -17.859 1.00 14.22 ? 40  PRO A N   1 
ATOM   37   C CA  . PRO A 1 13  ? 19.674  -2.231  -16.417 1.00 14.01 ? 40  PRO A CA  1 
ATOM   38   C C   . PRO A 1 13  ? 18.423  -3.009  -16.071 1.00 12.67 ? 40  PRO A C   1 
ATOM   39   O O   . PRO A 1 13  ? 17.391  -2.840  -16.750 1.00 13.91 ? 40  PRO A O   1 
ATOM   40   C CB  . PRO A 1 13  ? 19.462  -0.735  -16.163 1.00 14.75 ? 40  PRO A CB  1 
ATOM   41   C CG  . PRO A 1 13  ? 20.246  -0.068  -17.249 1.00 15.22 ? 40  PRO A CG  1 
ATOM   42   C CD  . PRO A 1 13  ? 20.102  -0.956  -18.447 1.00 15.16 ? 40  PRO A CD  1 
ATOM   43   N N   . ARG A 1 14  ? 18.504  -3.862  -15.052 1.00 11.98 ? 41  ARG A N   1 
ATOM   44   C CA  . ARG A 1 14  ? 17.352  -4.673  -14.608 1.00 12.04 ? 41  ARG A CA  1 
ATOM   45   C C   . ARG A 1 14  ? 16.798  -4.242  -13.234 1.00 12.64 ? 41  ARG A C   1 
ATOM   46   O O   . ARG A 1 14  ? 15.679  -4.647  -12.857 1.00 12.99 ? 41  ARG A O   1 
ATOM   47   C CB  . ARG A 1 14  ? 17.749  -6.148  -14.592 1.00 11.86 ? 41  ARG A CB  1 
ATOM   48   C CG  . ARG A 1 14  ? 18.244  -6.673  -15.941 1.00 11.82 ? 41  ARG A CG  1 
ATOM   49   C CD  . ARG A 1 14  ? 17.284  -6.446  -17.093 1.00 12.07 ? 41  ARG A CD  1 
ATOM   50   N NE  . ARG A 1 14  ? 15.983  -7.086  -16.847 1.00 11.85 ? 41  ARG A NE  1 
ATOM   51   C CZ  . ARG A 1 14  ? 15.648  -8.315  -17.237 1.00 11.31 ? 41  ARG A CZ  1 
ATOM   52   N NH1 . ARG A 1 14  ? 14.440  -8.789  -16.953 1.00 11.05 ? 41  ARG A NH1 1 
ATOM   53   N NH2 . ARG A 1 14  ? 16.500  -9.084  -17.911 1.00 11.52 ? 41  ARG A NH2 1 
ATOM   54   N N   . GLY A 1 15  ? 17.555  -3.411  -12.523 1.00 12.65 ? 42  GLY A N   1 
ATOM   55   C CA  . GLY A 1 15  ? 17.147  -2.902  -11.242 1.00 13.30 ? 42  GLY A CA  1 
ATOM   56   C C   . GLY A 1 15  ? 17.418  -3.876  -10.145 1.00 13.96 ? 42  GLY A C   1 
ATOM   57   O O   . GLY A 1 15  ? 18.018  -4.939  -10.347 1.00 13.11 ? 42  GLY A O   1 
ATOM   58   N N   . SER A 1 16  ? 16.960  -3.476  -8.958  1.00 13.33 ? 43  SER A N   1 
ATOM   59   C CA  . SER A 1 16  ? 17.002  -4.327  -7.780  1.00 13.74 ? 43  SER A CA  1 
ATOM   60   C C   . SER A 1 16  ? 15.973  -3.811  -6.782  1.00 12.27 ? 43  SER A C   1 
ATOM   61   O O   . SER A 1 16  ? 15.396  -2.735  -6.942  1.00 11.62 ? 43  SER A O   1 
ATOM   62   C CB  . SER A 1 16  ? 18.422  -4.414  -7.185  1.00 15.72 ? 43  SER A CB  1 
ATOM   63   O OG  . SER A 1 16  ? 18.781  -3.245  -6.516  1.00 17.88 ? 43  SER A OG  1 
ATOM   64   N N   . ASN A 1 17  ? 15.734  -4.617  -5.770  1.00 11.42 ? 44  ASN A N   1 
ATOM   65   C CA  . ASN A 1 17  ? 14.682  -4.359  -4.802  1.00 11.69 ? 44  ASN A CA  1 
ATOM   66   C C   . ASN A 1 17  ? 15.230  -4.137  -3.415  1.00 11.52 ? 44  ASN A C   1 
ATOM   67   O O   . ASN A 1 17  ? 16.127  -4.854  -3.005  1.00 12.39 ? 44  ASN A O   1 
ATOM   68   C CB  . ASN A 1 17  ? 13.733  -5.542  -4.725  1.00 11.78 ? 44  ASN A CB  1 
ATOM   69   C CG  . ASN A 1 17  ? 13.079  -5.830  -6.058  1.00 12.57 ? 44  ASN A CG  1 
ATOM   70   O OD1 . ASN A 1 17  ? 12.496  -4.937  -6.676  1.00 12.67 ? 44  ASN A OD1 1 
ATOM   71   N ND2 . ASN A 1 17  ? 13.166  -7.057  -6.498  1.00 12.18 ? 44  ASN A ND2 1 
ATOM   72   N N   . PRO A 1 18  ? 14.608  -3.209  -2.683  1.00 12.17 ? 45  PRO A N   1 
ATOM   73   C CA  . PRO A 1 18  ? 14.904  -3.037  -1.272  1.00 11.78 ? 45  PRO A CA  1 
ATOM   74   C C   . PRO A 1 18  ? 14.247  -4.112  -0.462  1.00 12.01 ? 45  PRO A C   1 
ATOM   75   O O   . PRO A 1 18  ? 13.352  -4.803  -0.945  1.00 11.55 ? 45  PRO A O   1 
ATOM   76   C CB  . PRO A 1 18  ? 14.251  -1.697  -0.931  1.00 12.06 ? 45  PRO A CB  1 
ATOM   77   C CG  . PRO A 1 18  ? 13.104  -1.614  -1.854  1.00 12.38 ? 45  PRO A CG  1 
ATOM   78   C CD  . PRO A 1 18  ? 13.583  -2.262  -3.136  1.00 12.50 ? 45  PRO A CD  1 
ATOM   79   N N   . PRO A 1 19  ? 14.652  -4.245  0.813   1.00 12.69 ? 46  PRO A N   1 
ATOM   80   C CA  . PRO A 1 19  ? 13.843  -5.049  1.701   1.00 13.41 ? 46  PRO A CA  1 
ATOM   81   C C   . PRO A 1 19  ? 12.451  -4.466  1.801   1.00 13.34 ? 46  PRO A C   1 
ATOM   82   O O   . PRO A 1 19  ? 12.290  -3.270  1.658   1.00 13.10 ? 46  PRO A O   1 
ATOM   83   C CB  . PRO A 1 19  ? 14.571  -4.929  3.050   1.00 14.21 ? 46  PRO A CB  1 
ATOM   84   C CG  . PRO A 1 19  ? 15.318  -3.667  2.929   1.00 14.52 ? 46  PRO A CG  1 
ATOM   85   C CD  . PRO A 1 19  ? 15.764  -3.585  1.506   1.00 14.11 ? 46  PRO A CD  1 
ATOM   86   N N   . PRO A 1 20  ? 11.453  -5.301  2.073   1.00 13.84 ? 47  PRO A N   1 
ATOM   87   C CA  . PRO A 1 20  ? 10.143  -4.729  2.202   1.00 14.62 ? 47  PRO A CA  1 
ATOM   88   C C   . PRO A 1 20  ? 10.046  -3.796  3.398   1.00 14.49 ? 47  PRO A C   1 
ATOM   89   O O   . PRO A 1 20  ? 10.878  -3.907  4.330   1.00 15.25 ? 47  PRO A O   1 
ATOM   90   C CB  . PRO A 1 20  ? 9.260   -5.937  2.391   1.00 14.96 ? 47  PRO A CB  1 
ATOM   91   C CG  . PRO A 1 20  ? 10.118  -6.882  3.120   1.00 15.31 ? 47  PRO A CG  1 
ATOM   92   C CD  . PRO A 1 20  ? 11.514  -6.667  2.594   1.00 15.15 ? 47  PRO A CD  1 
ATOM   93   N N   . PRO A 1 21  ? 9.057   -2.879  3.390   1.00 14.02 ? 48  PRO A N   1 
ATOM   94   C CA  . PRO A 1 21  ? 8.922   -1.954  4.502   1.00 13.78 ? 48  PRO A CA  1 
ATOM   95   C C   . PRO A 1 21  ? 8.760   -2.682  5.833   1.00 13.90 ? 48  PRO A C   1 
ATOM   96   O O   . PRO A 1 21  ? 8.218   -3.798  5.895   1.00 12.73 ? 48  PRO A O   1 
ATOM   97   C CB  . PRO A 1 21  ? 7.652   -1.170  4.171   1.00 14.31 ? 48  PRO A CB  1 
ATOM   98   C CG  . PRO A 1 21  ? 7.498   -1.309  2.687   1.00 13.98 ? 48  PRO A CG  1 
ATOM   99   C CD  . PRO A 1 21  ? 7.975   -2.694  2.395   1.00 13.78 ? 48  PRO A CD  1 
ATOM   100  N N   . GLU A 1 22  ? 9.230   -2.043  6.896   1.00 14.83 ? 49  GLU A N   1 
ATOM   101  C CA  . GLU A 1 22  ? 9.066   -2.611  8.217   1.00 16.30 ? 49  GLU A CA  1 
ATOM   102  C C   . GLU A 1 22  ? 7.565   -2.677  8.544   1.00 14.33 ? 49  GLU A C   1 
ATOM   103  O O   . GLU A 1 22  ? 6.773   -1.836  8.130   1.00 12.97 ? 49  GLU A O   1 
ATOM   104  C CB  . GLU A 1 22  ? 9.841   -1.810  9.276   1.00 20.73 ? 49  GLU A CB  1 
ATOM   105  C CG  . GLU A 1 22  ? 9.250   -0.469  9.676   1.00 25.05 ? 49  GLU A CG  1 
ATOM   106  C CD  . GLU A 1 22  ? 9.968   0.153   10.882  1.00 29.10 ? 49  GLU A CD  1 
ATOM   107  O OE1 . GLU A 1 22  ? 11.134  -0.234  11.169  1.00 32.76 ? 49  GLU A OE1 1 
ATOM   108  O OE2 . GLU A 1 22  ? 9.375   1.049   11.534  1.00 33.20 ? 49  GLU A OE2 1 
ATOM   109  N N   . THR A 1 23  ? 7.181   -3.711  9.265   1.00 13.81 ? 50  THR A N   1 
ATOM   110  C CA  . THR A 1 23  ? 5.781   -3.906  9.621   1.00 14.57 ? 50  THR A CA  1 
ATOM   111  C C   . THR A 1 23  ? 5.536   -3.991  11.116  1.00 14.68 ? 50  THR A C   1 
ATOM   112  O O   . THR A 1 23  ? 4.389   -4.117  11.523  1.00 14.75 ? 50  THR A O   1 
ATOM   113  C CB  . THR A 1 23  ? 5.252   -5.188  8.982   1.00 14.44 ? 50  THR A CB  1 
ATOM   114  O OG1 . THR A 1 23  ? 6.084   -6.285  9.365   1.00 15.77 ? 50  THR A OG1 1 
ATOM   115  C CG2 . THR A 1 23  ? 5.229   -5.068  7.442   1.00 14.87 ? 50  THR A CG2 1 
ATOM   116  N N   . SER A 1 24  ? 6.579   -3.908  11.939  1.00 16.37 ? 51  SER A N   1 
ATOM   117  C CA  . SER A 1 24  ? 6.357   -3.865  13.382  1.00 19.49 ? 51  SER A CA  1 
ATOM   118  C C   . SER A 1 24  ? 7.292   -2.861  14.006  1.00 20.35 ? 51  SER A C   1 
ATOM   119  O O   . SER A 1 24  ? 8.368   -2.559  13.461  1.00 19.32 ? 51  SER A O   1 
ATOM   120  C CB  . SER A 1 24  ? 6.535   -5.235  14.013  1.00 22.01 ? 51  SER A CB  1 
ATOM   121  O OG  . SER A 1 24  ? 7.868   -5.629  13.917  1.00 24.88 ? 51  SER A OG  1 
ATOM   122  N N   . ASN A 1 25  ? 6.845   -2.333  15.138  1.00 21.48 ? 52  ASN A N   1 
ATOM   123  C CA  . ASN A 1 25  ? 7.615   -1.376  15.893  1.00 23.69 ? 52  ASN A CA  1 
ATOM   124  C C   . ASN A 1 25  ? 7.810   -1.966  17.286  1.00 24.43 ? 52  ASN A C   1 
ATOM   125  O O   . ASN A 1 25  ? 6.882   -1.943  18.081  1.00 24.48 ? 52  ASN A O   1 
ATOM   126  C CB  . ASN A 1 25  ? 6.872   -0.049  15.973  1.00 24.28 ? 52  ASN A CB  1 
ATOM   127  C CG  . ASN A 1 25  ? 7.684   1.028   16.665  1.00 26.07 ? 52  ASN A CG  1 
ATOM   128  O OD1 . ASN A 1 25  ? 8.731   0.759   17.279  1.00 25.22 ? 52  ASN A OD1 1 
ATOM   129  N ND2 . ASN A 1 25  ? 7.221   2.268   16.547  1.00 26.85 ? 52  ASN A ND2 1 
ATOM   130  N N   . PRO A 1 26  ? 9.013   -2.492  17.569  1.00 25.74 ? 53  PRO A N   1 
ATOM   131  C CA  . PRO A 1 26  ? 9.224   -3.159  18.849  1.00 26.54 ? 53  PRO A CA  1 
ATOM   132  C C   . PRO A 1 26  ? 9.232   -2.226  20.069  1.00 25.97 ? 53  PRO A C   1 
ATOM   133  O O   . PRO A 1 26  ? 9.053   -2.715  21.180  1.00 25.59 ? 53  PRO A O   1 
ATOM   134  C CB  . PRO A 1 26  ? 10.588  -3.834  18.669  1.00 27.01 ? 53  PRO A CB  1 
ATOM   135  C CG  . PRO A 1 26  ? 11.317  -2.931  17.750  1.00 27.16 ? 53  PRO A CG  1 
ATOM   136  C CD  . PRO A 1 26  ? 10.269  -2.403  16.795  1.00 27.00 ? 53  PRO A CD  1 
ATOM   137  N N   . ASN A 1 27  ? 9.451   -0.918  19.877  1.00 24.96 ? 54  ASN A N   1 
ATOM   138  C CA  . ASN A 1 27  ? 9.351   0.064   20.977  1.00 23.42 ? 54  ASN A CA  1 
ATOM   139  C C   . ASN A 1 27  ? 7.920   0.542   21.251  1.00 22.59 ? 54  ASN A C   1 
ATOM   140  O O   . ASN A 1 27  ? 7.648   1.146   22.297  1.00 21.44 ? 54  ASN A O   1 
ATOM   141  C CB  . ASN A 1 27  ? 10.235  1.281   20.691  1.00 23.90 ? 54  ASN A CB  1 
ATOM   142  C CG  . ASN A 1 27  ? 11.723  0.963   20.729  1.00 25.78 ? 54  ASN A CG  1 
ATOM   143  O OD1 . ASN A 1 27  ? 12.216  0.345   21.672  1.00 27.35 ? 54  ASN A OD1 1 
ATOM   144  N ND2 . ASN A 1 27  ? 12.452  1.435   19.732  1.00 25.91 ? 54  ASN A ND2 1 
ATOM   145  N N   . LYS A 1 28  ? 6.999   0.308   20.313  1.00 21.86 ? 55  LYS A N   1 
ATOM   146  C CA  . LYS A 1 28  ? 5.662   0.875   20.424  1.00 19.41 ? 55  LYS A CA  1 
ATOM   147  C C   . LYS A 1 28  ? 4.752   0.074   21.336  1.00 21.50 ? 55  LYS A C   1 
ATOM   148  O O   . LYS A 1 28  ? 4.554   -1.136  21.118  1.00 20.16 ? 55  LYS A O   1 
ATOM   149  C CB  . LYS A 1 28  ? 5.005   1.023   19.035  1.00 18.50 ? 55  LYS A CB  1 
ATOM   150  C CG  . LYS A 1 28  ? 3.578   1.506   19.107  1.00 16.75 ? 55  LYS A CG  1 
ATOM   151  C CD  . LYS A 1 28  ? 2.910   1.572   17.746  1.00 16.17 ? 55  LYS A CD  1 
ATOM   152  C CE  . LYS A 1 28  ? 1.448   1.937   17.900  1.00 15.53 ? 55  LYS A CE  1 
ATOM   153  N NZ  . LYS A 1 28  ? 0.649   0.907   18.594  1.00 15.98 ? 55  LYS A NZ  1 
ATOM   154  N N   . PRO A 1 29  ? 4.152   0.735   22.355  1.00 23.81 ? 56  PRO A N   1 
ATOM   155  C CA  . PRO A 1 29  ? 3.222   -0.020  23.197  1.00 24.58 ? 56  PRO A CA  1 
ATOM   156  C C   . PRO A 1 29  ? 1.909   -0.304  22.476  1.00 23.27 ? 56  PRO A C   1 
ATOM   157  O O   . PRO A 1 29  ? 1.523   0.433   21.563  1.00 23.47 ? 56  PRO A O   1 
ATOM   158  C CB  . PRO A 1 29  ? 3.020   0.882   24.428  1.00 25.70 ? 56  PRO A CB  1 
ATOM   159  C CG  . PRO A 1 29  ? 3.368   2.252   23.974  1.00 25.59 ? 56  PRO A CG  1 
ATOM   160  C CD  . PRO A 1 29  ? 4.328   2.127   22.816  1.00 25.16 ? 56  PRO A CD  1 
ATOM   161  N N   . LYS A 1 30  ? 1.252   -1.386  22.872  1.00 24.59 ? 57  LYS A N   1 
ATOM   162  C CA  . LYS A 1 30  ? 0.006   -1.795  22.261  1.00 25.83 ? 57  LYS A CA  1 
ATOM   163  C C   . LYS A 1 30  ? -1.136  -0.860  22.692  1.00 28.00 ? 57  LYS A C   1 
ATOM   164  O O   . LYS A 1 30  ? -1.302  -0.557  23.878  1.00 27.50 ? 57  LYS A O   1 
ATOM   165  C CB  . LYS A 1 30  ? -0.325  -3.249  22.614  1.00 29.28 ? 57  LYS A CB  1 
ATOM   166  C CG  . LYS A 1 30  ? -1.502  -3.824  21.852  1.00 31.67 ? 57  LYS A CG  1 
ATOM   167  C CD  . LYS A 1 30  ? -1.668  -5.318  22.104  1.00 36.17 ? 57  LYS A CD  1 
ATOM   168  C CE  . LYS A 1 30  ? -2.431  -5.972  20.962  1.00 39.41 ? 57  LYS A CE  1 
ATOM   169  N NZ  . LYS A 1 30  ? -3.016  -7.286  21.346  1.00 42.10 ? 57  LYS A NZ  1 
ATOM   170  N N   . ARG A 1 31  ? -1.900  -0.401  21.707  1.00 25.30 ? 58  ARG A N   1 
ATOM   171  C CA  . ARG A 1 31  ? -3.046  0.466   21.890  1.00 27.03 ? 58  ARG A CA  1 
ATOM   172  C C   . ARG A 1 31  ? -3.998  0.104   20.759  1.00 26.93 ? 58  ARG A C   1 
ATOM   173  O O   . ARG A 1 31  ? -3.830  0.558   19.623  1.00 23.97 ? 58  ARG A O   1 
ATOM   174  C CB  . ARG A 1 31  ? -2.631  1.941   21.827  1.00 27.30 ? 58  ARG A CB  1 
ATOM   175  C CG  . ARG A 1 31  ? -3.797  2.922   21.947  1.00 27.87 ? 58  ARG A CG  1 
ATOM   176  C CD  . ARG A 1 31  ? -3.639  4.164   21.091  1.00 28.12 ? 58  ARG A CD  1 
ATOM   177  N NE  . ARG A 1 31  ? -3.071  5.309   21.814  1.00 28.41 ? 58  ARG A NE  1 
ATOM   178  C CZ  . ARG A 1 31  ? -2.757  6.476   21.246  1.00 27.80 ? 58  ARG A CZ  1 
ATOM   179  N NH1 . ARG A 1 31  ? -2.909  6.662   19.933  1.00 29.00 ? 58  ARG A NH1 1 
ATOM   180  N NH2 . ARG A 1 31  ? -2.275  7.465   21.993  1.00 25.34 ? 58  ARG A NH2 1 
ATOM   181  N N   . GLN A 1 32  ? -4.960  -0.753  21.076  1.00 28.39 ? 59  GLN A N   1 
ATOM   182  C CA  . GLN A 1 32  ? -5.987  -1.178  20.122  1.00 29.58 ? 59  GLN A CA  1 
ATOM   183  C C   . GLN A 1 32  ? -7.096  -0.111  20.104  1.00 28.68 ? 59  GLN A C   1 
ATOM   184  O O   . GLN A 1 32  ? -7.336  0.521   21.142  1.00 27.64 ? 59  GLN A O   1 
ATOM   185  C CB  . GLN A 1 32  ? -6.520  -2.546  20.553  1.00 34.20 ? 59  GLN A CB  1 
ATOM   186  C CG  . GLN A 1 32  ? -7.163  -3.375  19.443  1.00 39.33 ? 59  GLN A CG  1 
ATOM   187  C CD  . GLN A 1 32  ? -7.067  -4.883  19.668  1.00 43.64 ? 59  GLN A CD  1 
ATOM   188  O OE1 . GLN A 1 32  ? -8.022  -5.624  19.405  1.00 48.61 ? 59  GLN A OE1 1 
ATOM   189  N NE2 . GLN A 1 32  ? -5.909  -5.348  20.132  1.00 45.21 ? 59  GLN A NE2 1 
ATOM   190  N N   . THR A 1 33  ? -7.709  0.140   18.934  1.00 25.05 ? 60  THR A N   1 
ATOM   191  C CA  . THR A 1 33  ? -8.834  1.102   18.802  1.00 24.27 ? 60  THR A CA  1 
ATOM   192  C C   . THR A 1 33  ? -9.913  0.592   17.850  1.00 23.74 ? 60  THR A C   1 
ATOM   193  O O   . THR A 1 33  ? -9.644  -0.237  16.982  1.00 21.50 ? 60  THR A O   1 
ATOM   194  C CB  . THR A 1 33  ? -8.419  2.524   18.311  1.00 24.90 ? 60  THR A CB  1 
ATOM   195  O OG1 . THR A 1 33  ? -8.302  2.573   16.868  1.00 24.70 ? 60  THR A OG1 1 
ATOM   196  C CG2 . THR A 1 33  ? -7.121  3.011   18.963  1.00 25.49 ? 60  THR A CG2 1 
ATOM   197  N N   . ASN A 1 34  ? -11.130 1.114   18.012  1.00 22.97 ? 61  ASN A N   1 
ATOM   198  C CA  . ASN A 1 34  ? -12.264 0.728   17.160  1.00 23.43 ? 61  ASN A CA  1 
ATOM   199  C C   . ASN A 1 34  ? -12.027 1.010   15.675  1.00 20.38 ? 61  ASN A C   1 
ATOM   200  O O   . ASN A 1 34  ? -12.369 0.182   14.820  1.00 19.13 ? 61  ASN A O   1 
ATOM   201  C CB  . ASN A 1 34  ? -13.563 1.424   17.626  1.00 26.75 ? 61  ASN A CB  1 
ATOM   202  C CG  . ASN A 1 34  ? -14.118 0.823   18.912  1.00 30.51 ? 61  ASN A CG  1 
ATOM   203  O OD1 . ASN A 1 34  ? -13.681 -0.243  19.370  1.00 33.72 ? 61  ASN A OD1 1 
ATOM   204  N ND2 . ASN A 1 34  ? -15.088 1.510   19.507  1.00 33.29 ? 61  ASN A ND2 1 
ATOM   205  N N   . GLN A 1 35  ? -11.438 2.160   15.375  1.00 18.83 ? 62  GLN A N   1 
ATOM   206  C CA  . GLN A 1 35  ? -11.214 2.539   13.982  1.00 18.69 ? 62  GLN A CA  1 
ATOM   207  C C   . GLN A 1 35  ? -10.127 1.681   13.323  1.00 17.06 ? 62  GLN A C   1 
ATOM   208  O O   . GLN A 1 35  ? -10.264 1.310   12.150  1.00 15.73 ? 62  GLN A O   1 
ATOM   209  C CB  . GLN A 1 35  ? -10.870 4.019   13.861  1.00 19.39 ? 62  GLN A CB  1 
ATOM   210  C CG  . GLN A 1 35  ? -12.081 4.922   14.074  1.00 20.61 ? 62  GLN A CG  1 
ATOM   211  C CD  . GLN A 1 35  ? -11.787 6.352   13.763  1.00 21.81 ? 62  GLN A CD  1 
ATOM   212  O OE1 . GLN A 1 35  ? -10.628 6.750   13.621  1.00 23.68 ? 62  GLN A OE1 1 
ATOM   213  N NE2 . GLN A 1 35  ? -12.842 7.158   13.658  1.00 23.60 ? 62  GLN A NE2 1 
ATOM   214  N N   . LEU A 1 36  ? -9.087  1.352   14.085  1.00 16.69 ? 63  LEU A N   1 
ATOM   215  C CA  . LEU A 1 36  ? -8.010  0.474   13.591  1.00 16.87 ? 63  LEU A CA  1 
ATOM   216  C C   . LEU A 1 36  ? -8.533  -0.931  13.310  1.00 16.40 ? 63  LEU A C   1 
ATOM   217  O O   . LEU A 1 36  ? -8.235  -1.513  12.280  1.00 14.97 ? 63  LEU A O   1 
ATOM   218  C CB  . LEU A 1 36  ? -6.825  0.437   14.564  1.00 17.36 ? 63  LEU A CB  1 
ATOM   219  C CG  . LEU A 1 36  ? -5.984  1.722   14.582  1.00 18.65 ? 63  LEU A CG  1 
ATOM   220  C CD1 . LEU A 1 36  ? -4.895  1.600   15.631  1.00 19.15 ? 63  LEU A CD1 1 
ATOM   221  C CD2 . LEU A 1 36  ? -5.400  2.029   13.210  1.00 18.94 ? 63  LEU A CD2 1 
ATOM   222  N N   . GLN A 1 37  ? -9.315  -1.457  14.240  1.00 16.65 ? 64  GLN A N   1 
ATOM   223  C CA  . GLN A 1 37  ? -10.050 -2.697  14.032  1.00 17.90 ? 64  GLN A CA  1 
ATOM   224  C C   . GLN A 1 37  ? -10.917 -2.697  12.786  1.00 15.91 ? 64  GLN A C   1 
ATOM   225  O O   . GLN A 1 37  ? -10.899 -3.668  12.026  1.00 15.98 ? 64  GLN A O   1 
ATOM   226  C CB  . GLN A 1 37  ? -10.917 -3.002  15.252  1.00 20.70 ? 64  GLN A CB  1 
ATOM   227  C CG  . GLN A 1 37  ? -10.150 -3.730  16.341  1.00 24.16 ? 64  GLN A CG  1 
ATOM   228  C CD  . GLN A 1 37  ? -9.698  -5.111  15.868  1.00 26.85 ? 64  GLN A CD  1 
ATOM   229  O OE1 . GLN A 1 37  ? -10.529 -5.983  15.576  1.00 31.08 ? 64  GLN A OE1 1 
ATOM   230  N NE2 . GLN A 1 37  ? -8.382  -5.297  15.739  1.00 29.71 ? 64  GLN A NE2 1 
ATOM   231  N N   . TYR A 1 38  ? -11.688 -1.630  12.596  1.00 14.50 ? 65  TYR A N   1 
ATOM   232  C CA  . TYR A 1 38  ? -12.566 -1.487  11.428  1.00 13.88 ? 65  TYR A CA  1 
ATOM   233  C C   . TYR A 1 38  ? -11.754 -1.411  10.132  1.00 13.62 ? 65  TYR A C   1 
ATOM   234  O O   . TYR A 1 38  ? -12.099 -2.019  9.107   1.00 13.74 ? 65  TYR A O   1 
ATOM   235  C CB  . TYR A 1 38  ? -13.435 -0.234  11.556  1.00 14.71 ? 65  TYR A CB  1 
ATOM   236  C CG  . TYR A 1 38  ? -14.573 -0.194  10.586  1.00 14.54 ? 65  TYR A CG  1 
ATOM   237  C CD1 . TYR A 1 38  ? -14.433 0.382   9.340   1.00 15.02 ? 65  TYR A CD1 1 
ATOM   238  C CD2 . TYR A 1 38  ? -15.818 -0.762  10.922  1.00 15.31 ? 65  TYR A CD2 1 
ATOM   239  C CE1 . TYR A 1 38  ? -15.476 0.419   8.430   1.00 14.84 ? 65  TYR A CE1 1 
ATOM   240  C CE2 . TYR A 1 38  ? -16.865 -0.749  10.034  1.00 15.58 ? 65  TYR A CE2 1 
ATOM   241  C CZ  . TYR A 1 38  ? -16.706 -0.168  8.795   1.00 15.81 ? 65  TYR A CZ  1 
ATOM   242  O OH  . TYR A 1 38  ? -17.753 -0.149  7.921   1.00 16.74 ? 65  TYR A OH  1 
ATOM   243  N N   . LEU A 1 39  ? -10.661 -0.668  10.184  1.00 13.45 ? 66  LEU A N   1 
ATOM   244  C CA  . LEU A 1 39  ? -9.734  -0.637  9.038   1.00 13.49 ? 66  LEU A CA  1 
ATOM   245  C C   . LEU A 1 39  ? -9.214  -2.017  8.623   1.00 13.81 ? 66  LEU A C   1 
ATOM   246  O O   . LEU A 1 39  ? -9.139  -2.334  7.427   1.00 14.11 ? 66  LEU A O   1 
ATOM   247  C CB  . LEU A 1 39  ? -8.561  0.280   9.321   1.00 14.34 ? 66  LEU A CB  1 
ATOM   248  C CG  . LEU A 1 39  ? -8.848  1.765   9.083   1.00 15.50 ? 66  LEU A CG  1 
ATOM   249  C CD1 . LEU A 1 39  ? -7.806  2.645   9.775   1.00 15.63 ? 66  LEU A CD1 1 
ATOM   250  C CD2 . LEU A 1 39  ? -8.945  2.094   7.598   1.00 16.32 ? 66  LEU A CD2 1 
ATOM   251  N N   . LEU A 1 40  ? -8.865  -2.835  9.602   1.00 13.71 ? 67  LEU A N   1 
ATOM   252  C CA  . LEU A 1 40  ? -8.337  -4.170  9.313   1.00 13.41 ? 67  LEU A CA  1 
ATOM   253  C C   . LEU A 1 40  ? -9.453  -5.114  8.857   1.00 14.78 ? 67  LEU A C   1 
ATOM   254  O O   . LEU A 1 40  ? -9.345  -5.782  7.796   1.00 15.59 ? 67  LEU A O   1 
ATOM   255  C CB  . LEU A 1 40  ? -7.640  -4.734  10.553  1.00 13.94 ? 67  LEU A CB  1 
ATOM   256  C CG  . LEU A 1 40  ? -7.009  -6.127  10.367  1.00 13.93 ? 67  LEU A CG  1 
ATOM   257  C CD1 . LEU A 1 40  ? -6.084  -6.180  9.154   1.00 14.98 ? 67  LEU A CD1 1 
ATOM   258  C CD2 . LEU A 1 40  ? -6.306  -6.539  11.645  1.00 14.36 ? 67  LEU A CD2 1 
ATOM   259  N N   . ARG A 1 41  ? -10.524 -5.156  9.642   1.00 15.36 ? 68  ARG A N   1 
ATOM   260  C CA  . ARG A 1 41  ? -11.569 -6.160  9.459   1.00 16.89 ? 68  ARG A CA  1 
ATOM   261  C C   . ARG A 1 41  ? -12.539 -5.872  8.313   1.00 16.09 ? 68  ARG A C   1 
ATOM   262  O O   . ARG A 1 41  ? -13.099 -6.808  7.739   1.00 17.05 ? 68  ARG A O   1 
ATOM   263  C CB  . ARG A 1 41  ? -12.356 -6.367  10.762  1.00 19.48 ? 68  ARG A CB  1 
ATOM   264  C CG  . ARG A 1 41  ? -11.589 -7.150  11.813  1.00 22.97 ? 68  ARG A CG  1 
ATOM   265  C CD  . ARG A 1 41  ? -12.505 -7.694  12.917  1.00 28.18 ? 68  ARG A CD  1 
ATOM   266  N NE  . ARG A 1 41  ? -12.638 -6.762  14.038  1.00 32.87 ? 68  ARG A NE  1 
ATOM   267  C CZ  . ARG A 1 41  ? -13.632 -6.754  14.933  1.00 34.48 ? 68  ARG A CZ  1 
ATOM   268  N NH1 . ARG A 1 41  ? -14.626 -7.638  14.883  1.00 36.11 ? 68  ARG A NH1 1 
ATOM   269  N NH2 . ARG A 1 41  ? -13.628 -5.841  15.895  1.00 36.21 ? 68  ARG A NH2 1 
ATOM   270  N N   . VAL A 1 42  ? -12.759 -4.605  7.991   1.00 14.95 ? 69  VAL A N   1 
ATOM   271  C CA  . VAL A 1 42  ? -13.726 -4.231  6.962   1.00 15.19 ? 69  VAL A CA  1 
ATOM   272  C C   . VAL A 1 42  ? -13.072 -3.530  5.772   1.00 15.91 ? 69  VAL A C   1 
ATOM   273  O O   . VAL A 1 42  ? -13.242 -3.958  4.617   1.00 15.99 ? 69  VAL A O   1 
ATOM   274  C CB  . VAL A 1 42  ? -14.837 -3.328  7.569   1.00 15.87 ? 69  VAL A CB  1 
ATOM   275  C CG1 . VAL A 1 42  ? -15.812 -2.848  6.513   1.00 16.92 ? 69  VAL A CG1 1 
ATOM   276  C CG2 . VAL A 1 42  ? -15.577 -4.055  8.678   1.00 16.31 ? 69  VAL A CG2 1 
ATOM   277  N N   . VAL A 1 43  ? -12.341 -2.445  6.023   1.00 15.42 ? 70  VAL A N   1 
ATOM   278  C CA  . VAL A 1 43  ? -11.856 -1.606  4.910   1.00 15.26 ? 70  VAL A CA  1 
ATOM   279  C C   . VAL A 1 43  ? -10.788 -2.364  4.090   1.00 15.81 ? 70  VAL A C   1 
ATOM   280  O O   . VAL A 1 43  ? -10.932 -2.550  2.881   1.00 14.25 ? 70  VAL A O   1 
ATOM   281  C CB  . VAL A 1 43  ? -11.253 -0.276  5.377   1.00 15.53 ? 70  VAL A CB  1 
ATOM   282  C CG1 . VAL A 1 43  ? -10.740 0.514   4.172   1.00 15.57 ? 70  VAL A CG1 1 
ATOM   283  C CG2 . VAL A 1 43  ? -12.300 0.539   6.148   1.00 15.10 ? 70  VAL A CG2 1 
ATOM   284  N N   . LEU A 1 44  ? -9.729  -2.802  4.752   1.00 15.98 ? 71  LEU A N   1 
ATOM   285  C CA  . LEU A 1 44  ? -8.666  -3.508  4.025   1.00 16.44 ? 71  LEU A CA  1 
ATOM   286  C C   . LEU A 1 44  ? -9.167  -4.802  3.394   1.00 16.04 ? 71  LEU A C   1 
ATOM   287  O O   . LEU A 1 44  ? -8.816  -5.122  2.272   1.00 14.78 ? 71  LEU A O   1 
ATOM   288  C CB  . LEU A 1 44  ? -7.444  -3.745  4.904   1.00 18.16 ? 71  LEU A CB  1 
ATOM   289  C CG  . LEU A 1 44  ? -6.250  -4.326  4.090   1.00 19.49 ? 71  LEU A CG  1 
ATOM   290  C CD1 . LEU A 1 44  ? -4.975  -3.536  4.246   1.00 21.20 ? 71  LEU A CD1 1 
ATOM   291  C CD2 . LEU A 1 44  ? -6.030  -5.793  4.439   1.00 21.04 ? 71  LEU A CD2 1 
ATOM   292  N N   . LYS A 1 45  ? -10.026 -5.520  4.096   1.00 16.15 ? 72  LYS A N   1 
ATOM   293  C CA  . LYS A 1 45  ? -10.540 -6.778  3.584   1.00 17.41 ? 72  LYS A CA  1 
ATOM   294  C C   . LYS A 1 45  ? -11.346 -6.546  2.293   1.00 16.43 ? 72  LYS A C   1 
ATOM   295  O O   . LYS A 1 45  ? -11.198 -7.298  1.330   1.00 16.54 ? 72  LYS A O   1 
ATOM   296  C CB  . LYS A 1 45  ? -11.365 -7.514  4.662   1.00 20.11 ? 72  LYS A CB  1 
ATOM   297  C CG  . LYS A 1 45  ? -11.096 -9.010  4.702   1.00 22.16 ? 72  LYS A CG  1 
ATOM   298  C CD  . LYS A 1 45  ? -11.610 -9.664  5.978   1.00 23.88 ? 72  LYS A CD  1 
ATOM   299  C CE  . LYS A 1 45  ? -13.067 -10.001 5.855   1.00 23.90 ? 72  LYS A CE  1 
ATOM   300  N NZ  . LYS A 1 45  ? -13.508 -10.677 7.110   1.00 24.52 ? 72  LYS A NZ  1 
ATOM   301  N N   . THR A 1 46  ? -12.173 -5.503  2.286   1.00 15.96 ? 73  THR A N   1 
ATOM   302  C CA  . THR A 1 46  ? -12.962 -5.106  1.119   1.00 16.05 ? 73  THR A CA  1 
ATOM   303  C C   . THR A 1 46  ? -12.082 -4.663  -0.049  1.00 15.24 ? 73  THR A C   1 
ATOM   304  O O   . THR A 1 46  ? -12.304 -5.056  -1.207  1.00 15.16 ? 73  THR A O   1 
ATOM   305  C CB  . THR A 1 46  ? -13.943 -3.956  1.466   1.00 17.37 ? 73  THR A CB  1 
ATOM   306  O OG1 . THR A 1 46  ? -14.793 -4.373  2.542   1.00 19.02 ? 73  THR A OG1 1 
ATOM   307  C CG2 . THR A 1 46  ? -14.785 -3.559  0.257   1.00 17.96 ? 73  THR A CG2 1 
ATOM   308  N N   . LEU A 1 47  ? -11.095 -3.827  0.253   1.00 14.81 ? 74  LEU A N   1 
ATOM   309  C CA  . LEU A 1 47  ? -10.141 -3.401  -0.776  1.00 14.41 ? 74  LEU A CA  1 
ATOM   310  C C   . LEU A 1 47  ? -9.394  -4.599  -1.363  1.00 13.29 ? 74  LEU A C   1 
ATOM   311  O O   . LEU A 1 47  ? -9.209  -4.674  -2.573  1.00 13.19 ? 74  LEU A O   1 
ATOM   312  C CB  . LEU A 1 47  ? -9.120  -2.401  -0.223  1.00 16.00 ? 74  LEU A CB  1 
ATOM   313  C CG  . LEU A 1 47  ? -9.408  -0.911  -0.329  1.00 18.35 ? 74  LEU A CG  1 
ATOM   314  C CD1 . LEU A 1 47  ? -9.245  -0.468  -1.763  1.00 18.96 ? 74  LEU A CD1 1 
ATOM   315  C CD2 . LEU A 1 47  ? -10.784 -0.556  0.192   1.00 18.82 ? 74  LEU A CD2 1 
ATOM   316  N N   . TRP A 1 48  ? -8.930  -5.504  -0.507  1.00 11.49 ? 75  TRP A N   1 
ATOM   317  C CA  . TRP A 1 48  ? -8.136  -6.665  -0.944  1.00 10.84 ? 75  TRP A CA  1 
ATOM   318  C C   . TRP A 1 48  ? -8.848  -7.504  -2.001  1.00 10.83 ? 75  TRP A C   1 
ATOM   319  O O   . TRP A 1 48  ? -8.241  -8.032  -2.928  1.00 10.56 ? 75  TRP A O   1 
ATOM   320  C CB  . TRP A 1 48  ? -7.773  -7.548  0.254   1.00 10.46 ? 75  TRP A CB  1 
ATOM   321  C CG  . TRP A 1 48  ? -6.744  -8.546  -0.057  1.00 10.34 ? 75  TRP A CG  1 
ATOM   322  C CD1 . TRP A 1 48  ? -6.909  -9.754  -0.675  1.00 10.08 ? 75  TRP A CD1 1 
ATOM   323  C CD2 . TRP A 1 48  ? -5.354  -8.444  0.242   1.00 9.96  ? 75  TRP A CD2 1 
ATOM   324  N NE1 . TRP A 1 48  ? -5.712  -10.380 -0.822  1.00 10.01 ? 75  TRP A NE1 1 
ATOM   325  C CE2 . TRP A 1 48  ? -4.736  -9.605  -0.248  1.00 9.83  ? 75  TRP A CE2 1 
ATOM   326  C CE3 . TRP A 1 48  ? -4.559  -7.451  0.852   1.00 10.40 ? 75  TRP A CE3 1 
ATOM   327  C CZ2 . TRP A 1 48  ? -3.358  -9.832  -0.119  1.00 10.07 ? 75  TRP A CZ2 1 
ATOM   328  C CZ3 . TRP A 1 48  ? -3.228  -7.676  0.978   1.00 10.28 ? 75  TRP A CZ3 1 
ATOM   329  C CH2 . TRP A 1 48  ? -2.624  -8.844  0.479   1.00 10.06 ? 75  TRP A CH2 1 
ATOM   330  N N   . LYS A 1 49  ? -10.144 -7.668  -1.823  1.00 10.51 ? 76  LYS A N   1 
ATOM   331  C CA  . LYS A 1 49  ? -10.939 -8.499  -2.712  1.00 10.92 ? 76  LYS A CA  1 
ATOM   332  C C   . LYS A 1 49  ? -11.442 -7.819  -3.964  1.00 11.35 ? 76  LYS A C   1 
ATOM   333  O O   . LYS A 1 49  ? -12.049 -8.448  -4.828  1.00 11.57 ? 76  LYS A O   1 
ATOM   334  C CB  . LYS A 1 49  ? -12.097 -9.077  -1.912  1.00 10.83 ? 76  LYS A CB  1 
ATOM   335  C CG  . LYS A 1 49  ? -11.587 -9.890  -0.730  1.00 11.11 ? 76  LYS A CG  1 
ATOM   336  C CD  . LYS A 1 49  ? -12.733 -10.675 -0.112  1.00 10.89 ? 76  LYS A CD  1 
ATOM   337  C CE  . LYS A 1 49  ? -12.227 -11.540 1.032   1.00 10.81 ? 76  LYS A CE  1 
ATOM   338  N NZ  . LYS A 1 49  ? -13.348 -12.335 1.617   1.00 10.58 ? 76  LYS A NZ  1 
ATOM   339  N N   . HIS A 1 50  ? -11.205 -6.525  -4.085  1.00 11.01 ? 77  HIS A N   1 
ATOM   340  C CA  . HIS A 1 50  ? -11.613 -5.823  -5.288  1.00 12.11 ? 77  HIS A CA  1 
ATOM   341  C C   . HIS A 1 50  ? -10.887 -6.415  -6.506  1.00 12.05 ? 77  HIS A C   1 
ATOM   342  O O   . HIS A 1 50  ? -9.719  -6.836  -6.432  1.00 10.76 ? 77  HIS A O   1 
ATOM   343  C CB  . HIS A 1 50  ? -11.309 -4.336  -5.133  1.00 12.46 ? 77  HIS A CB  1 
ATOM   344  C CG  . HIS A 1 50  ? -11.888 -3.485  -6.213  1.00 13.35 ? 77  HIS A CG  1 
ATOM   345  N ND1 . HIS A 1 50  ? -11.288 -3.329  -7.438  1.00 13.64 ? 77  HIS A ND1 1 
ATOM   346  C CD2 . HIS A 1 50  ? -13.007 -2.725  -6.245  1.00 14.52 ? 77  HIS A CD2 1 
ATOM   347  C CE1 . HIS A 1 50  ? -12.017 -2.528  -8.193  1.00 14.16 ? 77  HIS A CE1 1 
ATOM   348  N NE2 . HIS A 1 50  ? -13.066 -2.142  -7.491  1.00 14.98 ? 77  HIS A NE2 1 
ATOM   349  N N   . GLN A 1 51  ? -11.587 -6.434  -7.642  1.00 13.10 ? 78  GLN A N   1 
ATOM   350  C CA  . GLN A 1 51  ? -11.059 -7.056  -8.847  1.00 14.27 ? 78  GLN A CA  1 
ATOM   351  C C   . GLN A 1 51  ? -9.691  -6.509  -9.310  1.00 12.52 ? 78  GLN A C   1 
ATOM   352  O O   . GLN A 1 51  ? -8.882  -7.220  -9.915  1.00 11.87 ? 78  GLN A O   1 
ATOM   353  C CB  . GLN A 1 51  ? -12.060 -6.943  -9.997  1.00 17.14 ? 78  GLN A CB  1 
ATOM   354  C CG  . GLN A 1 51  ? -12.477 -5.531  -10.359 1.00 21.09 ? 78  GLN A CG  1 
ATOM   355  C CD  . GLN A 1 51  ? -13.228 -5.429  -11.688 1.00 26.38 ? 78  GLN A CD  1 
ATOM   356  O OE1 . GLN A 1 51  ? -13.120 -6.298  -12.569 1.00 29.13 ? 78  GLN A OE1 1 
ATOM   357  N NE2 . GLN A 1 51  ? -13.985 -4.333  -11.844 1.00 31.00 ? 78  GLN A NE2 1 
ATOM   358  N N   . PHE A 1 52  ? -9.457  -5.248  -9.000  1.00 11.26 ? 79  PHE A N   1 
ATOM   359  C CA  . PHE A 1 52  ? -8.231  -4.541  -9.375  1.00 10.49 ? 79  PHE A CA  1 
ATOM   360  C C   . PHE A 1 52  ? -7.165  -4.459  -8.281  1.00 10.04 ? 79  PHE A C   1 
ATOM   361  O O   . PHE A 1 52  ? -6.162  -3.752  -8.456  1.00 9.39  ? 79  PHE A O   1 
ATOM   362  C CB  . PHE A 1 52  ? -8.574  -3.106  -9.813  1.00 11.10 ? 79  PHE A CB  1 
ATOM   363  C CG  . PHE A 1 52  ? -9.362  -3.004  -11.093 1.00 12.34 ? 79  PHE A CG  1 
ATOM   364  C CD1 . PHE A 1 52  ? -9.484  -4.066  -11.984 1.00 13.00 ? 79  PHE A CD1 1 
ATOM   365  C CD2 . PHE A 1 52  ? -9.975  -1.798  -11.396 1.00 13.35 ? 79  PHE A CD2 1 
ATOM   366  C CE1 . PHE A 1 52  ? -10.207 -3.924  -13.155 1.00 13.84 ? 79  PHE A CE1 1 
ATOM   367  C CE2 . PHE A 1 52  ? -10.669 -1.639  -12.589 1.00 14.25 ? 79  PHE A CE2 1 
ATOM   368  C CZ  . PHE A 1 52  ? -10.815 -2.706  -13.439 1.00 14.42 ? 79  PHE A CZ  1 
ATOM   369  N N   . ALA A 1 53  ? -7.362  -5.183  -7.188  1.00 9.20  ? 80  ALA A N   1 
ATOM   370  C CA  . ALA A 1 53  ? -6.448  -5.121  -6.037  1.00 8.88  ? 80  ALA A CA  1 
ATOM   371  C C   . ALA A 1 53  ? -5.107  -5.814  -6.219  1.00 8.74  ? 80  ALA A C   1 
ATOM   372  O O   . ALA A 1 53  ? -4.112  -5.433  -5.589  1.00 8.26  ? 80  ALA A O   1 
ATOM   373  C CB  . ALA A 1 53  ? -7.139  -5.644  -4.805  1.00 9.43  ? 80  ALA A CB  1 
ATOM   374  N N   . TRP A 1 54  ? -5.092  -6.901  -6.996  1.00 8.40  ? 81  TRP A N   1 
ATOM   375  C CA  . TRP A 1 54  ? -3.930  -7.774  -7.010  1.00 8.82  ? 81  TRP A CA  1 
ATOM   376  C C   . TRP A 1 54  ? -2.574  -7.121  -7.284  1.00 8.37  ? 81  TRP A C   1 
ATOM   377  O O   . TRP A 1 54  ? -1.586  -7.490  -6.651  1.00 8.93  ? 81  TRP A O   1 
ATOM   378  C CB  . TRP A 1 54  ? -4.137  -9.009  -7.911  1.00 8.82  ? 81  TRP A CB  1 
ATOM   379  C CG  . TRP A 1 54  ? -4.271  -8.703  -9.340  1.00 9.26  ? 81  TRP A CG  1 
ATOM   380  C CD1 . TRP A 1 54  ? -5.434  -8.509  -10.030 1.00 9.54  ? 81  TRP A CD1 1 
ATOM   381  C CD2 . TRP A 1 54  ? -3.220  -8.561  -10.275 1.00 9.66  ? 81  TRP A CD2 1 
ATOM   382  N NE1 . TRP A 1 54  ? -5.165  -8.247  -11.339 1.00 10.03 ? 81  TRP A NE1 1 
ATOM   383  C CE2 . TRP A 1 54  ? -3.813  -8.274  -11.529 1.00 9.79  ? 81  TRP A CE2 1 
ATOM   384  C CE3 . TRP A 1 54  ? -1.830  -8.617  -10.191 1.00 10.23 ? 81  TRP A CE3 1 
ATOM   385  C CZ2 . TRP A 1 54  ? -3.049  -8.040  -12.682 1.00 10.50 ? 81  TRP A CZ2 1 
ATOM   386  C CZ3 . TRP A 1 54  ? -1.065  -8.413  -11.353 1.00 10.26 ? 81  TRP A CZ3 1 
ATOM   387  C CH2 . TRP A 1 54  ? -1.687  -8.141  -12.581 1.00 10.20 ? 81  TRP A CH2 1 
ATOM   388  N N   . PRO A 1 55  ? -2.505  -6.106  -8.171  1.00 8.38  ? 82  PRO A N   1 
ATOM   389  C CA  . PRO A 1 55  ? -1.181  -5.530  -8.370  1.00 8.44  ? 82  PRO A CA  1 
ATOM   390  C C   . PRO A 1 55  ? -0.609  -4.796  -7.176  1.00 8.76  ? 82  PRO A C   1 
ATOM   391  O O   . PRO A 1 55  ? 0.581   -4.513  -7.166  1.00 10.15 ? 82  PRO A O   1 
ATOM   392  C CB  . PRO A 1 55  ? -1.404  -4.514  -9.505  1.00 8.47  ? 82  PRO A CB  1 
ATOM   393  C CG  . PRO A 1 55  ? -2.661  -4.989  -10.207 1.00 8.28  ? 82  PRO A CG  1 
ATOM   394  C CD  . PRO A 1 55  ? -3.504  -5.462  -9.059  1.00 8.53  ? 82  PRO A CD  1 
ATOM   395  N N   . PHE A 1 56  ? -1.475  -4.463  -6.216  1.00 8.71  ? 83  PHE A N   1 
ATOM   396  C CA  . PHE A 1 56  ? -1.152  -3.669  -5.023  1.00 8.74  ? 83  PHE A CA  1 
ATOM   397  C C   . PHE A 1 56  ? -1.025  -4.526  -3.764  1.00 8.84  ? 83  PHE A C   1 
ATOM   398  O O   . PHE A 1 56  ? -0.822  -3.979  -2.679  1.00 10.24 ? 83  PHE A O   1 
ATOM   399  C CB  . PHE A 1 56  ? -2.258  -2.636  -4.826  1.00 8.42  ? 83  PHE A CB  1 
ATOM   400  C CG  . PHE A 1 56  ? -2.495  -1.787  -6.019  1.00 8.20  ? 83  PHE A CG  1 
ATOM   401  C CD1 . PHE A 1 56  ? -3.390  -2.182  -7.019  1.00 8.45  ? 83  PHE A CD1 1 
ATOM   402  C CD2 . PHE A 1 56  ? -1.739  -0.628  -6.202  1.00 8.87  ? 83  PHE A CD2 1 
ATOM   403  C CE1 . PHE A 1 56  ? -3.579  -1.393  -8.135  1.00 8.43  ? 83  PHE A CE1 1 
ATOM   404  C CE2 . PHE A 1 56  ? -1.938  0.158   -7.323  1.00 8.55  ? 83  PHE A CE2 1 
ATOM   405  C CZ  . PHE A 1 56  ? -2.829  -0.244  -8.288  1.00 8.60  ? 83  PHE A CZ  1 
ATOM   406  N N   . GLN A 1 57  ? -1.136  -5.845  -3.891  1.00 9.18  ? 84  GLN A N   1 
ATOM   407  C CA  . GLN A 1 57  ? -1.134  -6.722  -2.723  1.00 9.46  ? 84  GLN A CA  1 
ATOM   408  C C   . GLN A 1 57  ? 0.240   -7.060  -2.152  1.00 10.24 ? 84  GLN A C   1 
ATOM   409  O O   . GLN A 1 57  ? 0.340   -7.615  -1.058  1.00 10.60 ? 84  GLN A O   1 
ATOM   410  C CB  . GLN A 1 57  ? -1.876  -7.993  -3.076  1.00 9.35  ? 84  GLN A CB  1 
ATOM   411  C CG  . GLN A 1 57  ? -3.369  -7.751  -3.140  1.00 9.56  ? 84  GLN A CG  1 
ATOM   412  C CD  . GLN A 1 57  ? -4.128  -8.938  -3.641  1.00 9.74  ? 84  GLN A CD  1 
ATOM   413  O OE1 . GLN A 1 57  ? -3.543  -9.941  -4.068  1.00 10.63 ? 84  GLN A OE1 1 
ATOM   414  N NE2 . GLN A 1 57  ? -5.421  -8.837  -3.607  1.00 9.68  ? 84  GLN A NE2 1 
ATOM   415  N N   . GLN A 1 58  ? 1.312   -6.755  -2.871  1.00 9.93  ? 85  GLN A N   1 
ATOM   416  C CA  . GLN A 1 58  ? 2.647   -7.116  -2.445  1.00 10.16 ? 85  GLN A CA  1 
ATOM   417  C C   . GLN A 1 58  ? 3.599   -6.046  -2.961  1.00 9.75  ? 85  GLN A C   1 
ATOM   418  O O   . GLN A 1 58  ? 3.254   -5.325  -3.910  1.00 8.87  ? 85  GLN A O   1 
ATOM   419  C CB  . GLN A 1 58  ? 3.085   -8.469  -3.008  1.00 10.96 ? 85  GLN A CB  1 
ATOM   420  C CG  . GLN A 1 58  ? 2.946   -8.576  -4.513  1.00 12.65 ? 85  GLN A CG  1 
ATOM   421  C CD  . GLN A 1 58  ? 1.514   -8.775  -4.962  1.00 14.07 ? 85  GLN A CD  1 
ATOM   422  O OE1 . GLN A 1 58  ? 0.781   -9.609  -4.403  1.00 16.14 ? 85  GLN A OE1 1 
ATOM   423  N NE2 . GLN A 1 58  ? 1.093   -7.994  -5.949  1.00 15.37 ? 85  GLN A NE2 1 
ATOM   424  N N   . PRO A 1 59  ? 4.810   -5.978  -2.386  1.00 9.72  ? 86  PRO A N   1 
ATOM   425  C CA  . PRO A 1 59  ? 5.758   -4.996  -2.872  1.00 9.90  ? 86  PRO A CA  1 
ATOM   426  C C   . PRO A 1 59  ? 6.056   -5.184  -4.349  1.00 10.14 ? 86  PRO A C   1 
ATOM   427  O O   . PRO A 1 59  ? 6.103   -6.318  -4.843  1.00 10.45 ? 86  PRO A O   1 
ATOM   428  C CB  . PRO A 1 59  ? 7.019   -5.255  -2.026  1.00 9.71  ? 86  PRO A CB  1 
ATOM   429  C CG  . PRO A 1 59  ? 6.496   -5.864  -0.789  1.00 9.95  ? 86  PRO A CG  1 
ATOM   430  C CD  . PRO A 1 59  ? 5.354   -6.709  -1.225  1.00 9.86  ? 86  PRO A CD  1 
ATOM   431  N N   . VAL A 1 60  ? 6.273   -4.072  -5.040  1.00 10.30 ? 87  VAL A N   1 
ATOM   432  C CA  . VAL A 1 60  ? 6.732   -4.110  -6.415  1.00 10.53 ? 87  VAL A CA  1 
ATOM   433  C C   . VAL A 1 60  ? 8.083   -4.849  -6.500  1.00 10.68 ? 87  VAL A C   1 
ATOM   434  O O   . VAL A 1 60  ? 9.032   -4.507  -5.790  1.00 10.29 ? 87  VAL A O   1 
ATOM   435  C CB  . VAL A 1 60  ? 6.901   -2.671  -6.967  1.00 10.85 ? 87  VAL A CB  1 
ATOM   436  C CG1 . VAL A 1 60  ? 7.749   -2.647  -8.240  1.00 11.42 ? 87  VAL A CG1 1 
ATOM   437  C CG2 . VAL A 1 60  ? 5.527   -2.016  -7.179  1.00 11.25 ? 87  VAL A CG2 1 
ATOM   438  N N   . ASP A 1 61  ? 8.143   -5.848  -7.371  1.00 10.68 ? 88  ASP A N   1 
ATOM   439  C CA  . ASP A 1 61  ? 9.396   -6.485  -7.732  1.00 11.03 ? 88  ASP A CA  1 
ATOM   440  C C   . ASP A 1 61  ? 9.868   -5.823  -9.001  1.00 10.99 ? 88  ASP A C   1 
ATOM   441  O O   . ASP A 1 61  ? 9.353   -6.087  -10.090 1.00 11.26 ? 88  ASP A O   1 
ATOM   442  C CB  . ASP A 1 61  ? 9.228   -7.991  -7.872  1.00 11.38 ? 88  ASP A CB  1 
ATOM   443  C CG  . ASP A 1 61  ? 10.539  -8.718  -8.058  1.00 12.20 ? 88  ASP A CG  1 
ATOM   444  O OD1 . ASP A 1 61  ? 11.495  -8.168  -8.650  1.00 12.14 ? 88  ASP A OD1 1 
ATOM   445  O OD2 . ASP A 1 61  ? 10.634  -9.890  -7.623  1.00 15.17 ? 88  ASP A OD2 1 
ATOM   446  N N   . ALA A 1 62  ? 10.820  -4.919  -8.844  1.00 10.90 ? 89  ALA A N   1 
ATOM   447  C CA  . ALA A 1 62  ? 11.326  -4.127  -9.968  1.00 11.10 ? 89  ALA A CA  1 
ATOM   448  C C   . ALA A 1 62  ? 11.946  -4.973  -11.059 1.00 11.26 ? 89  ALA A C   1 
ATOM   449  O O   . ALA A 1 62  ? 11.872  -4.620  -12.231 1.00 11.09 ? 89  ALA A O   1 
ATOM   450  C CB  . ALA A 1 62  ? 12.339  -3.106  -9.495  1.00 11.56 ? 89  ALA A CB  1 
ATOM   451  N N   . VAL A 1 63  ? 12.559  -6.080  -10.657 1.00 10.44 ? 90  VAL A N   1 
ATOM   452  C CA  . VAL A 1 63  ? 13.249  -6.950  -11.582 1.00 11.12 ? 90  VAL A CA  1 
ATOM   453  C C   . VAL A 1 63  ? 12.235  -7.787  -12.343 1.00 10.70 ? 90  VAL A C   1 
ATOM   454  O O   . VAL A 1 63  ? 12.198  -7.783  -13.548 1.00 10.13 ? 90  VAL A O   1 
ATOM   455  C CB  . VAL A 1 63  ? 14.271  -7.845  -10.883 1.00 11.91 ? 90  VAL A CB  1 
ATOM   456  C CG1 . VAL A 1 63  ? 14.921  -8.773  -11.904 1.00 12.21 ? 90  VAL A CG1 1 
ATOM   457  C CG2 . VAL A 1 63  ? 15.308  -6.995  -10.158 1.00 12.04 ? 90  VAL A CG2 1 
ATOM   458  N N   . LYS A 1 64  ? 11.357  -8.454  -11.619 1.00 10.64 ? 91  LYS A N   1 
ATOM   459  C CA  . LYS A 1 64  ? 10.390  -9.361  -12.254 1.00 11.40 ? 91  LYS A CA  1 
ATOM   460  C C   . LYS A 1 64  ? 9.341   -8.644  -13.051 1.00 11.02 ? 91  LYS A C   1 
ATOM   461  O O   . LYS A 1 64  ? 8.885   -9.179  -14.050 1.00 11.13 ? 91  LYS A O   1 
ATOM   462  C CB  . LYS A 1 64  ? 9.738   -10.291 -11.218 1.00 12.96 ? 91  LYS A CB  1 
ATOM   463  C CG  . LYS A 1 64  ? 10.673  -11.379 -10.702 1.00 15.25 ? 91  LYS A CG  1 
ATOM   464  C CD  . LYS A 1 64  ? 9.914   -12.321 -9.775  1.00 17.27 ? 91  LYS A CD  1 
ATOM   465  C CE  . LYS A 1 64  ? 10.840  -13.269 -9.026  1.00 19.70 ? 91  LYS A CE  1 
ATOM   466  N NZ  . LYS A 1 64  ? 11.710  -14.074 -9.925  1.00 21.06 ? 91  LYS A NZ  1 
ATOM   467  N N   . LEU A 1 65  ? 8.930   -7.449  -12.602 1.00 9.77  ? 92  LEU A N   1 
ATOM   468  C CA  . LEU A 1 65  ? 7.980   -6.649  -13.364 1.00 10.34 ? 92  LEU A CA  1 
ATOM   469  C C   . LEU A 1 65  ? 8.633   -5.798  -14.458 1.00 10.00 ? 92  LEU A C   1 
ATOM   470  O O   . LEU A 1 65  ? 7.906   -5.117  -15.197 1.00 10.84 ? 92  LEU A O   1 
ATOM   471  C CB  . LEU A 1 65  ? 7.174   -5.747  -12.431 1.00 10.49 ? 92  LEU A CB  1 
ATOM   472  C CG  . LEU A 1 65  ? 6.319   -6.387  -11.342 1.00 11.06 ? 92  LEU A CG  1 
ATOM   473  C CD1 . LEU A 1 65  ? 5.605   -5.302  -10.585 1.00 10.95 ? 92  LEU A CD1 1 
ATOM   474  C CD2 . LEU A 1 65  ? 5.334   -7.359  -11.918 1.00 11.50 ? 92  LEU A CD2 1 
ATOM   475  N N   . ASN A 1 66  ? 9.965   -5.855  -14.601 1.00 9.88  ? 93  ASN A N   1 
ATOM   476  C CA  . ASN A 1 66  ? 10.677  -5.067  -15.599 1.00 10.05 ? 93  ASN A CA  1 
ATOM   477  C C   . ASN A 1 66  ? 10.396  -3.576  -15.453 1.00 10.23 ? 93  ASN A C   1 
ATOM   478  O O   . ASN A 1 66  ? 10.106  -2.873  -16.421 1.00 10.34 ? 93  ASN A O   1 
ATOM   479  C CB  . ASN A 1 66  ? 10.396  -5.586  -17.029 1.00 10.19 ? 93  ASN A CB  1 
ATOM   480  C CG  . ASN A 1 66  ? 11.150  -6.852  -17.329 1.00 10.34 ? 93  ASN A CG  1 
ATOM   481  O OD1 . ASN A 1 66  ? 12.075  -7.187  -16.616 1.00 10.50 ? 93  ASN A OD1 1 
ATOM   482  N ND2 . ASN A 1 66  ? 10.758  -7.562  -18.371 1.00 10.36 ? 93  ASN A ND2 1 
ATOM   483  N N   . LEU A 1 67  ? 10.519  -3.120  -14.223 1.00 11.05 ? 94  LEU A N   1 
ATOM   484  C CA  . LEU A 1 67  ? 10.424  -1.705  -13.852 1.00 11.75 ? 94  LEU A CA  1 
ATOM   485  C C   . LEU A 1 67  ? 11.762  -1.337  -13.151 1.00 13.14 ? 94  LEU A C   1 
ATOM   486  O O   . LEU A 1 67  ? 11.781  -1.048  -11.956 1.00 12.69 ? 94  LEU A O   1 
ATOM   487  C CB  . LEU A 1 67  ? 9.224   -1.481  -12.925 1.00 11.53 ? 94  LEU A CB  1 
ATOM   488  C CG  . LEU A 1 67  ? 7.861   -2.040  -13.376 1.00 11.83 ? 94  LEU A CG  1 
ATOM   489  C CD1 . LEU A 1 67  ? 6.829   -1.848  -12.277 1.00 11.69 ? 94  LEU A CD1 1 
ATOM   490  C CD2 . LEU A 1 67  ? 7.372   -1.419  -14.664 1.00 12.60 ? 94  LEU A CD2 1 
ATOM   491  N N   . PRO A 1 68  ? 12.903  -1.391  -13.894 1.00 14.47 ? 95  PRO A N   1 
ATOM   492  C CA  . PRO A 1 68  ? 14.228  -1.387  -13.251 1.00 15.44 ? 95  PRO A CA  1 
ATOM   493  C C   . PRO A 1 68  ? 14.507  -0.214  -12.331 1.00 16.38 ? 95  PRO A C   1 
ATOM   494  O O   . PRO A 1 68  ? 15.127  -0.392  -11.267 1.00 17.49 ? 95  PRO A O   1 
ATOM   495  C CB  . PRO A 1 68  ? 15.199  -1.341  -14.453 1.00 15.96 ? 95  PRO A CB  1 
ATOM   496  C CG  . PRO A 1 68  ? 14.452  -1.902  -15.571 1.00 16.15 ? 95  PRO A CG  1 
ATOM   497  C CD  . PRO A 1 68  ? 13.037  -1.437  -15.359 1.00 15.46 ? 95  PRO A CD  1 
ATOM   498  N N   . ASP A 1 69  ? 13.992  0.950   -12.707 1.00 16.01 ? 96  ASP A N   1 
ATOM   499  C CA  . ASP A 1 69  ? 14.205  2.196   -11.968 1.00 17.71 ? 96  ASP A CA  1 
ATOM   500  C C   . ASP A 1 69  ? 13.089  2.527   -10.963 1.00 16.08 ? 96  ASP A C   1 
ATOM   501  O O   . ASP A 1 69  ? 13.020  3.645   -10.435 1.00 17.28 ? 96  ASP A O   1 
ATOM   502  C CB  . ASP A 1 69  ? 14.329  3.335   -12.962 1.00 19.24 ? 96  ASP A CB  1 
ATOM   503  C CG  . ASP A 1 69  ? 13.053  3.601   -13.705 1.00 21.62 ? 96  ASP A CG  1 
ATOM   504  O OD1 . ASP A 1 69  ? 12.239  2.655   -13.918 1.00 22.24 ? 96  ASP A OD1 1 
ATOM   505  O OD2 . ASP A 1 69  ? 12.866  4.779   -14.061 1.00 27.20 ? 96  ASP A OD2 1 
ATOM   506  N N   . TYR A 1 70  ? 12.233  1.557   -10.667 1.00 13.65 ? 97  TYR A N   1 
ATOM   507  C CA  . TYR A 1 70  ? 11.107  1.810   -9.780  1.00 12.32 ? 97  TYR A CA  1 
ATOM   508  C C   . TYR A 1 70  ? 11.572  2.434   -8.467  1.00 12.89 ? 97  TYR A C   1 
ATOM   509  O O   . TYR A 1 70  ? 11.016  3.451   -8.043  1.00 12.67 ? 97  TYR A O   1 
ATOM   510  C CB  . TYR A 1 70  ? 10.330  0.514   -9.496  1.00 11.08 ? 97  TYR A CB  1 
ATOM   511  C CG  . TYR A 1 70  ? 9.054   0.782   -8.742  1.00 10.17 ? 97  TYR A CG  1 
ATOM   512  C CD1 . TYR A 1 70  ? 7.899   1.224   -9.398  1.00 9.74  ? 97  TYR A CD1 1 
ATOM   513  C CD2 . TYR A 1 70  ? 9.016   0.672   -7.378  1.00 9.80  ? 97  TYR A CD2 1 
ATOM   514  C CE1 . TYR A 1 70  ? 6.726   1.493   -8.678  1.00 9.85  ? 97  TYR A CE1 1 
ATOM   515  C CE2 . TYR A 1 70  ? 7.872   0.942   -6.663  1.00 9.83  ? 97  TYR A CE2 1 
ATOM   516  C CZ  . TYR A 1 70  ? 6.735   1.363   -7.308  1.00 9.51  ? 97  TYR A CZ  1 
ATOM   517  O OH  . TYR A 1 70  ? 5.609   1.626   -6.555  1.00 10.06 ? 97  TYR A OH  1 
ATOM   518  N N   . TYR A 1 71  ? 12.575  1.836   -7.827  1.00 13.68 ? 98  TYR A N   1 
ATOM   519  C CA  . TYR A 1 71  ? 12.988  2.241   -6.472  1.00 14.36 ? 98  TYR A CA  1 
ATOM   520  C C   . TYR A 1 71  ? 13.971  3.422   -6.415  1.00 16.22 ? 98  TYR A C   1 
ATOM   521  O O   . TYR A 1 71  ? 14.268  3.943   -5.312  1.00 17.42 ? 98  TYR A O   1 
ATOM   522  C CB  . TYR A 1 71  ? 13.454  1.039   -5.657  1.00 14.94 ? 98  TYR A CB  1 
ATOM   523  C CG  . TYR A 1 71  ? 12.336  0.089   -5.325  1.00 14.33 ? 98  TYR A CG  1 
ATOM   524  C CD1 . TYR A 1 71  ? 11.401  0.423   -4.341  1.00 14.55 ? 98  TYR A CD1 1 
ATOM   525  C CD2 . TYR A 1 71  ? 12.196  -1.145  -5.982  1.00 13.89 ? 98  TYR A CD2 1 
ATOM   526  C CE1 . TYR A 1 71  ? 10.377  -0.436  -4.013  1.00 14.15 ? 98  TYR A CE1 1 
ATOM   527  C CE2 . TYR A 1 71  ? 11.166  -2.001  -5.665  1.00 12.95 ? 98  TYR A CE2 1 
ATOM   528  C CZ  . TYR A 1 71  ? 10.255  -1.645  -4.671  1.00 13.56 ? 98  TYR A CZ  1 
ATOM   529  O OH  . TYR A 1 71  ? 9.212   -2.456  -4.293  1.00 12.59 ? 98  TYR A OH  1 
ATOM   530  N N   . LYS A 1 72  ? 14.425  3.830   -7.586  1.00 17.14 ? 99  LYS A N   1 
ATOM   531  C CA  . LYS A 1 72  ? 15.068  5.132   -7.779  1.00 19.80 ? 99  LYS A CA  1 
ATOM   532  C C   . LYS A 1 72  ? 14.025  6.227   -7.635  1.00 18.79 ? 99  LYS A C   1 
ATOM   533  O O   . LYS A 1 72  ? 14.245  7.209   -6.922  1.00 20.86 ? 99  LYS A O   1 
ATOM   534  C CB  . LYS A 1 72  ? 15.704  5.232   -9.162  1.00 21.99 ? 99  LYS A CB  1 
ATOM   535  C CG  . LYS A 1 72  ? 16.606  6.445   -9.328  1.00 24.96 ? 99  LYS A CG  1 
ATOM   536  C CD  . LYS A 1 72  ? 17.335  6.423   -10.659 1.00 29.13 ? 99  LYS A CD  1 
ATOM   537  C CE  . LYS A 1 72  ? 18.678  7.154   -10.584 1.00 32.83 ? 99  LYS A CE  1 
ATOM   538  N NZ  . LYS A 1 72  ? 18.659  8.433   -9.815  1.00 35.85 ? 99  LYS A NZ  1 
ATOM   539  N N   . ILE A 1 73  ? 12.891  6.023   -8.294  1.00 16.61 ? 100 ILE A N   1 
ATOM   540  C CA  . ILE A 1 73  ? 11.819  7.018   -8.371  1.00 15.31 ? 100 ILE A CA  1 
ATOM   541  C C   . ILE A 1 73  ? 10.959  7.008   -7.089  1.00 14.60 ? 100 ILE A C   1 
ATOM   542  O O   . ILE A 1 73  ? 10.614  8.070   -6.559  1.00 15.67 ? 100 ILE A O   1 
ATOM   543  C CB  . ILE A 1 73  ? 10.987  6.806   -9.661  1.00 16.11 ? 100 ILE A CB  1 
ATOM   544  C CG1 . ILE A 1 73  ? 11.883  7.104   -10.878 1.00 17.91 ? 100 ILE A CG1 1 
ATOM   545  C CG2 . ILE A 1 73  ? 9.717   7.656   -9.668  1.00 15.43 ? 100 ILE A CG2 1 
ATOM   546  C CD1 . ILE A 1 73  ? 11.298  6.757   -12.218 1.00 19.96 ? 100 ILE A CD1 1 
ATOM   547  N N   . ILE A 1 74  ? 10.640  5.826   -6.575  1.00 12.86 ? 101 ILE A N   1 
ATOM   548  C CA  . ILE A 1 74  ? 9.775   5.692   -5.427  1.00 13.23 ? 101 ILE A CA  1 
ATOM   549  C C   . ILE A 1 74  ? 10.642  5.496   -4.197  1.00 14.17 ? 101 ILE A C   1 
ATOM   550  O O   . ILE A 1 74  ? 11.227  4.429   -3.995  1.00 13.59 ? 101 ILE A O   1 
ATOM   551  C CB  . ILE A 1 74  ? 8.824   4.490   -5.611  1.00 12.23 ? 101 ILE A CB  1 
ATOM   552  C CG1 . ILE A 1 74  ? 7.902   4.733   -6.821  1.00 12.01 ? 101 ILE A CG1 1 
ATOM   553  C CG2 . ILE A 1 74  ? 8.040   4.212   -4.330  1.00 12.84 ? 101 ILE A CG2 1 
ATOM   554  C CD1 . ILE A 1 74  ? 7.111   6.038   -6.767  1.00 12.06 ? 101 ILE A CD1 1 
ATOM   555  N N   . LYS A 1 75  ? 10.713  6.545   -3.386  1.00 15.78 ? 102 LYS A N   1 
ATOM   556  C CA  . LYS A 1 75  ? 11.531  6.561   -2.178  1.00 18.44 ? 102 LYS A CA  1 
ATOM   557  C C   . LYS A 1 75  ? 10.842  5.998   -0.938  1.00 16.11 ? 102 LYS A C   1 
ATOM   558  O O   . LYS A 1 75  ? 11.514  5.579   0.003   1.00 15.90 ? 102 LYS A O   1 
ATOM   559  C CB  . LYS A 1 75  ? 11.963  8.002   -1.886  1.00 21.71 ? 102 LYS A CB  1 
ATOM   560  C CG  . LYS A 1 75  ? 12.676  8.678   -3.055  1.00 25.88 ? 102 LYS A CG  1 
ATOM   561  C CD  . LYS A 1 75  ? 14.182  8.733   -2.873  1.00 28.95 ? 102 LYS A CD  1 
ATOM   562  C CE  . LYS A 1 75  ? 14.602  9.866   -1.941  1.00 31.08 ? 102 LYS A CE  1 
ATOM   563  N NZ  . LYS A 1 75  ? 16.007  10.316  -2.185  1.00 32.46 ? 102 LYS A NZ  1 
ATOM   564  N N   . THR A 1 76  ? 9.507   6.001   -0.941  1.00 15.08 ? 103 THR A N   1 
ATOM   565  C CA  . THR A 1 76  ? 8.692   5.462   0.132   1.00 15.00 ? 103 THR A CA  1 
ATOM   566  C C   . THR A 1 76  ? 7.720   4.420   -0.437  1.00 14.03 ? 103 THR A C   1 
ATOM   567  O O   . THR A 1 76  ? 6.537   4.700   -0.627  1.00 14.12 ? 103 THR A O   1 
ATOM   568  C CB  . THR A 1 76  ? 7.891   6.596   0.803   1.00 15.73 ? 103 THR A CB  1 
ATOM   569  O OG1 . THR A 1 76  ? 8.808   7.654   1.125   1.00 17.98 ? 103 THR A OG1 1 
ATOM   570  C CG2 . THR A 1 76  ? 7.192   6.093   2.062   1.00 16.52 ? 103 THR A CG2 1 
ATOM   571  N N   . PRO A 1 77  ? 8.221   3.208   -0.703  1.00 12.92 ? 104 PRO A N   1 
ATOM   572  C CA  . PRO A 1 77  ? 7.331   2.172   -1.225  1.00 12.46 ? 104 PRO A CA  1 
ATOM   573  C C   . PRO A 1 77  ? 6.238   1.783   -0.260  1.00 11.57 ? 104 PRO A C   1 
ATOM   574  O O   . PRO A 1 77  ? 6.421   1.872   0.955   1.00 11.42 ? 104 PRO A O   1 
ATOM   575  C CB  . PRO A 1 77  ? 8.231   0.975   -1.392  1.00 13.10 ? 104 PRO A CB  1 
ATOM   576  C CG  . PRO A 1 77  ? 9.632   1.427   -1.157  1.00 13.70 ? 104 PRO A CG  1 
ATOM   577  C CD  . PRO A 1 77  ? 9.608   2.744   -0.515  1.00 13.85 ? 104 PRO A CD  1 
ATOM   578  N N   . MET A 1 78  ? 5.120   1.327   -0.805  1.00 11.00 ? 105 MET A N   1 
ATOM   579  C CA  . MET A 1 78  ? 4.023   0.830   0.005   1.00 10.61 ? 105 MET A CA  1 
ATOM   580  C C   . MET A 1 78  ? 3.101   -0.077  -0.806  1.00 10.89 ? 105 MET A C   1 
ATOM   581  O O   . MET A 1 78  ? 2.904   0.112   -2.006  1.00 11.95 ? 105 MET A O   1 
ATOM   582  C CB  . MET A 1 78  ? 3.235   2.005   0.564   1.00 10.77 ? 105 MET A CB  1 
ATOM   583  C CG  . MET A 1 78  ? 2.217   1.636   1.630   1.00 10.92 ? 105 MET A CG  1 
ATOM   584  S SD  . MET A 1 78  ? 2.813   0.658   3.023   1.00 11.51 ? 105 MET A SD  1 
ATOM   585  C CE  . MET A 1 78  ? 4.148   1.673   3.629   1.00 12.61 ? 105 MET A CE  1 
ATOM   586  N N   . ASP A 1 79  ? 2.550   -1.067  -0.143  1.00 10.32 ? 106 ASP A N   1 
ATOM   587  C CA  . ASP A 1 79  ? 1.636   -2.031  -0.775  1.00 10.69 ? 106 ASP A CA  1 
ATOM   588  C C   . ASP A 1 79  ? 0.628   -2.490  0.285   1.00 10.54 ? 106 ASP A C   1 
ATOM   589  O O   . ASP A 1 79  ? 0.857   -2.300  1.484   1.00 9.83  ? 106 ASP A O   1 
ATOM   590  C CB  . ASP A 1 79  ? 2.428   -3.218  -1.288  1.00 10.98 ? 106 ASP A CB  1 
ATOM   591  C CG  . ASP A 1 79  ? 3.090   -3.960  -0.167  1.00 11.34 ? 106 ASP A CG  1 
ATOM   592  O OD1 . ASP A 1 79  ? 4.140   -3.485  0.310   1.00 11.88 ? 106 ASP A OD1 1 
ATOM   593  O OD2 . ASP A 1 79  ? 2.485   -4.948  0.311   1.00 11.48 ? 106 ASP A OD2 1 
ATOM   594  N N   . MET A 1 80  ? -0.477  -3.104  -0.147  1.00 10.39 ? 107 MET A N   1 
ATOM   595  C CA  . MET A 1 80  ? -1.512  -3.539  0.783   1.00 11.38 ? 107 MET A CA  1 
ATOM   596  C C   . MET A 1 80  ? -1.089  -4.664  1.716   1.00 10.25 ? 107 MET A C   1 
ATOM   597  O O   . MET A 1 80  ? -1.621  -4.761  2.824   1.00 9.77  ? 107 MET A O   1 
ATOM   598  C CB  . MET A 1 80  ? -2.788  -3.925  0.046   1.00 13.75 ? 107 MET A CB  1 
ATOM   599  C CG  . MET A 1 80  ? -3.502  -2.698  -0.460  1.00 15.78 ? 107 MET A CG  1 
ATOM   600  S SD  . MET A 1 80  ? -5.281  -2.900  -0.712  1.00 24.34 ? 107 MET A SD  1 
ATOM   601  C CE  . MET A 1 80  ? -5.184  -4.204  -1.853  1.00 18.43 ? 107 MET A CE  1 
ATOM   602  N N   . GLY A 1 81  ? -0.164  -5.513  1.271   1.00 9.34  ? 108 GLY A N   1 
ATOM   603  C CA  . GLY A 1 81  ? 0.364   -6.533  2.126   1.00 9.19  ? 108 GLY A CA  1 
ATOM   604  C C   . GLY A 1 81  ? 1.053   -5.945  3.332   1.00 8.89  ? 108 GLY A C   1 
ATOM   605  O O   . GLY A 1 81  ? 0.901   -6.415  4.443   1.00 9.30  ? 108 GLY A O   1 
ATOM   606  N N   . THR A 1 82  ? 1.849   -4.907  3.100   1.00 8.59  ? 109 THR A N   1 
ATOM   607  C CA  . THR A 1 82  ? 2.510   -4.178  4.172   1.00 8.62  ? 109 THR A CA  1 
ATOM   608  C C   . THR A 1 82  ? 1.506   -3.505  5.115   1.00 8.64  ? 109 THR A C   1 
ATOM   609  O O   . THR A 1 82  ? 1.664   -3.570  6.345   1.00 8.62  ? 109 THR A O   1 
ATOM   610  C CB  . THR A 1 82  ? 3.485   -3.165  3.576   1.00 9.03  ? 109 THR A CB  1 
ATOM   611  O OG1 . THR A 1 82  ? 4.529   -3.882  2.902   1.00 9.20  ? 109 THR A OG1 1 
ATOM   612  C CG2 . THR A 1 82  ? 4.079   -2.271  4.645   1.00 9.54  ? 109 THR A CG2 1 
ATOM   613  N N   . ILE A 1 83  ? 0.493   -2.864  4.544   1.00 8.47  ? 110 ILE A N   1 
ATOM   614  C CA  . ILE A 1 83  ? -0.535  -2.173  5.355   1.00 8.65  ? 110 ILE A CA  1 
ATOM   615  C C   . ILE A 1 83  ? -1.271  -3.185  6.246   1.00 8.86  ? 110 ILE A C   1 
ATOM   616  O O   . ILE A 1 83  ? -1.498  -2.929  7.425   1.00 8.60  ? 110 ILE A O   1 
ATOM   617  C CB  . ILE A 1 83  ? -1.522  -1.377  4.466   1.00 9.15  ? 110 ILE A CB  1 
ATOM   618  C CG1 . ILE A 1 83  ? -0.756  -0.242  3.752   1.00 8.93  ? 110 ILE A CG1 1 
ATOM   619  C CG2 . ILE A 1 83  ? -2.670  -0.801  5.303   1.00 9.63  ? 110 ILE A CG2 1 
ATOM   620  C CD1 . ILE A 1 83  ? -1.509  0.475   2.643   1.00 9.12  ? 110 ILE A CD1 1 
ATOM   621  N N   . LYS A 1 84  ? -1.618  -4.317  5.662   1.00 8.77  ? 111 LYS A N   1 
ATOM   622  C CA  . LYS A 1 84  ? -2.256  -5.409  6.395   1.00 9.22  ? 111 LYS A CA  1 
ATOM   623  C C   . LYS A 1 84  ? -1.401  -5.848  7.574   1.00 9.38  ? 111 LYS A C   1 
ATOM   624  O O   . LYS A 1 84  ? -1.877  -5.945  8.693   1.00 9.46  ? 111 LYS A O   1 
ATOM   625  C CB  . LYS A 1 84  ? -2.518  -6.584  5.450   1.00 9.75  ? 111 LYS A CB  1 
ATOM   626  C CG  . LYS A 1 84  ? -3.230  -7.771  6.091   1.00 10.52 ? 111 LYS A CG  1 
ATOM   627  C CD  . LYS A 1 84  ? -3.596  -8.794  5.012   1.00 11.27 ? 111 LYS A CD  1 
ATOM   628  C CE  . LYS A 1 84  ? -4.209  -10.098 5.533   1.00 11.70 ? 111 LYS A CE  1 
ATOM   629  N NZ  . LYS A 1 84  ? -3.227  -10.895 6.295   1.00 12.20 ? 111 LYS A NZ  1 
ATOM   630  N N   . LYS A 1 85  ? -0.120  -6.084  7.331   1.00 9.51  ? 112 LYS A N   1 
ATOM   631  C CA  . LYS A 1 85  ? 0.781   -6.490  8.390   1.00 10.75 ? 112 LYS A CA  1 
ATOM   632  C C   . LYS A 1 85  ? 0.940   -5.424  9.464   1.00 10.26 ? 112 LYS A C   1 
ATOM   633  O O   . LYS A 1 85  ? 0.998   -5.741  10.670  1.00 9.78  ? 112 LYS A O   1 
ATOM   634  C CB  . LYS A 1 85  ? 2.148   -6.859  7.812   1.00 12.83 ? 112 LYS A CB  1 
ATOM   635  C CG  . LYS A 1 85  ? 2.152   -8.172  7.061   1.00 15.01 ? 112 LYS A CG  1 
ATOM   636  C CD  . LYS A 1 85  ? 3.502   -8.500  6.458   1.00 17.74 ? 112 LYS A CD  1 
ATOM   637  C CE  . LYS A 1 85  ? 3.509   -9.890  5.818   1.00 21.01 ? 112 LYS A CE  1 
ATOM   638  N NZ  . LYS A 1 85  ? 2.939   -10.955 6.718   1.00 23.74 ? 112 LYS A NZ  1 
ATOM   639  N N   . ARG A 1 86  ? 1.014   -4.162  9.051   1.00 9.61  ? 113 ARG A N   1 
ATOM   640  C CA  . ARG A 1 86  ? 1.098   -3.055  10.022  1.00 9.59  ? 113 ARG A CA  1 
ATOM   641  C C   . ARG A 1 86  ? -0.158  -2.991  10.910  1.00 10.15 ? 113 ARG A C   1 
ATOM   642  O O   . ARG A 1 86  ? -0.039  -2.868  12.122  1.00 10.41 ? 113 ARG A O   1 
ATOM   643  C CB  . ARG A 1 86  ? 1.342   -1.729  9.320   1.00 9.52  ? 113 ARG A CB  1 
ATOM   644  C CG  . ARG A 1 86  ? 2.737   -1.637  8.747   1.00 9.69  ? 113 ARG A CG  1 
ATOM   645  C CD  . ARG A 1 86  ? 2.992   -0.343  7.989   1.00 9.61  ? 113 ARG A CD  1 
ATOM   646  N NE  . ARG A 1 86  ? 4.417   -0.246  7.702   1.00 9.82  ? 113 ARG A NE  1 
ATOM   647  C CZ  . ARG A 1 86  ? 5.056   0.850   7.308   1.00 10.65 ? 113 ARG A CZ  1 
ATOM   648  N NH1 . ARG A 1 86  ? 4.402   1.976   7.056   1.00 10.99 ? 113 ARG A NH1 1 
ATOM   649  N NH2 . ARG A 1 86  ? 6.382   0.795   7.105   1.00 11.34 ? 113 ARG A NH2 1 
ATOM   650  N N   . LEU A 1 87  ? -1.341  -3.132  10.323  1.00 10.30 ? 114 LEU A N   1 
ATOM   651  C CA  . LEU A 1 87  ? -2.581  -3.247  11.120  1.00 11.01 ? 114 LEU A CA  1 
ATOM   652  C C   . LEU A 1 87  ? -2.546  -4.453  12.072  1.00 11.48 ? 114 LEU A C   1 
ATOM   653  O O   . LEU A 1 87  ? -2.790  -4.317  13.287  1.00 11.42 ? 114 LEU A O   1 
ATOM   654  C CB  . LEU A 1 87  ? -3.821  -3.304  10.227  1.00 11.26 ? 114 LEU A CB  1 
ATOM   655  C CG  . LEU A 1 87  ? -4.214  -1.977  9.555   1.00 11.88 ? 114 LEU A CG  1 
ATOM   656  C CD1 . LEU A 1 87  ? -5.123  -2.163  8.345   1.00 11.45 ? 114 LEU A CD1 1 
ATOM   657  C CD2 . LEU A 1 87  ? -4.868  -1.058  10.588  1.00 12.13 ? 114 LEU A CD2 1 
ATOM   658  N N   . GLU A 1 88  ? -2.131  -5.596  11.560  1.00 11.87 ? 115 GLU A N   1 
ATOM   659  C CA  . GLU A 1 88  ? -2.053  -6.797  12.399  1.00 12.39 ? 115 GLU A CA  1 
ATOM   660  C C   . GLU A 1 88  ? -1.098  -6.663  13.562  1.00 13.15 ? 115 GLU A C   1 
ATOM   661  O O   . GLU A 1 88  ? -1.362  -7.192  14.667  1.00 13.40 ? 115 GLU A O   1 
ATOM   662  C CB  . GLU A 1 88  ? -1.646  -8.009  11.553  1.00 12.65 ? 115 GLU A CB  1 
ATOM   663  C CG  . GLU A 1 88  ? -2.703  -8.392  10.541  1.00 12.66 ? 115 GLU A CG  1 
ATOM   664  C CD  . GLU A 1 88  ? -2.189  -9.235  9.392   1.00 12.81 ? 115 GLU A CD  1 
ATOM   665  O OE1 . GLU A 1 88  ? -0.970  -9.384  9.225   1.00 13.17 ? 115 GLU A OE1 1 
ATOM   666  O OE2 . GLU A 1 88  ? -3.039  -9.731  8.650   1.00 13.35 ? 115 GLU A OE2 1 
ATOM   667  N N   . ASN A 1 89  ? 0.020   -5.975  13.341  1.00 12.71 ? 116 ASN A N   1 
ATOM   668  C CA  . ASN A 1 89  ? 1.044   -5.799  14.356  1.00 14.03 ? 116 ASN A CA  1 
ATOM   669  C C   . ASN A 1 89  ? 0.857   -4.545  15.192  1.00 13.63 ? 116 ASN A C   1 
ATOM   670  O O   . ASN A 1 89  ? 1.734   -4.222  15.993  1.00 15.10 ? 116 ASN A O   1 
ATOM   671  C CB  . ASN A 1 89  ? 2.425   -5.774  13.706  1.00 15.20 ? 116 ASN A CB  1 
ATOM   672  C CG  . ASN A 1 89  ? 2.736   -7.052  12.966  1.00 16.40 ? 116 ASN A CG  1 
ATOM   673  O OD1 . ASN A 1 89  ? 2.138   -8.095  13.241  1.00 19.65 ? 116 ASN A OD1 1 
ATOM   674  N ND2 . ASN A 1 89  ? 3.685   -6.996  12.049  1.00 16.57 ? 116 ASN A ND2 1 
ATOM   675  N N   . ASN A 1 90  ? -0.258  -3.849  14.989  1.00 13.68 ? 117 ASN A N   1 
ATOM   676  C CA  . ASN A 1 90  ? -0.590  -2.627  15.723  1.00 14.31 ? 117 ASN A CA  1 
ATOM   677  C C   . ASN A 1 90  ? 0.495   -1.563  15.599  1.00 13.11 ? 117 ASN A C   1 
ATOM   678  O O   . ASN A 1 90  ? 0.842   -0.840  16.547  1.00 14.70 ? 117 ASN A O   1 
ATOM   679  C CB  . ASN A 1 90  ? -0.856  -3.006  17.178  1.00 15.03 ? 117 ASN A CB  1 
ATOM   680  C CG  . ASN A 1 90  ? -1.651  -1.963  17.912  1.00 16.90 ? 117 ASN A CG  1 
ATOM   681  O OD1 . ASN A 1 90  ? -2.742  -1.558  17.501  1.00 19.48 ? 117 ASN A OD1 1 
ATOM   682  N ND2 . ASN A 1 90  ? -1.081  -1.479  18.983  1.00 16.93 ? 117 ASN A ND2 1 
ATOM   683  N N   . TYR A 1 91  ? 1.061   -1.476  14.398  1.00 12.26 ? 118 TYR A N   1 
ATOM   684  C CA  . TYR A 1 91  ? 2.109   -0.522  14.075  1.00 11.78 ? 118 TYR A CA  1 
ATOM   685  C C   . TYR A 1 91  ? 1.580   0.927   14.057  1.00 10.82 ? 118 TYR A C   1 
ATOM   686  O O   . TYR A 1 91  ? 2.340   1.871   14.311  1.00 11.71 ? 118 TYR A O   1 
ATOM   687  C CB  . TYR A 1 91  ? 2.623   -0.908  12.690  1.00 11.36 ? 118 TYR A CB  1 
ATOM   688  C CG  . TYR A 1 91  ? 3.715   -0.078  12.110  1.00 12.37 ? 118 TYR A CG  1 
ATOM   689  C CD1 . TYR A 1 91  ? 5.028   -0.446  12.260  1.00 13.33 ? 118 TYR A CD1 1 
ATOM   690  C CD2 . TYR A 1 91  ? 3.424   1.039   11.340  1.00 13.13 ? 118 TYR A CD2 1 
ATOM   691  C CE1 . TYR A 1 91  ? 6.047   0.300   11.678  1.00 14.84 ? 118 TYR A CE1 1 
ATOM   692  C CE2 . TYR A 1 91  ? 4.422   1.783   10.768  1.00 14.68 ? 118 TYR A CE2 1 
ATOM   693  C CZ  . TYR A 1 91  ? 5.727   1.413   10.934  1.00 14.99 ? 118 TYR A CZ  1 
ATOM   694  O OH  . TYR A 1 91  ? 6.718   2.187   10.363  1.00 19.91 ? 118 TYR A OH  1 
ATOM   695  N N   . TYR A 1 92  ? 0.304   1.100   13.685  1.00 11.00 ? 119 TYR A N   1 
ATOM   696  C CA  . TYR A 1 92  ? -0.303  2.415   13.578  1.00 10.89 ? 119 TYR A CA  1 
ATOM   697  C C   . TYR A 1 92  ? -0.895  2.868   14.900  1.00 11.06 ? 119 TYR A C   1 
ATOM   698  O O   . TYR A 1 92  ? -1.517  2.078   15.627  1.00 11.62 ? 119 TYR A O   1 
ATOM   699  C CB  . TYR A 1 92  ? -1.406  2.443   12.552  1.00 10.73 ? 119 TYR A CB  1 
ATOM   700  C CG  . TYR A 1 92  ? -0.995  2.042   11.173  1.00 10.49 ? 119 TYR A CG  1 
ATOM   701  C CD1 . TYR A 1 92  ? -0.014  2.748   10.495  1.00 10.72 ? 119 TYR A CD1 1 
ATOM   702  C CD2 . TYR A 1 92  ? -1.635  0.979   10.514  1.00 10.82 ? 119 TYR A CD2 1 
ATOM   703  C CE1 . TYR A 1 92  ? 0.330   2.400   9.196   1.00 10.84 ? 119 TYR A CE1 1 
ATOM   704  C CE2 . TYR A 1 92  ? -1.294  0.637   9.226   1.00 11.31 ? 119 TYR A CE2 1 
ATOM   705  C CZ  . TYR A 1 92  ? -0.292  1.329   8.580   1.00 11.39 ? 119 TYR A CZ  1 
ATOM   706  O OH  . TYR A 1 92  ? 0.021   0.961   7.274   1.00 11.83 ? 119 TYR A OH  1 
ATOM   707  N N   . TRP A 1 93  ? -0.672  4.153   15.185  1.00 11.28 ? 120 TRP A N   1 
ATOM   708  C CA  . TRP A 1 93  ? -1.223  4.822   16.361  1.00 12.01 ? 120 TRP A CA  1 
ATOM   709  C C   . TRP A 1 93  ? -2.677  5.182   16.174  1.00 11.90 ? 120 TRP A C   1 
ATOM   710  O O   . TRP A 1 93  ? -3.428  5.220   17.146  1.00 13.14 ? 120 TRP A O   1 
ATOM   711  C CB  . TRP A 1 93  ? -0.462  6.106   16.639  1.00 12.62 ? 120 TRP A CB  1 
ATOM   712  C CG  . TRP A 1 93  ? 0.871   5.863   17.217  1.00 13.26 ? 120 TRP A CG  1 
ATOM   713  C CD1 . TRP A 1 93  ? 2.060   5.913   16.568  1.00 13.88 ? 120 TRP A CD1 1 
ATOM   714  C CD2 . TRP A 1 93  ? 1.162   5.517   18.578  1.00 14.67 ? 120 TRP A CD2 1 
ATOM   715  N NE1 . TRP A 1 93  ? 3.081   5.629   17.442  1.00 14.87 ? 120 TRP A NE1 1 
ATOM   716  C CE2 . TRP A 1 93  ? 2.557   5.384   18.680  1.00 14.16 ? 120 TRP A CE2 1 
ATOM   717  C CE3 . TRP A 1 93  ? 0.379   5.327   19.722  1.00 15.01 ? 120 TRP A CE3 1 
ATOM   718  C CZ2 . TRP A 1 93  ? 3.194   5.093   19.889  1.00 14.73 ? 120 TRP A CZ2 1 
ATOM   719  C CZ3 . TRP A 1 93  ? 1.014   5.000   20.923  1.00 15.98 ? 120 TRP A CZ3 1 
ATOM   720  C CH2 . TRP A 1 93  ? 2.409   4.881   20.982  1.00 15.23 ? 120 TRP A CH2 1 
ATOM   721  N N   . ASN A 1 94  ? -3.074  5.461   14.932  1.00 11.66 ? 121 ASN A N   1 
ATOM   722  C CA  . ASN A 1 94  ? -4.413  5.956   14.655  1.00 12.21 ? 121 ASN A CA  1 
ATOM   723  C C   . ASN A 1 94  ? -4.753  5.717   13.206  1.00 12.50 ? 121 ASN A C   1 
ATOM   724  O O   . ASN A 1 94  ? -3.881  5.324   12.415  1.00 13.08 ? 121 ASN A O   1 
ATOM   725  C CB  . ASN A 1 94  ? -4.534  7.448   15.004  1.00 13.51 ? 121 ASN A CB  1 
ATOM   726  C CG  . ASN A 1 94  ? -3.519  8.332   14.291  1.00 14.52 ? 121 ASN A CG  1 
ATOM   727  O OD1 . ASN A 1 94  ? -3.368  8.288   13.074  1.00 16.27 ? 121 ASN A OD1 1 
ATOM   728  N ND2 . ASN A 1 94  ? -2.827  9.170   15.064  1.00 16.17 ? 121 ASN A ND2 1 
ATOM   729  N N   . ALA A 1 95  ? -6.013  5.942   12.882  1.00 12.73 ? 122 ALA A N   1 
ATOM   730  C CA  . ALA A 1 95  ? -6.516  5.726   11.514  1.00 12.95 ? 122 ALA A CA  1 
ATOM   731  C C   . ALA A 1 95  ? -5.793  6.584   10.498  1.00 13.07 ? 122 ALA A C   1 
ATOM   732  O O   . ALA A 1 95  ? -5.565  6.150   9.381   1.00 12.86 ? 122 ALA A O   1 
ATOM   733  C CB  . ALA A 1 95  ? -8.018  5.971   11.451  1.00 13.43 ? 122 ALA A CB  1 
ATOM   734  N N   . GLN A 1 96  ? -5.448  7.815   10.867  1.00 13.45 ? 123 GLN A N   1 
ATOM   735  C CA  . GLN A 1 96  ? -4.802  8.702   9.917   1.00 15.19 ? 123 GLN A CA  1 
ATOM   736  C C   . GLN A 1 96  ? -3.463  8.161   9.414   1.00 14.05 ? 123 GLN A C   1 
ATOM   737  O O   . GLN A 1 96  ? -3.157  8.299   8.238   1.00 13.02 ? 123 GLN A O   1 
ATOM   738  C CB  . GLN A 1 96  ? -4.653  10.144  10.451  1.00 18.41 ? 123 GLN A CB  1 
ATOM   739  C CG  . GLN A 1 96  ? -4.079  11.149  9.439   1.00 22.16 ? 123 GLN A CG  1 
ATOM   740  C CD  . GLN A 1 96  ? -4.742  11.073  8.043   1.00 27.41 ? 123 GLN A CD  1 
ATOM   741  O OE1 . GLN A 1 96  ? -4.069  10.824  7.020   1.00 29.66 ? 123 GLN A OE1 1 
ATOM   742  N NE2 . GLN A 1 96  ? -6.076  11.231  8.010   1.00 30.70 ? 123 GLN A NE2 1 
ATOM   743  N N   . GLU A 1 97  ? -2.693  7.510   10.284  1.00 13.46 ? 124 GLU A N   1 
ATOM   744  C CA  . GLU A 1 97  ? -1.427  6.919   9.848   1.00 13.90 ? 124 GLU A CA  1 
ATOM   745  C C   . GLU A 1 97  ? -1.645  5.845   8.796   1.00 12.96 ? 124 GLU A C   1 
ATOM   746  O O   . GLU A 1 97  ? -0.903  5.740   7.825   1.00 12.94 ? 124 GLU A O   1 
ATOM   747  C CB  . GLU A 1 97  ? -0.676  6.330   11.032  1.00 15.02 ? 124 GLU A CB  1 
ATOM   748  C CG  . GLU A 1 97  ? -0.048  7.403   11.875  1.00 15.94 ? 124 GLU A CG  1 
ATOM   749  C CD  . GLU A 1 97  ? 0.996   6.852   12.792  1.00 17.18 ? 124 GLU A CD  1 
ATOM   750  O OE1 . GLU A 1 97  ? 0.728   5.784   13.382  1.00 17.99 ? 124 GLU A OE1 1 
ATOM   751  O OE2 . GLU A 1 97  ? 2.067   7.485   12.900  1.00 19.94 ? 124 GLU A OE2 1 
ATOM   752  N N   . CYS A 1 98  ? -2.662  5.036   9.019   1.00 12.07 ? 125 CYS A N   1 
ATOM   753  C CA  . CYS A 1 98  ? -3.021  3.990   8.081   1.00 11.99 ? 125 CYS A CA  1 
ATOM   754  C C   . CYS A 1 98  ? -3.459  4.576   6.752   1.00 11.39 ? 125 CYS A C   1 
ATOM   755  O O   . CYS A 1 98  ? -3.007  4.165   5.691   1.00 10.38 ? 125 CYS A O   1 
ATOM   756  C CB  . CYS A 1 98  ? -4.145  3.140   8.662   1.00 12.29 ? 125 CYS A CB  1 
ATOM   757  S SG  . CYS A 1 98  ? -4.637  1.778   7.600   1.00 13.56 ? 125 CYS A SG  1 
ATOM   758  N N   . ILE A 1 99  ? -4.349  5.547   6.840   1.00 11.02 ? 126 ILE A N   1 
ATOM   759  C CA  . ILE A 1 99  ? -4.827  6.247   5.651   1.00 11.54 ? 126 ILE A CA  1 
ATOM   760  C C   . ILE A 1 99  ? -3.666  6.869   4.861   1.00 11.07 ? 126 ILE A C   1 
ATOM   761  O O   . ILE A 1 99  ? -3.661  6.815   3.626   1.00 11.22 ? 126 ILE A O   1 
ATOM   762  C CB  . ILE A 1 99  ? -5.858  7.311   6.064   1.00 11.91 ? 126 ILE A CB  1 
ATOM   763  C CG1 . ILE A 1 99  ? -7.155  6.611   6.488   1.00 11.82 ? 126 ILE A CG1 1 
ATOM   764  C CG2 . ILE A 1 99  ? -6.128  8.284   4.926   1.00 11.74 ? 126 ILE A CG2 1 
ATOM   765  C CD1 . ILE A 1 99  ? -8.053  7.466   7.366   1.00 12.61 ? 126 ILE A CD1 1 
ATOM   766  N N   . GLN A 1 100 ? -2.686  7.430   5.565   1.00 11.69 ? 127 GLN A N   1 
ATOM   767  C CA  . GLN A 1 100 ? -1.502  7.990   4.912   1.00 12.71 ? 127 GLN A CA  1 
ATOM   768  C C   . GLN A 1 100 ? -0.749  6.929   4.107   1.00 11.79 ? 127 GLN A C   1 
ATOM   769  O O   . GLN A 1 100 ? -0.260  7.202   3.022   1.00 12.28 ? 127 GLN A O   1 
ATOM   770  C CB  . GLN A 1 100 ? -0.578  8.657   5.946   1.00 15.03 ? 127 GLN A CB  1 
ATOM   771  C CG  . GLN A 1 100 ? 0.664   9.320   5.348   1.00 19.04 ? 127 GLN A CG  1 
ATOM   772  C CD  . GLN A 1 100 ? 1.643   9.742   6.430   1.00 24.29 ? 127 GLN A CD  1 
ATOM   773  O OE1 . GLN A 1 100 ? 1.503   10.816  7.024   1.00 30.84 ? 127 GLN A OE1 1 
ATOM   774  N NE2 . GLN A 1 100 ? 2.645   8.887   6.697   1.00 27.90 ? 127 GLN A NE2 1 
ATOM   775  N N   . ASP A 1 101 ? -0.630  5.720   4.655   1.00 11.28 ? 128 ASP A N   1 
ATOM   776  C CA  . ASP A 1 101 ? 0.016   4.645   3.935   1.00 10.46 ? 128 ASP A CA  1 
ATOM   777  C C   . ASP A 1 101 ? -0.758  4.236   2.672   1.00 10.13 ? 128 ASP A C   1 
ATOM   778  O O   . ASP A 1 101 ? -0.179  3.957   1.660   1.00 9.21  ? 128 ASP A O   1 
ATOM   779  C CB  . ASP A 1 101 ? 0.242   3.440   4.841   1.00 10.73 ? 128 ASP A CB  1 
ATOM   780  C CG  . ASP A 1 101 ? 1.534   3.518   5.623   1.00 11.24 ? 128 ASP A CG  1 
ATOM   781  O OD1 . ASP A 1 101 ? 2.327   4.477   5.464   1.00 12.06 ? 128 ASP A OD1 1 
ATOM   782  O OD2 . ASP A 1 101 ? 1.778   2.569   6.400   1.00 11.96 ? 128 ASP A OD2 1 
ATOM   783  N N   . PHE A 1 102 ? -2.082  4.190   2.750   1.00 9.70  ? 129 PHE A N   1 
ATOM   784  C CA  . PHE A 1 102 ? -2.883  3.968   1.552   1.00 10.21 ? 129 PHE A CA  1 
ATOM   785  C C   . PHE A 1 102 ? -2.632  5.071   0.524   1.00 10.44 ? 129 PHE A C   1 
ATOM   786  O O   . PHE A 1 102 ? -2.453  4.790   -0.653  1.00 10.91 ? 129 PHE A O   1 
ATOM   787  C CB  . PHE A 1 102 ? -4.376  3.871   1.875   1.00 10.53 ? 129 PHE A CB  1 
ATOM   788  C CG  . PHE A 1 102 ? -4.838  2.485   2.230   1.00 11.43 ? 129 PHE A CG  1 
ATOM   789  C CD1 . PHE A 1 102 ? -5.055  1.562   1.221   1.00 11.70 ? 129 PHE A CD1 1 
ATOM   790  C CD2 . PHE A 1 102 ? -5.062  2.109   3.569   1.00 11.94 ? 129 PHE A CD2 1 
ATOM   791  C CE1 . PHE A 1 102 ? -5.503  0.276   1.529   1.00 12.49 ? 129 PHE A CE1 1 
ATOM   792  C CE2 . PHE A 1 102 ? -5.543  0.829   3.874   1.00 12.51 ? 129 PHE A CE2 1 
ATOM   793  C CZ  . PHE A 1 102 ? -5.724  -0.085  2.848   1.00 12.55 ? 129 PHE A CZ  1 
ATOM   794  N N   . ASN A 1 103 ? -2.570  6.318   0.980   1.00 10.75 ? 130 ASN A N   1 
ATOM   795  C CA  . ASN A 1 103 ? -2.305  7.424   0.105   1.00 11.78 ? 130 ASN A CA  1 
ATOM   796  C C   . ASN A 1 103 ? -0.924  7.341   -0.550  1.00 11.20 ? 130 ASN A C   1 
ATOM   797  O O   . ASN A 1 103 ? -0.784  7.602   -1.748  1.00 11.59 ? 130 ASN A O   1 
ATOM   798  C CB  . ASN A 1 103 ? -2.477  8.752   0.836   1.00 13.27 ? 130 ASN A CB  1 
ATOM   799  C CG  . ASN A 1 103 ? -2.255  9.936   -0.083  1.00 15.86 ? 130 ASN A CG  1 
ATOM   800  O OD1 . ASN A 1 103 ? -3.120  10.282  -0.891  1.00 19.13 ? 130 ASN A OD1 1 
ATOM   801  N ND2 . ASN A 1 103 ? -1.078  10.519  -0.013  1.00 17.00 ? 130 ASN A ND2 1 
ATOM   802  N N   . THR A 1 104 ? 0.084   6.945   0.218   1.00 10.34 ? 131 THR A N   1 
ATOM   803  C CA  . THR A 1 104 ? 1.426   6.688   -0.317  1.00 10.18 ? 131 THR A CA  1 
ATOM   804  C C   . THR A 1 104 ? 1.406   5.601   -1.386  1.00 9.68  ? 131 THR A C   1 
ATOM   805  O O   . THR A 1 104 ? 1.994   5.759   -2.444  1.00 9.74  ? 131 THR A O   1 
ATOM   806  C CB  . THR A 1 104 ? 2.403   6.331   0.809   1.00 10.31 ? 131 THR A CB  1 
ATOM   807  O OG1 . THR A 1 104 ? 2.493   7.449   1.703   1.00 11.34 ? 131 THR A OG1 1 
ATOM   808  C CG2 . THR A 1 104 ? 3.778   6.002   0.265   1.00 10.57 ? 131 THR A CG2 1 
ATOM   809  N N   . MET A 1 105 ? 0.661   4.539   -1.159  1.00 9.07  ? 132 MET A N   1 
ATOM   810  C CA  . MET A 1 105 ? 0.547   3.472   -2.152  1.00 9.29  ? 132 MET A CA  1 
ATOM   811  C C   . MET A 1 105 ? -0.055  3.948   -3.475  1.00 9.18  ? 132 MET A C   1 
ATOM   812  O O   . MET A 1 105 ? 0.487   3.694   -4.555  1.00 8.68  ? 132 MET A O   1 
ATOM   813  C CB  . MET A 1 105 ? -0.313  2.353   -1.588  1.00 9.32  ? 132 MET A CB  1 
ATOM   814  C CG  . MET A 1 105 ? -0.437  1.156   -2.513  1.00 9.50  ? 132 MET A CG  1 
ATOM   815  S SD  . MET A 1 105 ? -1.499  -0.125  -1.839  1.00 9.84  ? 132 MET A SD  1 
ATOM   816  C CE  . MET A 1 105 ? -3.093  0.676   -1.873  1.00 11.07 ? 132 MET A CE  1 
ATOM   817  N N   . PHE A 1 106 ? -1.169  4.664   -3.381  1.00 9.29  ? 133 PHE A N   1 
ATOM   818  C CA  . PHE A 1 106 ? -1.849  5.120   -4.589  1.00 9.76  ? 133 PHE A CA  1 
ATOM   819  C C   . PHE A 1 106 ? -0.983  6.160   -5.307  1.00 9.92  ? 133 PHE A C   1 
ATOM   820  O O   . PHE A 1 106 ? -0.812  6.077   -6.513  1.00 9.56  ? 133 PHE A O   1 
ATOM   821  C CB  . PHE A 1 106 ? -3.226  5.693   -4.262  1.00 10.17 ? 133 PHE A CB  1 
ATOM   822  C CG  . PHE A 1 106 ? -4.180  4.679   -3.717  1.00 10.68 ? 133 PHE A CG  1 
ATOM   823  C CD1 . PHE A 1 106 ? -4.444  3.520   -4.420  1.00 11.57 ? 133 PHE A CD1 1 
ATOM   824  C CD2 . PHE A 1 106 ? -4.869  4.916   -2.541  1.00 10.98 ? 133 PHE A CD2 1 
ATOM   825  C CE1 . PHE A 1 106 ? -5.338  2.582   -3.934  1.00 11.64 ? 133 PHE A CE1 1 
ATOM   826  C CE2 . PHE A 1 106 ? -5.757  3.987   -2.049  1.00 11.61 ? 133 PHE A CE2 1 
ATOM   827  C CZ  . PHE A 1 106 ? -5.983  2.807   -2.737  1.00 11.53 ? 133 PHE A CZ  1 
ATOM   828  N N   . THR A 1 107 ? -0.484  7.138   -4.572  1.00 10.49 ? 134 THR A N   1 
ATOM   829  C CA  . THR A 1 107 ? 0.316   8.199   -5.184  1.00 10.27 ? 134 THR A CA  1 
ATOM   830  C C   . THR A 1 107 ? 1.611   7.654   -5.754  1.00 10.10 ? 134 THR A C   1 
ATOM   831  O O   . THR A 1 107 ? 2.051   8.137   -6.797  1.00 9.51  ? 134 THR A O   1 
ATOM   832  C CB  . THR A 1 107 ? 0.578   9.412   -4.255  1.00 10.62 ? 134 THR A CB  1 
ATOM   833  O OG1 . THR A 1 107 ? 1.219   8.993   -3.060  1.00 11.74 ? 134 THR A OG1 1 
ATOM   834  C CG2 . THR A 1 107 ? -0.706  10.116  -3.891  1.00 11.23 ? 134 THR A CG2 1 
ATOM   835  N N   . ASN A 1 108 ? 2.214   6.632   -5.138  1.00 9.55  ? 135 ASN A N   1 
ATOM   836  C CA  . ASN A 1 108 ? 3.395   6.024   -5.759  1.00 9.24  ? 135 ASN A CA  1 
ATOM   837  C C   . ASN A 1 108 ? 3.058   5.532   -7.153  1.00 9.08  ? 135 ASN A C   1 
ATOM   838  O O   . ASN A 1 108 ? 3.853   5.655   -8.055  1.00 8.60  ? 135 ASN A O   1 
ATOM   839  C CB  . ASN A 1 108 ? 3.925   4.833   -4.976  1.00 9.65  ? 135 ASN A CB  1 
ATOM   840  C CG  . ASN A 1 108 ? 4.628   5.214   -3.703  1.00 10.03 ? 135 ASN A CG  1 
ATOM   841  O OD1 . ASN A 1 108 ? 5.008   6.357   -3.491  1.00 10.24 ? 135 ASN A OD1 1 
ATOM   842  N ND2 . ASN A 1 108 ? 4.826   4.215   -2.837  1.00 10.09 ? 135 ASN A ND2 1 
ATOM   843  N N   . CYS A 1 109 ? 1.888   4.935   -7.317  1.00 9.29  ? 136 CYS A N   1 
ATOM   844  C CA  . CYS A 1 109 ? 1.469   4.441   -8.604  1.00 9.02  ? 136 CYS A CA  1 
ATOM   845  C C   . CYS A 1 109 ? 1.358   5.591   -9.613  1.00 8.73  ? 136 CYS A C   1 
ATOM   846  O O   . CYS A 1 109 ? 1.811   5.468   -10.762 1.00 9.00  ? 136 CYS A O   1 
ATOM   847  C CB  . CYS A 1 109 ? 0.155   3.670   -8.465  1.00 9.72  ? 136 CYS A CB  1 
ATOM   848  S SG  . CYS A 1 109 ? -0.396  2.874   -9.961  1.00 10.04 ? 136 CYS A SG  1 
ATOM   849  N N   . TYR A 1 110 ? 0.775   6.694   -9.160  1.00 9.06  ? 137 TYR A N   1 
ATOM   850  C CA  . TYR A 1 110 ? 0.593   7.876   -10.004 1.00 9.18  ? 137 TYR A CA  1 
ATOM   851  C C   . TYR A 1 110 ? 1.940   8.531   -10.342 1.00 9.16  ? 137 TYR A C   1 
ATOM   852  O O   . TYR A 1 110 ? 2.106   9.071   -11.432 1.00 9.74  ? 137 TYR A O   1 
ATOM   853  C CB  . TYR A 1 110 ? -0.342  8.872   -9.341  1.00 9.39  ? 137 TYR A CB  1 
ATOM   854  C CG  . TYR A 1 110 ? -1.678  8.323   -8.863  1.00 9.75  ? 137 TYR A CG  1 
ATOM   855  C CD1 . TYR A 1 110 ? -2.272  7.232   -9.487  1.00 9.89  ? 137 TYR A CD1 1 
ATOM   856  C CD2 . TYR A 1 110 ? -2.347  8.914   -7.794  1.00 9.97  ? 137 TYR A CD2 1 
ATOM   857  C CE1 . TYR A 1 110 ? -3.493  6.741   -9.053  1.00 10.46 ? 137 TYR A CE1 1 
ATOM   858  C CE2 . TYR A 1 110 ? -3.572  8.407   -7.341  1.00 10.44 ? 137 TYR A CE2 1 
ATOM   859  C CZ  . TYR A 1 110 ? -4.150  7.337   -8.003  1.00 10.82 ? 137 TYR A CZ  1 
ATOM   860  O OH  . TYR A 1 110 ? -5.377  6.804   -7.573  1.00 11.24 ? 137 TYR A OH  1 
ATOM   861  N N   . ILE A 1 111 ? 2.868   8.482   -9.417  1.00 8.34  ? 138 ILE A N   1 
ATOM   862  C CA  . ILE A 1 111 ? 4.204   9.063   -9.613  1.00 8.55  ? 138 ILE A CA  1 
ATOM   863  C C   . ILE A 1 111 ? 4.976   8.301   -10.674 1.00 9.05  ? 138 ILE A C   1 
ATOM   864  O O   . ILE A 1 111 ? 5.550   8.882   -11.599 1.00 9.33  ? 138 ILE A O   1 
ATOM   865  C CB  . ILE A 1 111 ? 4.978   9.079   -8.287  1.00 8.66  ? 138 ILE A CB  1 
ATOM   866  C CG1 . ILE A 1 111 ? 4.406   10.145  -7.353  1.00 8.96  ? 138 ILE A CG1 1 
ATOM   867  C CG2 . ILE A 1 111 ? 6.455   9.357   -8.533  1.00 9.11  ? 138 ILE A CG2 1 
ATOM   868  C CD1 . ILE A 1 111 ? 4.824   10.008  -5.905  1.00 9.02  ? 138 ILE A CD1 1 
ATOM   869  N N   . TYR A 1 112 ? 4.994   6.978   -10.532 1.00 9.64  ? 139 TYR A N   1 
ATOM   870  C CA  . TYR A 1 112 ? 5.850   6.141   -11.365 1.00 9.80  ? 139 TYR A CA  1 
ATOM   871  C C   . TYR A 1 112 ? 5.301   6.005   -12.783 1.00 10.46 ? 139 TYR A C   1 
ATOM   872  O O   . TYR A 1 112 ? 6.056   6.044   -13.785 1.00 11.69 ? 139 TYR A O   1 
ATOM   873  C CB  . TYR A 1 112 ? 6.079   4.748   -10.752 1.00 9.95  ? 139 TYR A CB  1 
ATOM   874  C CG  . TYR A 1 112 ? 7.024   3.945   -11.590 1.00 10.98 ? 139 TYR A CG  1 
ATOM   875  C CD1 . TYR A 1 112 ? 8.395   4.228   -11.594 1.00 11.41 ? 139 TYR A CD1 1 
ATOM   876  C CD2 . TYR A 1 112 ? 6.551   2.968   -12.449 1.00 11.69 ? 139 TYR A CD2 1 
ATOM   877  C CE1 . TYR A 1 112 ? 9.265   3.537   -12.422 1.00 12.61 ? 139 TYR A CE1 1 
ATOM   878  C CE2 . TYR A 1 112 ? 7.421   2.264   -13.262 1.00 13.07 ? 139 TYR A CE2 1 
ATOM   879  C CZ  . TYR A 1 112 ? 8.772   2.556   -13.244 1.00 13.48 ? 139 TYR A CZ  1 
ATOM   880  O OH  . TYR A 1 112 ? 9.615   1.861   -14.071 1.00 16.29 ? 139 TYR A OH  1 
ATOM   881  N N   . ASN A 1 113 ? 3.988   5.860   -12.886 1.00 11.14 ? 140 ASN A N   1 
ATOM   882  C CA  . ASN A 1 113 ? 3.342   5.510   -14.132 1.00 11.58 ? 140 ASN A CA  1 
ATOM   883  C C   . ASN A 1 113 ? 2.788   6.711   -14.840 1.00 13.24 ? 140 ASN A C   1 
ATOM   884  O O   . ASN A 1 113 ? 2.748   7.796   -14.285 1.00 14.86 ? 140 ASN A O   1 
ATOM   885  C CB  . ASN A 1 113 ? 2.259   4.462   -13.871 1.00 11.03 ? 140 ASN A CB  1 
ATOM   886  C CG  . ASN A 1 113 ? 2.842   3.197   -13.291 1.00 10.69 ? 140 ASN A CG  1 
ATOM   887  O OD1 . ASN A 1 113 ? 3.499   2.425   -14.017 1.00 10.85 ? 140 ASN A OD1 1 
ATOM   888  N ND2 . ASN A 1 113 ? 2.707   3.018   -11.975 1.00 9.93  ? 140 ASN A ND2 1 
ATOM   889  N N   . LYS A 1 114 ? 2.448   6.534   -16.103 1.00 14.83 ? 141 LYS A N   1 
ATOM   890  C CA  . LYS A 1 114 ? 1.853   7.640   -16.837 1.00 16.38 ? 141 LYS A CA  1 
ATOM   891  C C   . LYS A 1 114 ? 0.347   7.700   -16.578 1.00 14.44 ? 141 LYS A C   1 
ATOM   892  O O   . LYS A 1 114 ? -0.283  6.651   -16.409 1.00 13.46 ? 141 LYS A O   1 
ATOM   893  C CB  . LYS A 1 114 ? 2.208   7.557   -18.308 1.00 19.36 ? 141 LYS A CB  1 
ATOM   894  C CG  . LYS A 1 114 ? 3.662   8.010   -18.524 1.00 23.57 ? 141 LYS A CG  1 
ATOM   895  C CD  . LYS A 1 114 ? 4.363   7.203   -19.584 1.00 27.85 ? 141 LYS A CD  1 
ATOM   896  C CE  . LYS A 1 114 ? 5.853   7.520   -19.574 1.00 30.01 ? 141 LYS A CE  1 
ATOM   897  N NZ  . LYS A 1 114 ? 6.549   6.947   -20.763 1.00 34.24 ? 141 LYS A NZ  1 
ATOM   898  N N   . PRO A 1 115 ? -0.220  8.924   -16.551 1.00 12.82 ? 142 PRO A N   1 
ATOM   899  C CA  . PRO A 1 115 ? -1.628  9.101   -16.220 1.00 12.34 ? 142 PRO A CA  1 
ATOM   900  C C   . PRO A 1 115 ? -2.593  8.201   -17.011 1.00 11.56 ? 142 PRO A C   1 
ATOM   901  O O   . PRO A 1 115 ? -3.619  7.828   -16.450 1.00 11.36 ? 142 PRO A O   1 
ATOM   902  C CB  . PRO A 1 115 ? -1.872  10.577  -16.506 1.00 12.50 ? 142 PRO A CB  1 
ATOM   903  C CG  . PRO A 1 115 ? -0.563  11.200  -16.172 1.00 12.86 ? 142 PRO A CG  1 
ATOM   904  C CD  . PRO A 1 115 ? 0.466   10.233  -16.639 1.00 12.56 ? 142 PRO A CD  1 
ATOM   905  N N   . GLY A 1 116 ? -2.280  7.857   -18.271 1.00 11.59 ? 143 GLY A N   1 
ATOM   906  C CA  . GLY A 1 116 ? -3.158  7.021   -19.101 1.00 11.72 ? 143 GLY A CA  1 
ATOM   907  C C   . GLY A 1 116 ? -2.984  5.515   -18.992 1.00 11.40 ? 143 GLY A C   1 
ATOM   908  O O   . GLY A 1 116 ? -3.666  4.750   -19.696 1.00 11.48 ? 143 GLY A O   1 
ATOM   909  N N   . ASP A 1 117 ? -2.096  5.062   -18.107 1.00 11.05 ? 144 ASP A N   1 
ATOM   910  C CA  . ASP A 1 117 ? -1.743  3.634   -18.032 1.00 11.38 ? 144 ASP A CA  1 
ATOM   911  C C   . ASP A 1 117 ? -2.841  2.799   -17.363 1.00 10.53 ? 144 ASP A C   1 
ATOM   912  O O   . ASP A 1 117 ? -3.546  3.278   -16.453 1.00 10.55 ? 144 ASP A O   1 
ATOM   913  C CB  . ASP A 1 117 ? -0.438  3.439   -17.236 1.00 12.66 ? 144 ASP A CB  1 
ATOM   914  C CG  . ASP A 1 117 ? 0.827   3.905   -18.001 1.00 14.40 ? 144 ASP A CG  1 
ATOM   915  O OD1 . ASP A 1 117 ? 0.757   4.205   -19.233 1.00 15.03 ? 144 ASP A OD1 1 
ATOM   916  O OD2 . ASP A 1 117 ? 1.914   3.943   -17.357 1.00 14.88 ? 144 ASP A OD2 1 
ATOM   917  N N   . ASP A 1 118 ? -2.964  1.545   -17.794 1.00 10.49 ? 145 ASP A N   1 
ATOM   918  C CA  . ASP A 1 118 ? -3.921  0.609   -17.197 1.00 10.56 ? 145 ASP A CA  1 
ATOM   919  C C   . ASP A 1 118 ? -3.755  0.551   -15.662 1.00 9.54  ? 145 ASP A C   1 
ATOM   920  O O   . ASP A 1 118 ? -4.734  0.587   -14.919 1.00 9.73  ? 145 ASP A O   1 
ATOM   921  C CB  . ASP A 1 118 ? -3.765  -0.814  -17.734 1.00 11.40 ? 145 ASP A CB  1 
ATOM   922  C CG  . ASP A 1 118 ? -4.127  -0.959  -19.224 1.00 12.65 ? 145 ASP A CG  1 
ATOM   923  O OD1 . ASP A 1 118 ? -4.717  -0.020  -19.813 1.00 13.28 ? 145 ASP A OD1 1 
ATOM   924  O OD2 . ASP A 1 118 ? -3.823  -2.062  -19.800 1.00 15.20 ? 145 ASP A OD2 1 
ATOM   925  N N   . ILE A 1 119 ? -2.523  0.446   -15.187 1.00 9.30  ? 146 ILE A N   1 
ATOM   926  C CA  . ILE A 1 119 ? -2.300  0.325   -13.735 1.00 8.74  ? 146 ILE A CA  1 
ATOM   927  C C   . ILE A 1 119 ? -2.860  1.547   -12.965 1.00 8.97  ? 146 ILE A C   1 
ATOM   928  O O   . ILE A 1 119 ? -3.281  1.437   -11.810 1.00 8.81  ? 146 ILE A O   1 
ATOM   929  C CB  . ILE A 1 119 ? -0.810  0.057   -13.401 1.00 8.94  ? 146 ILE A CB  1 
ATOM   930  C CG1 . ILE A 1 119 ? -0.600  -0.409  -11.950 1.00 8.67  ? 146 ILE A CG1 1 
ATOM   931  C CG2 . ILE A 1 119 ? 0.025   1.307   -13.630 1.00 8.81  ? 146 ILE A CG2 1 
ATOM   932  C CD1 . ILE A 1 119 ? -1.101  -1.789  -11.671 1.00 9.14  ? 146 ILE A CD1 1 
ATOM   933  N N   . VAL A 1 120 ? -2.820  2.726   -13.594 1.00 8.25  ? 147 VAL A N   1 
ATOM   934  C CA  . VAL A 1 120 ? -3.321  3.941   -12.974 1.00 8.57  ? 147 VAL A CA  1 
ATOM   935  C C   . VAL A 1 120 ? -4.839  3.930   -12.892 1.00 9.08  ? 147 VAL A C   1 
ATOM   936  O O   . VAL A 1 120 ? -5.390  4.359   -11.873 1.00 9.48  ? 147 VAL A O   1 
ATOM   937  C CB  . VAL A 1 120 ? -2.773  5.199   -13.701 1.00 8.68  ? 147 VAL A CB  1 
ATOM   938  C CG1 . VAL A 1 120 ? -3.493  6.477   -13.249 1.00 8.65  ? 147 VAL A CG1 1 
ATOM   939  C CG2 . VAL A 1 120 ? -1.279  5.331   -13.462 1.00 9.25  ? 147 VAL A CG2 1 
ATOM   940  N N   . LEU A 1 121 ? -5.506  3.420   -13.936 1.00 9.26  ? 148 LEU A N   1 
ATOM   941  C CA  . LEU A 1 121 ? -6.958  3.214   -13.853 1.00 9.79  ? 148 LEU A CA  1 
ATOM   942  C C   . LEU A 1 121 ? -7.286  2.322   -12.671 1.00 9.30  ? 148 LEU A C   1 
ATOM   943  O O   . LEU A 1 121 ? -8.219  2.587   -11.911 1.00 9.58  ? 148 LEU A O   1 
ATOM   944  C CB  . LEU A 1 121 ? -7.503  2.603   -15.134 1.00 10.42 ? 148 LEU A CB  1 
ATOM   945  C CG  . LEU A 1 121 ? -9.011  2.326   -15.127 1.00 11.70 ? 148 LEU A CG  1 
ATOM   946  C CD1 . LEU A 1 121 ? -9.598  2.448   -16.535 1.00 13.13 ? 148 LEU A CD1 1 
ATOM   947  C CD2 . LEU A 1 121 ? -9.330  0.951   -14.591 1.00 12.49 ? 148 LEU A CD2 1 
ATOM   948  N N   . MET A 1 122 ? -6.532  1.247   -12.521 1.00 8.88  ? 149 MET A N   1 
ATOM   949  C CA  . MET A 1 122 ? -6.798  0.302   -11.426 1.00 8.88  ? 149 MET A CA  1 
ATOM   950  C C   . MET A 1 122 ? -6.607  0.981   -10.076 1.00 8.96  ? 149 MET A C   1 
ATOM   951  O O   . MET A 1 122 ? -7.441  0.876   -9.173  1.00 8.97  ? 149 MET A O   1 
ATOM   952  C CB  . MET A 1 122 ? -5.896  -0.909  -11.573 1.00 9.10  ? 149 MET A CB  1 
ATOM   953  C CG  . MET A 1 122 ? -6.197  -1.747  -12.820 1.00 9.74  ? 149 MET A CG  1 
ATOM   954  S SD  . MET A 1 122 ? -5.037  -3.082  -13.132 1.00 11.37 ? 149 MET A SD  1 
ATOM   955  C CE  . MET A 1 122 ? -5.684  -4.363  -12.047 1.00 10.94 ? 149 MET A CE  1 
ATOM   956  N N   . ALA A 1 123 ? -5.546  1.767   -9.949  1.00 8.68  ? 150 ALA A N   1 
ATOM   957  C CA  . ALA A 1 123 ? -5.258  2.463   -8.701  1.00 8.71  ? 150 ALA A CA  1 
ATOM   958  C C   . ALA A 1 123 ? -6.365  3.476   -8.379  1.00 8.90  ? 150 ALA A C   1 
ATOM   959  O O   . ALA A 1 123 ? -6.830  3.558   -7.248  1.00 8.83  ? 150 ALA A O   1 
ATOM   960  C CB  . ALA A 1 123 ? -3.921  3.178   -8.817  1.00 8.60  ? 150 ALA A CB  1 
ATOM   961  N N   . GLU A 1 124 ? -6.785  4.224   -9.404  1.00 8.93  ? 151 GLU A N   1 
ATOM   962  C CA  . GLU A 1 124 ? -7.847  5.218   -9.235  1.00 9.53  ? 151 GLU A CA  1 
ATOM   963  C C   . GLU A 1 124 ? -9.152  4.562   -8.750  1.00 9.75  ? 151 GLU A C   1 
ATOM   964  O O   . GLU A 1 124 ? -9.822  5.117   -7.887  1.00 9.75  ? 151 GLU A O   1 
ATOM   965  C CB  . GLU A 1 124 ? -8.073  6.001   -10.523 1.00 9.75  ? 151 GLU A CB  1 
ATOM   966  C CG  . GLU A 1 124 ? -6.965  7.002   -10.825 1.00 10.51 ? 151 GLU A CG  1 
ATOM   967  C CD  . GLU A 1 124 ? -7.173  7.723   -12.144 1.00 11.31 ? 151 GLU A CD  1 
ATOM   968  O OE1 . GLU A 1 124 ? -8.166  7.458   -12.853 1.00 12.67 ? 151 GLU A OE1 1 
ATOM   969  O OE2 . GLU A 1 124 ? -6.336  8.576   -12.452 1.00 11.88 ? 151 GLU A OE2 1 
ATOM   970  N N   . ALA A 1 125 ? -9.475  3.390   -9.291  1.00 10.12 ? 152 ALA A N   1 
ATOM   971  C CA  . ALA A 1 125 ? -10.740 2.706   -8.933  1.00 10.40 ? 152 ALA A CA  1 
ATOM   972  C C   . ALA A 1 125 ? -10.642 2.233   -7.500  1.00 10.98 ? 152 ALA A C   1 
ATOM   973  O O   . ALA A 1 125 ? -11.576 2.394   -6.742  1.00 10.92 ? 152 ALA A O   1 
ATOM   974  C CB  . ALA A 1 125 ? -11.024 1.528   -9.828  1.00 10.92 ? 152 ALA A CB  1 
ATOM   975  N N   . LEU A 1 126 ? -9.489  1.689   -7.129  1.00 11.06 ? 153 LEU A N   1 
ATOM   976  C CA  . LEU A 1 126 ? -9.246  1.273   -5.745  1.00 12.33 ? 153 LEU A CA  1 
ATOM   977  C C   . LEU A 1 126 ? -9.275  2.439   -4.769  1.00 12.37 ? 153 LEU A C   1 
ATOM   978  O O   . LEU A 1 126 ? -9.871  2.343   -3.690  1.00 12.58 ? 153 LEU A O   1 
ATOM   979  C CB  . LEU A 1 126 ? -7.915  0.532   -5.642  1.00 13.95 ? 153 LEU A CB  1 
ATOM   980  C CG  . LEU A 1 126 ? -7.901  -0.845  -6.235  1.00 16.15 ? 153 LEU A CG  1 
ATOM   981  C CD1 . LEU A 1 126 ? -6.443  -1.278  -6.281  1.00 16.91 ? 153 LEU A CD1 1 
ATOM   982  C CD2 . LEU A 1 126 ? -8.775  -1.773  -5.382  1.00 16.77 ? 153 LEU A CD2 1 
ATOM   983  N N   . GLU A 1 127 ? -8.649  3.557   -5.138  1.00 11.67 ? 154 GLU A N   1 
ATOM   984  C CA  . GLU A 1 127 ? -8.645  4.749   -4.318  1.00 12.78 ? 154 GLU A CA  1 
ATOM   985  C C   . GLU A 1 127 ? -10.044 5.295   -4.087  1.00 13.49 ? 154 GLU A C   1 
ATOM   986  O O   . GLU A 1 127 ? -10.374 5.717   -2.982  1.00 12.61 ? 154 GLU A O   1 
ATOM   987  C CB  . GLU A 1 127 ? -7.738  5.828   -4.939  1.00 13.77 ? 154 GLU A CB  1 
ATOM   988  C CG  . GLU A 1 127 ? -7.652  7.089   -4.110  1.00 14.33 ? 154 GLU A CG  1 
ATOM   989  C CD  . GLU A 1 127 ? -6.703  8.089   -4.718  1.00 14.81 ? 154 GLU A CD  1 
ATOM   990  O OE1 . GLU A 1 127 ? -6.793  8.316   -5.948  1.00 14.91 ? 154 GLU A OE1 1 
ATOM   991  O OE2 . GLU A 1 127 ? -5.889  8.624   -3.959  1.00 17.91 ? 154 GLU A OE2 1 
ATOM   992  N N   . LYS A 1 128 ? -10.851 5.288   -5.135  1.00 13.59 ? 155 LYS A N   1 
ATOM   993  C CA  . LYS A 1 128 ? -12.220 5.762   -5.008  1.00 15.56 ? 155 LYS A CA  1 
ATOM   994  C C   . LYS A 1 128 ? -12.984 4.898   -4.005  1.00 14.45 ? 155 LYS A C   1 
ATOM   995  O O   . LYS A 1 128 ? -13.699 5.439   -3.164  1.00 13.86 ? 155 LYS A O   1 
ATOM   996  C CB  . LYS A 1 128 ? -12.925 5.804   -6.370  1.00 18.47 ? 155 LYS A CB  1 
ATOM   997  C CG  . LYS A 1 128 ? -14.336 6.303   -6.199  1.00 22.22 ? 155 LYS A CG  1 
ATOM   998  C CD  . LYS A 1 128 ? -14.985 6.906   -7.420  1.00 25.51 ? 155 LYS A CD  1 
ATOM   999  C CE  . LYS A 1 128 ? -16.479 7.112   -7.122  1.00 27.81 ? 155 LYS A CE  1 
ATOM   1000 N NZ  . LYS A 1 128 ? -16.792 7.783   -5.816  1.00 28.42 ? 155 LYS A NZ  1 
ATOM   1001 N N   . LEU A 1 129 ? -12.819 3.586   -4.075  1.00 13.72 ? 156 LEU A N   1 
ATOM   1002 C CA  . LEU A 1 129 ? -13.472 2.693   -3.129  1.00 13.56 ? 156 LEU A CA  1 
ATOM   1003 C C   . LEU A 1 129 ? -12.953 2.943   -1.721  1.00 13.52 ? 156 LEU A C   1 
ATOM   1004 O O   . LEU A 1 129 ? -13.722 2.991   -0.747  1.00 12.87 ? 156 LEU A O   1 
ATOM   1005 C CB  . LEU A 1 129 ? -13.236 1.242   -3.514  1.00 14.83 ? 156 LEU A CB  1 
ATOM   1006 C CG  . LEU A 1 129 ? -13.825 0.192   -2.556  1.00 16.05 ? 156 LEU A CG  1 
ATOM   1007 C CD1 . LEU A 1 129 ? -15.332 0.368   -2.415  1.00 16.29 ? 156 LEU A CD1 1 
ATOM   1008 C CD2 . LEU A 1 129 ? -13.477 -1.205  -3.022  1.00 17.26 ? 156 LEU A CD2 1 
ATOM   1009 N N   . PHE A 1 130 ? -11.639 3.102   -1.607  1.00 12.74 ? 157 PHE A N   1 
ATOM   1010 C CA  . PHE A 1 130 ? -11.026 3.358   -0.311  1.00 12.78 ? 157 PHE A CA  1 
ATOM   1011 C C   . PHE A 1 130 ? -11.615 4.612   0.347   1.00 13.35 ? 157 PHE A C   1 
ATOM   1012 O O   . PHE A 1 130 ? -11.947 4.619   1.533   1.00 13.71 ? 157 PHE A O   1 
ATOM   1013 C CB  . PHE A 1 130 ? -9.493  3.493   -0.431  1.00 13.20 ? 157 PHE A CB  1 
ATOM   1014 C CG  . PHE A 1 130 ? -8.819  3.801   0.879   1.00 14.00 ? 157 PHE A CG  1 
ATOM   1015 C CD1 . PHE A 1 130 ? -8.781  2.850   1.892   1.00 14.77 ? 157 PHE A CD1 1 
ATOM   1016 C CD2 . PHE A 1 130 ? -8.233  5.042   1.109   1.00 15.00 ? 157 PHE A CD2 1 
ATOM   1017 C CE1 . PHE A 1 130 ? -8.177  3.117   3.113   1.00 15.13 ? 157 PHE A CE1 1 
ATOM   1018 C CE2 . PHE A 1 130 ? -7.617  5.317   2.333   1.00 15.74 ? 157 PHE A CE2 1 
ATOM   1019 C CZ  . PHE A 1 130 ? -7.589  4.362   3.320   1.00 15.58 ? 157 PHE A CZ  1 
ATOM   1020 N N   . LEU A 1 131 ? -11.738 5.674   -0.429  1.00 14.15 ? 158 LEU A N   1 
ATOM   1021 C CA  . LEU A 1 131 ? -12.262 6.929   0.095   1.00 15.99 ? 158 LEU A CA  1 
ATOM   1022 C C   . LEU A 1 131 ? -13.691 6.759   0.566   1.00 16.80 ? 158 LEU A C   1 
ATOM   1023 O O   . LEU A 1 131 ? -14.047 7.305   1.610   1.00 18.48 ? 158 LEU A O   1 
ATOM   1024 C CB  . LEU A 1 131 ? -12.143 8.031   -0.947  1.00 16.21 ? 158 LEU A CB  1 
ATOM   1025 C CG  . LEU A 1 131 ? -10.714 8.475   -1.182  1.00 17.39 ? 158 LEU A CG  1 
ATOM   1026 C CD1 . LEU A 1 131 ? -10.687 9.557   -2.254  1.00 18.39 ? 158 LEU A CD1 1 
ATOM   1027 C CD2 . LEU A 1 131 ? -10.016 8.953   0.077   1.00 17.26 ? 158 LEU A CD2 1 
ATOM   1028 N N   . GLN A 1 132 ? -14.480 5.998   -0.183  1.00 17.90 ? 159 GLN A N   1 
ATOM   1029 C CA  . GLN A 1 132 ? -15.833 5.615   0.271   1.00 19.66 ? 159 GLN A CA  1 
ATOM   1030 C C   . GLN A 1 132 ? -15.785 4.860   1.607   1.00 18.73 ? 159 GLN A C   1 
ATOM   1031 O O   . GLN A 1 132 ? -16.534 5.207   2.529   1.00 19.53 ? 159 GLN A O   1 
ATOM   1032 C CB  . GLN A 1 132 ? -16.536 4.739   -0.748  1.00 21.85 ? 159 GLN A CB  1 
ATOM   1033 C CG  . GLN A 1 132 ? -16.918 5.424   -2.040  1.00 26.38 ? 159 GLN A CG  1 
ATOM   1034 C CD  . GLN A 1 132 ? -17.474 4.445   -3.067  1.00 30.64 ? 159 GLN A CD  1 
ATOM   1035 O OE1 . GLN A 1 132 ? -18.017 3.385   -2.713  1.00 35.81 ? 159 GLN A OE1 1 
ATOM   1036 N NE2 . GLN A 1 132 ? -17.343 4.791   -4.339  1.00 30.64 ? 159 GLN A NE2 1 
ATOM   1037 N N   . LYS A 1 133 ? -14.936 3.831   1.711   1.00 17.61 ? 160 LYS A N   1 
ATOM   1038 C CA  . LYS A 1 133 ? -14.880 2.993   2.918   1.00 18.46 ? 160 LYS A CA  1 
ATOM   1039 C C   . LYS A 1 133 ? -14.444 3.776   4.148   1.00 18.44 ? 160 LYS A C   1 
ATOM   1040 O O   . LYS A 1 133 ? -14.910 3.498   5.246   1.00 18.80 ? 160 LYS A O   1 
ATOM   1041 C CB  . LYS A 1 133 ? -13.918 1.795   2.759   1.00 19.71 ? 160 LYS A CB  1 
ATOM   1042 C CG  . LYS A 1 133 ? -14.245 0.763   1.683   1.00 21.44 ? 160 LYS A CG  1 
ATOM   1043 C CD  . LYS A 1 133 ? -15.655 0.213   1.693   1.00 21.18 ? 160 LYS A CD  1 
ATOM   1044 C CE  . LYS A 1 133 ? -15.874 -0.770  2.839   1.00 21.97 ? 160 LYS A CE  1 
ATOM   1045 N NZ  . LYS A 1 133 ? -17.338 -1.071  3.009   1.00 21.89 ? 160 LYS A NZ  1 
ATOM   1046 N N   . ILE A 1 134 ? -13.529 4.735   3.994   1.00 18.04 ? 161 ILE A N   1 
ATOM   1047 C CA  . ILE A 1 134 ? -13.051 5.468   5.185   1.00 18.53 ? 161 ILE A CA  1 
ATOM   1048 C C   . ILE A 1 134 ? -14.101 6.429   5.723   1.00 18.89 ? 161 ILE A C   1 
ATOM   1049 O O   . ILE A 1 134 ? -14.076 6.754   6.910   1.00 18.53 ? 161 ILE A O   1 
ATOM   1050 C CB  . ILE A 1 134 ? -11.635 6.105   5.034   1.00 19.96 ? 161 ILE A CB  1 
ATOM   1051 C CG1 . ILE A 1 134 ? -11.599 7.217   3.991   1.00 20.08 ? 161 ILE A CG1 1 
ATOM   1052 C CG2 . ILE A 1 134 ? -10.613 5.019   4.733   1.00 20.17 ? 161 ILE A CG2 1 
ATOM   1053 C CD1 . ILE A 1 134 ? -10.245 7.893   3.862   1.00 20.14 ? 161 ILE A CD1 1 
ATOM   1054 N N   . ASN A 1 135 ? -15.062 6.824   4.886   1.00 19.91 ? 162 ASN A N   1 
ATOM   1055 C CA  . ASN A 1 135 ? -16.238 7.554   5.385   1.00 23.20 ? 162 ASN A CA  1 
ATOM   1056 C C   . ASN A 1 135 ? -17.132 6.701   6.299   1.00 22.84 ? 162 ASN A C   1 
ATOM   1057 O O   . ASN A 1 135 ? -18.004 7.253   6.964   1.00 25.27 ? 162 ASN A O   1 
ATOM   1058 C CB  . ASN A 1 135 ? -17.079 8.151   4.244   1.00 25.80 ? 162 ASN A CB  1 
ATOM   1059 C CG  . ASN A 1 135 ? -16.400 9.312   3.544   1.00 28.53 ? 162 ASN A CG  1 
ATOM   1060 O OD1 . ASN A 1 135 ? -15.532 9.981   4.098   1.00 29.79 ? 162 ASN A OD1 1 
ATOM   1061 N ND2 . ASN A 1 135 ? -16.801 9.556   2.303   1.00 32.77 ? 162 ASN A ND2 1 
ATOM   1062 N N   . GLU A 1 136 ? -16.919 5.380   6.354   1.00 21.58 ? 163 GLU A N   1 
ATOM   1063 C CA  . GLU A 1 136 ? -17.667 4.506   7.274   1.00 21.88 ? 163 GLU A CA  1 
ATOM   1064 C C   . GLU A 1 136 ? -17.053 4.364   8.631   1.00 23.39 ? 163 GLU A C   1 
ATOM   1065 O O   . GLU A 1 136 ? -17.636 3.674   9.486   1.00 25.25 ? 163 GLU A O   1 
ATOM   1066 C CB  . GLU A 1 136 ? -17.728 3.085   6.756   1.00 21.26 ? 163 GLU A CB  1 
ATOM   1067 C CG  . GLU A 1 136 ? -18.249 2.925   5.375   1.00 20.48 ? 163 GLU A CG  1 
ATOM   1068 C CD  . GLU A 1 136 ? -17.878 1.579   4.773   1.00 19.98 ? 163 GLU A CD  1 
ATOM   1069 O OE1 . GLU A 1 136 ? -18.164 1.462   3.578   1.00 18.37 ? 163 GLU A OE1 1 
ATOM   1070 O OE2 . GLU A 1 136 ? -17.306 0.676   5.472   1.00 21.66 ? 163 GLU A OE2 1 
ATOM   1071 N N   . LEU A 1 137 ? -15.865 4.921   8.853   1.00 22.79 ? 164 LEU A N   1 
ATOM   1072 C CA  . LEU A 1 137 ? -15.150 4.656   10.094  1.00 24.74 ? 164 LEU A CA  1 
ATOM   1073 C C   . LEU A 1 137 ? -16.038 5.002   11.294  1.00 27.34 ? 164 LEU A C   1 
ATOM   1074 O O   . LEU A 1 137 ? -16.743 6.015   11.262  1.00 27.22 ? 164 LEU A O   1 
ATOM   1075 C CB  . LEU A 1 137 ? -13.823 5.423   10.174  1.00 24.95 ? 164 LEU A CB  1 
ATOM   1076 C CG  . LEU A 1 137 ? -12.619 4.882   9.398   1.00 24.64 ? 164 LEU A CG  1 
ATOM   1077 C CD1 . LEU A 1 137 ? -11.407 5.760   9.656   1.00 25.10 ? 164 LEU A CD1 1 
ATOM   1078 C CD2 . LEU A 1 137 ? -12.318 3.450   9.780   1.00 25.24 ? 164 LEU A CD2 1 
ATOM   1079 N N   . PRO A 1 138 ? -16.040 4.137   12.325  1.00 28.60 ? 165 PRO A N   1 
ATOM   1080 C CA  . PRO A 1 138 ? -16.813 4.467   13.534  1.00 30.70 ? 165 PRO A CA  1 
ATOM   1081 C C   . PRO A 1 138 ? -16.212 5.632   14.312  1.00 33.66 ? 165 PRO A C   1 
ATOM   1082 O O   . PRO A 1 138 ? -15.052 5.947   14.132  1.00 34.91 ? 165 PRO A O   1 
ATOM   1083 C CB  . PRO A 1 138 ? -16.755 3.165   14.353  1.00 30.65 ? 165 PRO A CB  1 
ATOM   1084 C CG  . PRO A 1 138 ? -15.603 2.391   13.799  1.00 29.43 ? 165 PRO A CG  1 
ATOM   1085 C CD  . PRO A 1 138 ? -15.562 2.744   12.346  1.00 28.17 ? 165 PRO A CD  1 
ATOM   1086 N N   . THR A 1 139 ? -17.004 6.270   15.171  1.00 36.89 ? 166 THR A N   1 
ATOM   1087 C CA  . THR A 1 139 ? -16.480 7.295   16.088  1.00 40.07 ? 166 THR A CA  1 
ATOM   1088 C C   . THR A 1 139 ? -15.599 6.640   17.152  1.00 40.86 ? 166 THR A C   1 
ATOM   1089 O O   . THR A 1 139 ? -14.510 7.118   17.465  1.00 44.41 ? 166 THR A O   1 
ATOM   1090 C CB  . THR A 1 139 ? -17.608 8.052   16.806  1.00 40.69 ? 166 THR A CB  1 
ATOM   1091 O OG1 . THR A 1 139 ? -18.313 7.145   17.660  1.00 42.16 ? 166 THR A OG1 1 
ATOM   1092 C CG2 . THR A 1 139 ? -18.581 8.671   15.794  1.00 41.74 ? 166 THR A CG2 1 
HETATM 1093 C CAU . EB3 B 2 .   ? -1.207  -6.161  -15.552 1.00 15.62 ? 201 EB3 A CAU 1 
HETATM 1094 C CAV . EB3 B 2 .   ? -2.649  -5.777  -15.452 1.00 15.58 ? 201 EB3 A CAV 1 
HETATM 1095 C CAW . EB3 B 2 .   ? -2.849  -4.325  -15.993 1.00 15.49 ? 201 EB3 A CAW 1 
HETATM 1096 C CAX . EB3 B 2 .   ? -1.994  -3.291  -15.247 1.00 15.76 ? 201 EB3 A CAX 1 
HETATM 1097 C CAY . EB3 B 2 .   ? -0.546  -3.643  -15.115 1.00 15.38 ? 201 EB3 A CAY 1 
HETATM 1098 C CAT . EB3 B 2 .   ? -0.201  -5.035  -15.657 1.00 16.56 ? 201 EB3 A CAT 1 
HETATM 1099 N NAS . EB3 B 2 .   ? 1.235   -5.367  -15.412 1.00 14.36 ? 201 EB3 A NAS 1 
HETATM 1100 S SAP . EB3 B 2 .   ? 2.119   -5.959  -14.051 1.00 13.02 ? 201 EB3 A SAP 1 
HETATM 1101 O OAQ . EB3 B 2 .   ? 1.493   -7.208  -13.490 1.00 13.61 ? 201 EB3 A OAQ 1 
HETATM 1102 O OAR . EB3 B 2 .   ? 3.513   -6.086  -14.620 1.00 14.19 ? 201 EB3 A OAR 1 
HETATM 1103 C CAH . EB3 B 2 .   ? 2.267   -4.694  -12.833 1.00 11.77 ? 201 EB3 A CAH 1 
HETATM 1104 C CAG . EB3 B 2 .   ? 1.954   -5.029  -11.502 1.00 10.34 ? 201 EB3 A CAG 1 
HETATM 1105 C CAF . EB3 B 2 .   ? 2.072   -4.065  -10.488 1.00 10.04 ? 201 EB3 A CAF 1 
HETATM 1106 C CAE . EB3 B 2 .   ? 2.497   -2.825  -10.776 1.00 10.15 ? 201 EB3 A CAE 1 
HETATM 1107 C CAA . EB3 B 2 .   ? 2.793   -2.515  -12.064 1.00 10.62 ? 201 EB3 A CAA 1 
HETATM 1108 C CAI . EB3 B 2 .   ? 2.720   -3.381  -13.095 1.00 10.82 ? 201 EB3 A CAI 1 
HETATM 1109 C CAJ . EB3 B 2 .   ? 3.063   -2.877  -14.377 1.00 10.69 ? 201 EB3 A CAJ 1 
HETATM 1110 C CAK . EB3 B 2 .   ? 3.473   -1.533  -14.487 1.00 10.74 ? 201 EB3 A CAK 1 
HETATM 1111 C CAL . EB3 B 2 .   ? 3.520   -0.727  -13.322 1.00 10.73 ? 201 EB3 A CAL 1 
HETATM 1112 C CAB . EB3 B 2 .   ? 3.162   -1.226  -12.122 1.00 10.43 ? 201 EB3 A CAB 1 
HETATM 1113 C CAC . EB3 B 2 .   ? 3.091   -0.764  -10.833 1.00 10.21 ? 201 EB3 A CAC 1 
HETATM 1114 O OAN . EB3 B 2 .   ? 3.204   0.391   -10.410 1.00 10.12 ? 201 EB3 A OAN 1 
HETATM 1115 N NAD . EB3 B 2 .   ? 2.668   -1.728  -10.024 1.00 10.14 ? 201 EB3 A NAD 1 
HETATM 1116 C CAM . EB3 B 2 .   ? 2.471   -1.646  -8.596  1.00 10.11 ? 201 EB3 A CAM 1 
HETATM 1117 C CAO . EB3 B 2 .   ? 1.007   -1.211  -8.333  1.00 10.17 ? 201 EB3 A CAO 1 
HETATM 1118 O O   . HOH C 3 .   ? 11.577  0.029   24.064  1.00 22.73 ? 301 HOH A O   1 
HETATM 1119 O O   . HOH C 3 .   ? 5.581   -5.073  -16.206 1.00 31.56 ? 302 HOH A O   1 
HETATM 1120 O O   . HOH C 3 .   ? 9.166   -11.199 -5.935  1.00 33.51 ? 303 HOH A O   1 
HETATM 1121 O O   . HOH C 3 .   ? -1.412  -3.049  -19.862 1.00 30.01 ? 304 HOH A O   1 
HETATM 1122 O O   . HOH C 3 .   ? 2.292   -2.689  24.888  1.00 36.35 ? 305 HOH A O   1 
HETATM 1123 O O   . HOH C 3 .   ? -5.561  -10.058 9.310   1.00 14.26 ? 306 HOH A O   1 
HETATM 1124 O O   . HOH C 3 .   ? 3.330   1.818   -7.895  1.00 8.07  ? 307 HOH A O   1 
HETATM 1125 O O   . HOH C 3 .   ? 3.129   6.698   4.181   1.00 19.96 ? 308 HOH A O   1 
HETATM 1126 O O   . HOH C 3 .   ? 2.200   -4.417  -17.722 1.00 28.66 ? 309 HOH A O   1 
HETATM 1127 O O   . HOH C 3 .   ? -5.399  9.139   -14.905 1.00 14.98 ? 310 HOH A O   1 
HETATM 1128 O O   . HOH C 3 .   ? 2.455   1.476   -16.303 1.00 15.57 ? 311 HOH A O   1 
HETATM 1129 O O   . HOH C 3 .   ? 2.897   -13.022 5.001   1.00 38.26 ? 312 HOH A O   1 
HETATM 1130 O O   . HOH C 3 .   ? 11.952  -5.358  6.330   1.00 37.82 ? 313 HOH A O   1 
HETATM 1131 O O   . HOH C 3 .   ? -5.252  5.690   -16.625 1.00 11.28 ? 314 HOH A O   1 
HETATM 1132 O O   . HOH C 3 .   ? 2.037   -0.822  -4.386  1.00 16.26 ? 315 HOH A O   1 
HETATM 1133 O O   . HOH C 3 .   ? 8.639   6.810   -14.016 1.00 27.55 ? 316 HOH A O   1 
HETATM 1134 O O   . HOH C 3 .   ? -4.154  9.332   -11.040 1.00 20.40 ? 317 HOH A O   1 
HETATM 1135 O O   . HOH C 3 .   ? -14.166 2.259   -7.519  1.00 21.57 ? 318 HOH A O   1 
HETATM 1136 O O   . HOH C 3 .   ? -14.397 -6.183  -2.507  1.00 19.95 ? 319 HOH A O   1 
HETATM 1137 O O   . HOH C 3 .   ? 0.240   8.931   -13.394 1.00 13.03 ? 320 HOH A O   1 
HETATM 1138 O O   . HOH C 3 .   ? 1.512   1.512   -5.823  1.00 10.26 ? 321 HOH A O   1 
HETATM 1139 O O   . HOH C 3 .   ? 6.458   11.423  -12.018 1.00 18.10 ? 322 HOH A O   1 
HETATM 1140 O O   . HOH C 3 .   ? -1.865  1.983   18.368  1.00 18.56 ? 323 HOH A O   1 
HETATM 1141 O O   . HOH C 3 .   ? -13.681 -14.328 -0.225  1.00 14.53 ? 324 HOH A O   1 
HETATM 1142 O O   . HOH C 3 .   ? -10.561 3.935   -12.329 1.00 24.38 ? 325 HOH A O   1 
HETATM 1143 O O   . HOH C 3 .   ? 3.875   8.742   -2.450  1.00 16.64 ? 326 HOH A O   1 
HETATM 1144 O O   . HOH C 3 .   ? 5.013   2.586   14.956  1.00 20.53 ? 327 HOH A O   1 
HETATM 1145 O O   . HOH C 3 .   ? 1.631   -9.540  0.404   1.00 30.34 ? 328 HOH A O   1 
HETATM 1146 O O   . HOH C 3 .   ? 5.817   4.539   9.276   1.00 33.08 ? 329 HOH A O   1 
HETATM 1147 O O   . HOH C 3 .   ? 4.768   1.420   -3.950  1.00 13.14 ? 330 HOH A O   1 
HETATM 1148 O O   . HOH C 3 .   ? 8.288   2.504   2.873   1.00 20.30 ? 331 HOH A O   1 
HETATM 1149 O O   . HOH C 3 .   ? 8.508   0.207   24.735  1.00 25.40 ? 332 HOH A O   1 
HETATM 1150 O O   . HOH C 3 .   ? 6.415   -5.327  4.295   1.00 16.18 ? 333 HOH A O   1 
HETATM 1151 O O   . HOH C 3 .   ? 5.823   5.366   17.492  1.00 22.86 ? 334 HOH A O   1 
HETATM 1152 O O   . HOH C 3 .   ? 6.865   -8.792  -3.895  1.00 17.59 ? 335 HOH A O   1 
HETATM 1153 O O   . HOH C 3 .   ? 2.388   -3.213  -5.459  1.00 10.70 ? 336 HOH A O   1 
HETATM 1154 O O   . HOH C 3 .   ? 10.726  -1.215  0.682   1.00 15.21 ? 337 HOH A O   1 
HETATM 1155 O O   . HOH C 3 .   ? 2.788   -6.512  -7.565  1.00 28.73 ? 338 HOH A O   1 
HETATM 1156 O O   . HOH C 3 .   ? -1.304  0.751   -19.871 1.00 21.29 ? 339 HOH A O   1 
HETATM 1157 O O   . HOH C 3 .   ? 13.436  -7.511  -1.548  1.00 35.80 ? 340 HOH A O   1 
HETATM 1158 O O   . HOH C 3 .   ? -0.424  6.012   -21.008 1.00 22.95 ? 341 HOH A O   1 
HETATM 1159 O O   . HOH C 3 .   ? 3.754   -2.694  18.912  1.00 28.25 ? 342 HOH A O   1 
HETATM 1160 O O   . HOH C 3 .   ? -14.997 7.936   -3.338  1.00 30.94 ? 343 HOH A O   1 
HETATM 1161 O O   . HOH C 3 .   ? -3.147  12.545  -2.574  1.00 26.47 ? 344 HOH A O   1 
HETATM 1162 O O   . HOH C 3 .   ? 4.383   9.959   -15.064 1.00 33.99 ? 345 HOH A O   1 
HETATM 1163 O O   . HOH C 3 .   ? 1.345   -9.483  10.853  1.00 19.19 ? 346 HOH A O   1 
HETATM 1164 O O   . HOH C 3 .   ? 10.543  -4.796  -1.352  1.00 13.77 ? 347 HOH A O   1 
HETATM 1165 O O   . HOH C 3 .   ? -5.343  -1.464  23.798  1.00 44.48 ? 348 HOH A O   1 
HETATM 1166 O O   . HOH C 3 .   ? 10.501  -6.023  -3.885  1.00 17.06 ? 349 HOH A O   1 
HETATM 1167 O O   . HOH C 3 .   ? 5.063   4.632   6.229   1.00 26.30 ? 350 HOH A O   1 
HETATM 1168 O O   . HOH C 3 .   ? -3.939  -2.209  14.823  1.00 18.32 ? 351 HOH A O   1 
HETATM 1169 O O   . HOH C 3 .   ? 0.891   9.964   1.975   1.00 30.46 ? 352 HOH A O   1 
HETATM 1170 O O   . HOH C 3 .   ? 14.195  -5.899  -14.961 1.00 13.57 ? 353 HOH A O   1 
HETATM 1171 O O   . HOH C 3 .   ? -11.084 4.397   17.117  1.00 27.20 ? 354 HOH A O   1 
HETATM 1172 O O   . HOH C 3 .   ? -11.403 2.687   20.383  1.00 33.52 ? 355 HOH A O   1 
HETATM 1173 O O   . HOH C 3 .   ? -5.339  8.275   -1.176  1.00 27.86 ? 356 HOH A O   1 
HETATM 1174 O O   . HOH C 3 .   ? 6.177   -1.843  -0.842  1.00 10.55 ? 357 HOH A O   1 
HETATM 1175 O O   . HOH C 3 .   ? 14.395  -0.332  -8.494  1.00 17.29 ? 358 HOH A O   1 
HETATM 1176 O O   . HOH C 3 .   ? 4.161   -2.618  16.114  1.00 20.70 ? 359 HOH A O   1 
HETATM 1177 O O   . HOH C 3 .   ? 16.461  -0.660  -18.381 1.00 23.99 ? 360 HOH A O   1 
HETATM 1178 O O   . HOH C 3 .   ? 9.342   -4.992  10.668  1.00 24.55 ? 361 HOH A O   1 
HETATM 1179 O O   . HOH C 3 .   ? 3.354   -10.827 9.565   1.00 31.47 ? 362 HOH A O   1 
HETATM 1180 O O   . HOH C 3 .   ? -9.273  7.911   -7.440  1.00 19.55 ? 363 HOH A O   1 
HETATM 1181 O O   . HOH C 3 .   ? 5.531   -7.333  -7.483  1.00 14.15 ? 364 HOH A O   1 
HETATM 1182 O O   . HOH C 3 .   ? 4.066   9.491   0.403   1.00 30.67 ? 365 HOH A O   1 
HETATM 1183 O O   . HOH C 3 .   ? 12.756  -1.710  4.307   1.00 32.15 ? 366 HOH A O   1 
HETATM 1184 O O   . HOH C 3 .   ? 7.619   7.338   -2.682  1.00 15.52 ? 367 HOH A O   1 
HETATM 1185 O O   . HOH C 3 .   ? -2.183  -0.344  14.030  1.00 14.04 ? 368 HOH A O   1 
HETATM 1186 O O   . HOH C 3 .   ? -9.043  10.013  -13.900 1.00 28.94 ? 369 HOH A O   1 
HETATM 1187 O O   . HOH C 3 .   ? 6.022   -1.608  -3.509  1.00 16.87 ? 370 HOH A O   1 
HETATM 1188 O O   . HOH C 3 .   ? 9.884   0.766   6.486   1.00 31.86 ? 371 HOH A O   1 
HETATM 1189 O O   . HOH C 3 .   ? -7.578  -8.608  -7.319  1.00 18.04 ? 372 HOH A O   1 
HETATM 1190 O O   . HOH C 3 .   ? -0.442  8.878   -20.305 1.00 16.80 ? 373 HOH A O   1 
HETATM 1191 O O   . HOH C 3 .   ? 17.217  -5.990  -0.540  1.00 28.74 ? 374 HOH A O   1 
HETATM 1192 O O   . HOH C 3 .   ? -7.964  6.606   14.968  1.00 23.99 ? 375 HOH A O   1 
HETATM 1193 O O   . HOH C 3 .   ? 2.009   6.068   8.012   1.00 26.60 ? 376 HOH A O   1 
HETATM 1194 O O   . HOH C 3 .   ? 16.930  -7.296  -5.962  1.00 25.86 ? 377 HOH A O   1 
HETATM 1195 O O   . HOH C 3 .   ? -14.465 -5.841  -7.510  1.00 19.61 ? 378 HOH A O   1 
HETATM 1196 O O   . HOH C 3 .   ? -6.108  11.074  -6.726  1.00 27.80 ? 379 HOH A O   1 
HETATM 1197 O O   . HOH C 3 .   ? -14.833 -10.222 3.040   1.00 25.35 ? 380 HOH A O   1 
HETATM 1198 O O   . HOH C 3 .   ? -0.064  -0.118  -16.727 1.00 13.98 ? 381 HOH A O   1 
HETATM 1199 O O   . HOH C 3 .   ? -7.844  -10.315 -4.762  1.00 26.15 ? 382 HOH A O   1 
HETATM 1200 O O   . HOH C 3 .   ? -4.549  -12.431 -2.608  1.00 25.20 ? 383 HOH A O   1 
HETATM 1201 O O   . HOH C 3 .   ? 9.300   9.062   -4.101  1.00 23.34 ? 384 HOH A O   1 
HETATM 1202 O O   . HOH C 3 .   ? -14.649 -1.699  15.061  1.00 30.14 ? 385 HOH A O   1 
HETATM 1203 O O   . HOH C 3 .   ? -20.230 0.917   9.173   1.00 31.52 ? 386 HOH A O   1 
HETATM 1204 O O   . HOH C 3 .   ? -6.482  9.558   13.077  1.00 23.22 ? 387 HOH A O   1 
HETATM 1205 O O   . HOH C 3 .   ? -8.719  -8.034  14.333  1.00 36.23 ? 388 HOH A O   1 
HETATM 1206 O O   . HOH C 3 .   ? -0.669  -6.680  17.557  1.00 38.00 ? 389 HOH A O   1 
HETATM 1207 O O   . HOH C 3 .   ? 13.527  -10.714 -7.980  1.00 27.00 ? 390 HOH A O   1 
HETATM 1208 O O   . HOH C 3 .   ? -0.044  -9.306  4.434   1.00 22.14 ? 391 HOH A O   1 
HETATM 1209 O O   . HOH C 3 .   ? -2.536  9.678   19.749  1.00 32.73 ? 392 HOH A O   1 
HETATM 1210 O O   . HOH C 3 .   ? 6.185   -10.478 -13.440 1.00 35.64 ? 393 HOH A O   1 
HETATM 1211 O O   . HOH C 3 .   ? -11.067 6.717   -12.221 1.00 30.49 ? 394 HOH A O   1 
HETATM 1212 O O   . HOH C 3 .   ? -11.623 -10.880 9.560   1.00 30.71 ? 395 HOH A O   1 
HETATM 1213 O O   . HOH C 3 .   ? 3.516   -7.563  1.624   1.00 23.88 ? 396 HOH A O   1 
HETATM 1214 O O   . HOH C 3 .   ? -5.254  5.119   -22.365 1.00 46.66 ? 397 HOH A O   1 
HETATM 1215 O O   . HOH C 3 .   ? -4.586  11.301  -4.929  1.00 34.01 ? 398 HOH A O   1 
HETATM 1216 O O   . HOH C 3 .   ? 8.940   -2.482  -1.171  1.00 14.12 ? 399 HOH A O   1 
HETATM 1217 O O   . HOH C 3 .   ? -15.823 -12.430 9.084   1.00 25.37 ? 400 HOH A O   1 
HETATM 1218 O O   . HOH C 3 .   ? 1.938   -8.213  -9.421  1.00 38.64 ? 401 HOH A O   1 
HETATM 1219 O O   . HOH C 3 .   ? 0.643   11.547  -6.941  1.00 16.30 ? 402 HOH A O   1 
HETATM 1220 O O   . HOH C 3 .   ? 5.495   -7.567  3.264   1.00 46.20 ? 403 HOH A O   1 
HETATM 1221 O O   . HOH C 3 .   ? -15.029 -9.539  11.580  1.00 39.64 ? 404 HOH A O   1 
HETATM 1222 O O   . HOH C 3 .   ? 9.820   -7.425  -0.684  1.00 30.54 ? 405 HOH A O   1 
HETATM 1223 O O   . HOH C 3 .   ? -2.391  9.979   -21.674 1.00 21.45 ? 406 HOH A O   1 
HETATM 1224 O O   . HOH C 3 .   ? -7.736  -9.459  7.620   1.00 25.67 ? 407 HOH A O   1 
HETATM 1225 O O   . HOH C 3 .   ? 9.675   -8.734  -3.804  1.00 29.36 ? 408 HOH A O   1 
HETATM 1226 O O   . HOH C 3 .   ? -15.330 -5.651  -4.760  1.00 28.38 ? 409 HOH A O   1 
HETATM 1227 O O   . HOH C 3 .   ? -1.973  10.320  -12.747 1.00 15.96 ? 410 HOH A O   1 
HETATM 1228 O O   . HOH C 3 .   ? 6.400   -9.633  -8.936  1.00 27.32 ? 411 HOH A O   1 
HETATM 1229 O O   . HOH C 3 .   ? 4.970   -4.039  -18.488 1.00 41.66 ? 412 HOH A O   1 
HETATM 1230 O O   . HOH C 3 .   ? -11.112 9.829   -6.152  1.00 33.80 ? 413 HOH A O   1 
HETATM 1231 O O   . HOH C 3 .   ? -16.433 -7.086  -0.839  1.00 24.84 ? 414 HOH A O   1 
HETATM 1232 O O   . HOH C 3 .   ? 0.688   -1.950  -18.555 1.00 31.32 ? 415 HOH A O   1 
HETATM 1233 O O   . HOH C 3 .   ? 13.678  -0.150  -18.894 1.00 32.40 ? 416 HOH A O   1 
HETATM 1234 O O   . HOH C 3 .   ? -8.534  -9.616  12.101  1.00 26.16 ? 417 HOH A O   1 
# 
loop_
_pdbx_poly_seq_scheme.asym_id 
_pdbx_poly_seq_scheme.entity_id 
_pdbx_poly_seq_scheme.seq_id 
_pdbx_poly_seq_scheme.mon_id 
_pdbx_poly_seq_scheme.ndb_seq_num 
_pdbx_poly_seq_scheme.pdb_seq_num 
_pdbx_poly_seq_scheme.auth_seq_num 
_pdbx_poly_seq_scheme.pdb_mon_id 
_pdbx_poly_seq_scheme.auth_mon_id 
_pdbx_poly_seq_scheme.pdb_strand_id 
_pdbx_poly_seq_scheme.pdb_ins_code 
_pdbx_poly_seq_scheme.hetero 
A 1 1   MET 1   28  ?   ?   ?   A . n 
A 1 2   LYS 2   29  ?   ?   ?   A . n 
A 1 3   LYS 3   30  ?   ?   ?   A . n 
A 1 4   GLY 4   31  ?   ?   ?   A . n 
A 1 5   HIS 5   32  ?   ?   ?   A . n 
A 1 6   HIS 6   33  ?   ?   ?   A . n 
A 1 7   HIS 7   34  ?   ?   ?   A . n 
A 1 8   HIS 8   35  ?   ?   ?   A . n 
A 1 9   HIS 9   36  36  HIS HIS A . n 
A 1 10  HIS 10  37  37  HIS HIS A . n 
A 1 11  LEU 11  38  38  LEU LEU A . n 
A 1 12  VAL 12  39  39  VAL VAL A . n 
A 1 13  PRO 13  40  40  PRO PRO A . n 
A 1 14  ARG 14  41  41  ARG ARG A . n 
A 1 15  GLY 15  42  42  GLY GLY A . n 
A 1 16  SER 16  43  43  SER SER A . n 
A 1 17  ASN 17  44  44  ASN ASN A . n 
A 1 18  PRO 18  45  45  PRO PRO A . n 
A 1 19  PRO 19  46  46  PRO PRO A . n 
A 1 20  PRO 20  47  47  PRO PRO A . n 
A 1 21  PRO 21  48  48  PRO PRO A . n 
A 1 22  GLU 22  49  49  GLU GLU A . n 
A 1 23  THR 23  50  50  THR THR A . n 
A 1 24  SER 24  51  51  SER SER A . n 
A 1 25  ASN 25  52  52  ASN ASN A . n 
A 1 26  PRO 26  53  53  PRO PRO A . n 
A 1 27  ASN 27  54  54  ASN ASN A . n 
A 1 28  LYS 28  55  55  LYS LYS A . n 
A 1 29  PRO 29  56  56  PRO PRO A . n 
A 1 30  LYS 30  57  57  LYS LYS A . n 
A 1 31  ARG 31  58  58  ARG ARG A . n 
A 1 32  GLN 32  59  59  GLN GLN A . n 
A 1 33  THR 33  60  60  THR THR A . n 
A 1 34  ASN 34  61  61  ASN ASN A . n 
A 1 35  GLN 35  62  62  GLN GLN A . n 
A 1 36  LEU 36  63  63  LEU LEU A . n 
A 1 37  GLN 37  64  64  GLN GLN A . n 
A 1 38  TYR 38  65  65  TYR TYR A . n 
A 1 39  LEU 39  66  66  LEU LEU A . n 
A 1 40  LEU 40  67  67  LEU LEU A . n 
A 1 41  ARG 41  68  68  ARG ARG A . n 
A 1 42  VAL 42  69  69  VAL VAL A . n 
A 1 43  VAL 43  70  70  VAL VAL A . n 
A 1 44  LEU 44  71  71  LEU LEU A . n 
A 1 45  LYS 45  72  72  LYS LYS A . n 
A 1 46  THR 46  73  73  THR THR A . n 
A 1 47  LEU 47  74  74  LEU LEU A . n 
A 1 48  TRP 48  75  75  TRP TRP A . n 
A 1 49  LYS 49  76  76  LYS LYS A . n 
A 1 50  HIS 50  77  77  HIS HIS A . n 
A 1 51  GLN 51  78  78  GLN GLN A . n 
A 1 52  PHE 52  79  79  PHE PHE A . n 
A 1 53  ALA 53  80  80  ALA ALA A . n 
A 1 54  TRP 54  81  81  TRP TRP A . n 
A 1 55  PRO 55  82  82  PRO PRO A . n 
A 1 56  PHE 56  83  83  PHE PHE A . n 
A 1 57  GLN 57  84  84  GLN GLN A . n 
A 1 58  GLN 58  85  85  GLN GLN A . n 
A 1 59  PRO 59  86  86  PRO PRO A . n 
A 1 60  VAL 60  87  87  VAL VAL A . n 
A 1 61  ASP 61  88  88  ASP ASP A . n 
A 1 62  ALA 62  89  89  ALA ALA A . n 
A 1 63  VAL 63  90  90  VAL VAL A . n 
A 1 64  LYS 64  91  91  LYS LYS A . n 
A 1 65  LEU 65  92  92  LEU LEU A . n 
A 1 66  ASN 66  93  93  ASN ASN A . n 
A 1 67  LEU 67  94  94  LEU LEU A . n 
A 1 68  PRO 68  95  95  PRO PRO A . n 
A 1 69  ASP 69  96  96  ASP ASP A . n 
A 1 70  TYR 70  97  97  TYR TYR A . n 
A 1 71  TYR 71  98  98  TYR TYR A . n 
A 1 72  LYS 72  99  99  LYS LYS A . n 
A 1 73  ILE 73  100 100 ILE ILE A . n 
A 1 74  ILE 74  101 101 ILE ILE A . n 
A 1 75  LYS 75  102 102 LYS LYS A . n 
A 1 76  THR 76  103 103 THR THR A . n 
A 1 77  PRO 77  104 104 PRO PRO A . n 
A 1 78  MET 78  105 105 MET MET A . n 
A 1 79  ASP 79  106 106 ASP ASP A . n 
A 1 80  MET 80  107 107 MET MET A . n 
A 1 81  GLY 81  108 108 GLY GLY A . n 
A 1 82  THR 82  109 109 THR THR A . n 
A 1 83  ILE 83  110 110 ILE ILE A . n 
A 1 84  LYS 84  111 111 LYS LYS A . n 
A 1 85  LYS 85  112 112 LYS LYS A . n 
A 1 86  ARG 86  113 113 ARG ARG A . n 
A 1 87  LEU 87  114 114 LEU LEU A . n 
A 1 88  GLU 88  115 115 GLU GLU A . n 
A 1 89  ASN 89  116 116 ASN ASN A . n 
A 1 90  ASN 90  117 117 ASN ASN A . n 
A 1 91  TYR 91  118 118 TYR TYR A . n 
A 1 92  TYR 92  119 119 TYR TYR A . n 
A 1 93  TRP 93  120 120 TRP TRP A . n 
A 1 94  ASN 94  121 121 ASN ASN A . n 
A 1 95  ALA 95  122 122 ALA ALA A . n 
A 1 96  GLN 96  123 123 GLN GLN A . n 
A 1 97  GLU 97  124 124 GLU GLU A . n 
A 1 98  CYS 98  125 125 CYS CYS A . n 
A 1 99  ILE 99  126 126 ILE ILE A . n 
A 1 100 GLN 100 127 127 GLN GLN A . n 
A 1 101 ASP 101 128 128 ASP ASP A . n 
A 1 102 PHE 102 129 129 PHE PHE A . n 
A 1 103 ASN 103 130 130 ASN ASN A . n 
A 1 104 THR 104 131 131 THR THR A . n 
A 1 105 MET 105 132 132 MET MET A . n 
A 1 106 PHE 106 133 133 PHE PHE A . n 
A 1 107 THR 107 134 134 THR THR A . n 
A 1 108 ASN 108 135 135 ASN ASN A . n 
A 1 109 CYS 109 136 136 CYS CYS A . n 
A 1 110 TYR 110 137 137 TYR TYR A . n 
A 1 111 ILE 111 138 138 ILE ILE A . n 
A 1 112 TYR 112 139 139 TYR TYR A . n 
A 1 113 ASN 113 140 140 ASN ASN A . n 
A 1 114 LYS 114 141 141 LYS LYS A . n 
A 1 115 PRO 115 142 142 PRO PRO A . n 
A 1 116 GLY 116 143 143 GLY GLY A . n 
A 1 117 ASP 117 144 144 ASP ASP A . n 
A 1 118 ASP 118 145 145 ASP ASP A . n 
A 1 119 ILE 119 146 146 ILE ILE A . n 
A 1 120 VAL 120 147 147 VAL VAL A . n 
A 1 121 LEU 121 148 148 LEU LEU A . n 
A 1 122 MET 122 149 149 MET MET A . n 
A 1 123 ALA 123 150 150 ALA ALA A . n 
A 1 124 GLU 124 151 151 GLU GLU A . n 
A 1 125 ALA 125 152 152 ALA ALA A . n 
A 1 126 LEU 126 153 153 LEU LEU A . n 
A 1 127 GLU 127 154 154 GLU GLU A . n 
A 1 128 LYS 128 155 155 LYS LYS A . n 
A 1 129 LEU 129 156 156 LEU LEU A . n 
A 1 130 PHE 130 157 157 PHE PHE A . n 
A 1 131 LEU 131 158 158 LEU LEU A . n 
A 1 132 GLN 132 159 159 GLN GLN A . n 
A 1 133 LYS 133 160 160 LYS LYS A . n 
A 1 134 ILE 134 161 161 ILE ILE A . n 
A 1 135 ASN 135 162 162 ASN ASN A . n 
A 1 136 GLU 136 163 163 GLU GLU A . n 
A 1 137 LEU 137 164 164 LEU LEU A . n 
A 1 138 PRO 138 165 165 PRO PRO A . n 
A 1 139 THR 139 166 166 THR THR A . n 
A 1 140 GLU 140 167 ?   ?   ?   A . n 
A 1 141 GLU 141 168 ?   ?   ?   A . n 
# 
loop_
_pdbx_nonpoly_scheme.asym_id 
_pdbx_nonpoly_scheme.entity_id 
_pdbx_nonpoly_scheme.mon_id 
_pdbx_nonpoly_scheme.ndb_seq_num 
_pdbx_nonpoly_scheme.pdb_seq_num 
_pdbx_nonpoly_scheme.auth_seq_num 
_pdbx_nonpoly_scheme.pdb_mon_id 
_pdbx_nonpoly_scheme.auth_mon_id 
_pdbx_nonpoly_scheme.pdb_strand_id 
_pdbx_nonpoly_scheme.pdb_ins_code 
B 2 EB3 1   201 1   EB3 EB3 A . 
C 3 HOH 1   301 2   HOH HOH A . 
C 3 HOH 2   302 33  HOH HOH A . 
C 3 HOH 3   303 81  HOH HOH A . 
C 3 HOH 4   304 86  HOH HOH A . 
C 3 HOH 5   305 99  HOH HOH A . 
C 3 HOH 6   306 44  HOH HOH A . 
C 3 HOH 7   307 20  HOH HOH A . 
C 3 HOH 8   308 51  HOH HOH A . 
C 3 HOH 9   309 85  HOH HOH A . 
C 3 HOH 10  310 26  HOH HOH A . 
C 3 HOH 11  311 55  HOH HOH A . 
C 3 HOH 12  312 88  HOH HOH A . 
C 3 HOH 13  313 115 HOH HOH A . 
C 3 HOH 14  314 58  HOH HOH A . 
C 3 HOH 15  315 21  HOH HOH A . 
C 3 HOH 16  316 54  HOH HOH A . 
C 3 HOH 17  317 27  HOH HOH A . 
C 3 HOH 18  318 62  HOH HOH A . 
C 3 HOH 19  319 30  HOH HOH A . 
C 3 HOH 20  320 29  HOH HOH A . 
C 3 HOH 21  321 19  HOH HOH A . 
C 3 HOH 22  322 39  HOH HOH A . 
C 3 HOH 23  323 46  HOH HOH A . 
C 3 HOH 24  324 59  HOH HOH A . 
C 3 HOH 25  325 96  HOH HOH A . 
C 3 HOH 26  326 75  HOH HOH A . 
C 3 HOH 27  327 47  HOH HOH A . 
C 3 HOH 28  328 68  HOH HOH A . 
C 3 HOH 29  329 48  HOH HOH A . 
C 3 HOH 30  330 18  HOH HOH A . 
C 3 HOH 31  331 37  HOH HOH A . 
C 3 HOH 32  332 3   HOH HOH A . 
C 3 HOH 33  333 23  HOH HOH A . 
C 3 HOH 34  334 8   HOH HOH A . 
C 3 HOH 35  335 12  HOH HOH A . 
C 3 HOH 36  336 22  HOH HOH A . 
C 3 HOH 37  337 16  HOH HOH A . 
C 3 HOH 38  338 70  HOH HOH A . 
C 3 HOH 39  339 57  HOH HOH A . 
C 3 HOH 40  340 6   HOH HOH A . 
C 3 HOH 41  341 76  HOH HOH A . 
C 3 HOH 42  342 67  HOH HOH A . 
C 3 HOH 43  343 79  HOH HOH A . 
C 3 HOH 44  344 95  HOH HOH A . 
C 3 HOH 45  345 43  HOH HOH A . 
C 3 HOH 46  346 40  HOH HOH A . 
C 3 HOH 47  347 9   HOH HOH A . 
C 3 HOH 48  348 100 HOH HOH A . 
C 3 HOH 49  349 10  HOH HOH A . 
C 3 HOH 50  350 116 HOH HOH A . 
C 3 HOH 51  351 41  HOH HOH A . 
C 3 HOH 52  352 73  HOH HOH A . 
C 3 HOH 53  353 1   HOH HOH A . 
C 3 HOH 54  354 102 HOH HOH A . 
C 3 HOH 55  355 101 HOH HOH A . 
C 3 HOH 56  356 52  HOH HOH A . 
C 3 HOH 57  357 15  HOH HOH A . 
C 3 HOH 58  358 4   HOH HOH A . 
C 3 HOH 59  359 25  HOH HOH A . 
C 3 HOH 60  360 63  HOH HOH A . 
C 3 HOH 61  361 24  HOH HOH A . 
C 3 HOH 62  362 89  HOH HOH A . 
C 3 HOH 63  363 61  HOH HOH A . 
C 3 HOH 64  364 13  HOH HOH A . 
C 3 HOH 65  365 74  HOH HOH A . 
C 3 HOH 66  366 65  HOH HOH A . 
C 3 HOH 67  367 36  HOH HOH A . 
C 3 HOH 68  368 42  HOH HOH A . 
C 3 HOH 69  369 34  HOH HOH A . 
C 3 HOH 70  370 17  HOH HOH A . 
C 3 HOH 71  371 66  HOH HOH A . 
C 3 HOH 72  372 32  HOH HOH A . 
C 3 HOH 73  373 60  HOH HOH A . 
C 3 HOH 74  374 7   HOH HOH A . 
C 3 HOH 75  375 49  HOH HOH A . 
C 3 HOH 76  376 72  HOH HOH A . 
C 3 HOH 77  377 5   HOH HOH A . 
C 3 HOH 78  378 31  HOH HOH A . 
C 3 HOH 79  379 110 HOH HOH A . 
C 3 HOH 80  380 35  HOH HOH A . 
C 3 HOH 81  381 56  HOH HOH A . 
C 3 HOH 82  382 84  HOH HOH A . 
C 3 HOH 83  383 78  HOH HOH A . 
C 3 HOH 84  384 71  HOH HOH A . 
C 3 HOH 85  385 103 HOH HOH A . 
C 3 HOH 86  386 107 HOH HOH A . 
C 3 HOH 87  387 50  HOH HOH A . 
C 3 HOH 88  388 105 HOH HOH A . 
C 3 HOH 89  389 108 HOH HOH A . 
C 3 HOH 90  390 80  HOH HOH A . 
C 3 HOH 91  391 38  HOH HOH A . 
C 3 HOH 92  392 114 HOH HOH A . 
C 3 HOH 93  393 87  HOH HOH A . 
C 3 HOH 94  394 98  HOH HOH A . 
C 3 HOH 95  395 106 HOH HOH A . 
C 3 HOH 96  396 69  HOH HOH A . 
C 3 HOH 97  397 109 HOH HOH A . 
C 3 HOH 98  398 111 HOH HOH A . 
C 3 HOH 99  399 14  HOH HOH A . 
C 3 HOH 100 400 93  HOH HOH A . 
C 3 HOH 101 401 117 HOH HOH A . 
C 3 HOH 102 402 53  HOH HOH A . 
C 3 HOH 103 403 90  HOH HOH A . 
C 3 HOH 104 404 112 HOH HOH A . 
C 3 HOH 105 405 64  HOH HOH A . 
C 3 HOH 106 406 77  HOH HOH A . 
C 3 HOH 107 407 45  HOH HOH A . 
C 3 HOH 108 408 11  HOH HOH A . 
C 3 HOH 109 409 83  HOH HOH A . 
C 3 HOH 110 410 28  HOH HOH A . 
C 3 HOH 111 411 113 HOH HOH A . 
C 3 HOH 112 412 92  HOH HOH A . 
C 3 HOH 113 413 94  HOH HOH A . 
C 3 HOH 114 414 82  HOH HOH A . 
C 3 HOH 115 415 91  HOH HOH A . 
C 3 HOH 116 416 97  HOH HOH A . 
C 3 HOH 117 417 104 HOH HOH A . 
# 
_pdbx_struct_assembly.id                   1 
_pdbx_struct_assembly.details              author_defined_assembly 
_pdbx_struct_assembly.method_details       ? 
_pdbx_struct_assembly.oligomeric_details   monomeric 
_pdbx_struct_assembly.oligomeric_count     1 
# 
_pdbx_struct_assembly_gen.assembly_id       1 
_pdbx_struct_assembly_gen.oper_expression   1 
_pdbx_struct_assembly_gen.asym_id_list      A,B,C 
# 
loop_
_pdbx_struct_assembly_prop.biol_id 
_pdbx_struct_assembly_prop.type 
_pdbx_struct_assembly_prop.value 
_pdbx_struct_assembly_prop.details 
1 'ABSA (A^2)' 0    ? 
1 MORE         0    ? 
1 'SSA (A^2)'  8130 ? 
# 
_pdbx_struct_oper_list.id                   1 
_pdbx_struct_oper_list.type                 'identity operation' 
_pdbx_struct_oper_list.name                 1_555 
_pdbx_struct_oper_list.symmetry_operation   x,y,z 
_pdbx_struct_oper_list.matrix[1][1]         1.0000000000 
_pdbx_struct_oper_list.matrix[1][2]         0.0000000000 
_pdbx_struct_oper_list.matrix[1][3]         0.0000000000 
_pdbx_struct_oper_list.vector[1]            0.0000000000 
_pdbx_struct_oper_list.matrix[2][1]         0.0000000000 
_pdbx_struct_oper_list.matrix[2][2]         1.0000000000 
_pdbx_struct_oper_list.matrix[2][3]         0.0000000000 
_pdbx_struct_oper_list.vector[2]            0.0000000000 
_pdbx_struct_oper_list.matrix[3][1]         0.0000000000 
_pdbx_struct_oper_list.matrix[3][2]         0.0000000000 
_pdbx_struct_oper_list.matrix[3][3]         1.0000000000 
_pdbx_struct_oper_list.vector[3]            0.0000000000 
# 
loop_
_pdbx_audit_revision_history.ordinal 
_pdbx_audit_revision_history.data_content_type 
_pdbx_audit_revision_history.major_revision 
_pdbx_audit_revision_history.minor_revision 
_pdbx_audit_revision_history.revision_date 
1 'Structure model' 1 0 2016-01-13 
2 'Structure model' 1 1 2016-01-27 
3 'Structure model' 1 2 2016-03-09 
4 'Structure model' 1 3 2023-11-08 
# 
_pdbx_audit_revision_details.ordinal             1 
_pdbx_audit_revision_details.revision_ordinal    1 
_pdbx_audit_revision_details.data_content_type   'Structure model' 
_pdbx_audit_revision_details.provider            repository 
_pdbx_audit_revision_details.type                'Initial release' 
_pdbx_audit_revision_details.description         ? 
_pdbx_audit_revision_details.details             ? 
# 
loop_
_pdbx_audit_revision_group.ordinal 
_pdbx_audit_revision_group.revision_ordinal 
_pdbx_audit_revision_group.data_content_type 
_pdbx_audit_revision_group.group 
1 2 'Structure model' 'Data collection'        
2 2 'Structure model' 'Database references'    
3 3 'Structure model' 'Database references'    
4 4 'Structure model' 'Data collection'        
5 4 'Structure model' 'Database references'    
6 4 'Structure model' 'Derived calculations'   
7 4 'Structure model' 'Refinement description' 
# 
loop_
_pdbx_audit_revision_category.ordinal 
_pdbx_audit_revision_category.revision_ordinal 
_pdbx_audit_revision_category.data_content_type 
_pdbx_audit_revision_category.category 
1 4 'Structure model' chem_comp_atom                
2 4 'Structure model' chem_comp_bond                
3 4 'Structure model' citation                      
4 4 'Structure model' database_2                    
5 4 'Structure model' diffrn_radiation_wavelength   
6 4 'Structure model' pdbx_initial_refinement_model 
7 4 'Structure model' pdbx_struct_oper_list         
# 
loop_
_pdbx_audit_revision_item.ordinal 
_pdbx_audit_revision_item.revision_ordinal 
_pdbx_audit_revision_item.data_content_type 
_pdbx_audit_revision_item.item 
1 4 'Structure model' '_citation.journal_id_CSD'                  
2 4 'Structure model' '_database_2.pdbx_DOI'                      
3 4 'Structure model' '_database_2.pdbx_database_accession'       
4 4 'Structure model' '_pdbx_struct_oper_list.symmetry_operation' 
# 
loop_
_software.citation_id 
_software.classification 
_software.compiler_name 
_software.compiler_version 
_software.contact_author 
_software.contact_author_email 
_software.date 
_software.description 
_software.dependencies 
_software.hardware 
_software.language 
_software.location 
_software.mods 
_software.name 
_software.os 
_software.os_version 
_software.type 
_software.version 
_software.pdbx_ordinal 
? 'data scaling'    ? ? ? ? ? ? ? ? ? ? ? Aimless     ? ? ? 0.5.9    1 
? refinement        ? ? ? ? ? ? ? ? ? ? ? REFMAC      ? ? ? 5.8.0124 2 
? 'data extraction' ? ? ? ? ? ? ? ? ? ? ? PDB_EXTRACT ? ? ? 3.15     3 
? 'data reduction'  ? ? ? ? ? ? ? ? ? ? ? MOSFLM      ? ? ? .        4 
? phasing           ? ? ? ? ? ? ? ? ? ? ? MOLREP      ? ? ? .        5 
# 
loop_
_pdbx_unobs_or_zero_occ_residues.id 
_pdbx_unobs_or_zero_occ_residues.PDB_model_num 
_pdbx_unobs_or_zero_occ_residues.polymer_flag 
_pdbx_unobs_or_zero_occ_residues.occupancy_flag 
_pdbx_unobs_or_zero_occ_residues.auth_asym_id 
_pdbx_unobs_or_zero_occ_residues.auth_comp_id 
_pdbx_unobs_or_zero_occ_residues.auth_seq_id 
_pdbx_unobs_or_zero_occ_residues.PDB_ins_code 
_pdbx_unobs_or_zero_occ_residues.label_asym_id 
_pdbx_unobs_or_zero_occ_residues.label_comp_id 
_pdbx_unobs_or_zero_occ_residues.label_seq_id 
1  1 Y 1 A MET 28  ? A MET 1   
2  1 Y 1 A LYS 29  ? A LYS 2   
3  1 Y 1 A LYS 30  ? A LYS 3   
4  1 Y 1 A GLY 31  ? A GLY 4   
5  1 Y 1 A HIS 32  ? A HIS 5   
6  1 Y 1 A HIS 33  ? A HIS 6   
7  1 Y 1 A HIS 34  ? A HIS 7   
8  1 Y 1 A HIS 35  ? A HIS 8   
9  1 Y 1 A GLU 167 ? A GLU 140 
10 1 Y 1 A GLU 168 ? A GLU 141 
# 
loop_
_chem_comp_atom.comp_id 
_chem_comp_atom.atom_id 
_chem_comp_atom.type_symbol 
_chem_comp_atom.pdbx_aromatic_flag 
_chem_comp_atom.pdbx_stereo_config 
_chem_comp_atom.pdbx_ordinal 
ALA N    N N N 1   
ALA CA   C N S 2   
ALA C    C N N 3   
ALA O    O N N 4   
ALA CB   C N N 5   
ALA OXT  O N N 6   
ALA H    H N N 7   
ALA H2   H N N 8   
ALA HA   H N N 9   
ALA HB1  H N N 10  
ALA HB2  H N N 11  
ALA HB3  H N N 12  
ALA HXT  H N N 13  
ARG N    N N N 14  
ARG CA   C N S 15  
ARG C    C N N 16  
ARG O    O N N 17  
ARG CB   C N N 18  
ARG CG   C N N 19  
ARG CD   C N N 20  
ARG NE   N N N 21  
ARG CZ   C N N 22  
ARG NH1  N N N 23  
ARG NH2  N N N 24  
ARG OXT  O N N 25  
ARG H    H N N 26  
ARG H2   H N N 27  
ARG HA   H N N 28  
ARG HB2  H N N 29  
ARG HB3  H N N 30  
ARG HG2  H N N 31  
ARG HG3  H N N 32  
ARG HD2  H N N 33  
ARG HD3  H N N 34  
ARG HE   H N N 35  
ARG HH11 H N N 36  
ARG HH12 H N N 37  
ARG HH21 H N N 38  
ARG HH22 H N N 39  
ARG HXT  H N N 40  
ASN N    N N N 41  
ASN CA   C N S 42  
ASN C    C N N 43  
ASN O    O N N 44  
ASN CB   C N N 45  
ASN CG   C N N 46  
ASN OD1  O N N 47  
ASN ND2  N N N 48  
ASN OXT  O N N 49  
ASN H    H N N 50  
ASN H2   H N N 51  
ASN HA   H N N 52  
ASN HB2  H N N 53  
ASN HB3  H N N 54  
ASN HD21 H N N 55  
ASN HD22 H N N 56  
ASN HXT  H N N 57  
ASP N    N N N 58  
ASP CA   C N S 59  
ASP C    C N N 60  
ASP O    O N N 61  
ASP CB   C N N 62  
ASP CG   C N N 63  
ASP OD1  O N N 64  
ASP OD2  O N N 65  
ASP OXT  O N N 66  
ASP H    H N N 67  
ASP H2   H N N 68  
ASP HA   H N N 69  
ASP HB2  H N N 70  
ASP HB3  H N N 71  
ASP HD2  H N N 72  
ASP HXT  H N N 73  
CYS N    N N N 74  
CYS CA   C N R 75  
CYS C    C N N 76  
CYS O    O N N 77  
CYS CB   C N N 78  
CYS SG   S N N 79  
CYS OXT  O N N 80  
CYS H    H N N 81  
CYS H2   H N N 82  
CYS HA   H N N 83  
CYS HB2  H N N 84  
CYS HB3  H N N 85  
CYS HG   H N N 86  
CYS HXT  H N N 87  
EB3 CAU  C N N 88  
EB3 CAV  C N N 89  
EB3 CAW  C N N 90  
EB3 CAX  C N N 91  
EB3 CAY  C N N 92  
EB3 CAT  C N N 93  
EB3 NAS  N N N 94  
EB3 SAP  S N N 95  
EB3 OAQ  O N N 96  
EB3 OAR  O N N 97  
EB3 CAH  C Y N 98  
EB3 CAG  C Y N 99  
EB3 CAF  C Y N 100 
EB3 CAE  C Y N 101 
EB3 CAA  C Y N 102 
EB3 CAI  C Y N 103 
EB3 CAJ  C Y N 104 
EB3 CAK  C Y N 105 
EB3 CAL  C Y N 106 
EB3 CAB  C Y N 107 
EB3 CAC  C N N 108 
EB3 OAN  O N N 109 
EB3 NAD  N N N 110 
EB3 CAM  C N N 111 
EB3 CAO  C N N 112 
EB3 H1   H N N 113 
EB3 H2   H N N 114 
EB3 H3   H N N 115 
EB3 H4   H N N 116 
EB3 H5   H N N 117 
EB3 H6   H N N 118 
EB3 H7   H N N 119 
EB3 H8   H N N 120 
EB3 H9   H N N 121 
EB3 H10  H N N 122 
EB3 H11  H N N 123 
EB3 H12  H N N 124 
EB3 H13  H N N 125 
EB3 H14  H N N 126 
EB3 H15  H N N 127 
EB3 H16  H N N 128 
EB3 H17  H N N 129 
EB3 H18  H N N 130 
EB3 H19  H N N 131 
EB3 H20  H N N 132 
EB3 H21  H N N 133 
EB3 H22  H N N 134 
GLN N    N N N 135 
GLN CA   C N S 136 
GLN C    C N N 137 
GLN O    O N N 138 
GLN CB   C N N 139 
GLN CG   C N N 140 
GLN CD   C N N 141 
GLN OE1  O N N 142 
GLN NE2  N N N 143 
GLN OXT  O N N 144 
GLN H    H N N 145 
GLN H2   H N N 146 
GLN HA   H N N 147 
GLN HB2  H N N 148 
GLN HB3  H N N 149 
GLN HG2  H N N 150 
GLN HG3  H N N 151 
GLN HE21 H N N 152 
GLN HE22 H N N 153 
GLN HXT  H N N 154 
GLU N    N N N 155 
GLU CA   C N S 156 
GLU C    C N N 157 
GLU O    O N N 158 
GLU CB   C N N 159 
GLU CG   C N N 160 
GLU CD   C N N 161 
GLU OE1  O N N 162 
GLU OE2  O N N 163 
GLU OXT  O N N 164 
GLU H    H N N 165 
GLU H2   H N N 166 
GLU HA   H N N 167 
GLU HB2  H N N 168 
GLU HB3  H N N 169 
GLU HG2  H N N 170 
GLU HG3  H N N 171 
GLU HE2  H N N 172 
GLU HXT  H N N 173 
GLY N    N N N 174 
GLY CA   C N N 175 
GLY C    C N N 176 
GLY O    O N N 177 
GLY OXT  O N N 178 
GLY H    H N N 179 
GLY H2   H N N 180 
GLY HA2  H N N 181 
GLY HA3  H N N 182 
GLY HXT  H N N 183 
HIS N    N N N 184 
HIS CA   C N S 185 
HIS C    C N N 186 
HIS O    O N N 187 
HIS CB   C N N 188 
HIS CG   C Y N 189 
HIS ND1  N Y N 190 
HIS CD2  C Y N 191 
HIS CE1  C Y N 192 
HIS NE2  N Y N 193 
HIS OXT  O N N 194 
HIS H    H N N 195 
HIS H2   H N N 196 
HIS HA   H N N 197 
HIS HB2  H N N 198 
HIS HB3  H N N 199 
HIS HD1  H N N 200 
HIS HD2  H N N 201 
HIS HE1  H N N 202 
HIS HE2  H N N 203 
HIS HXT  H N N 204 
HOH O    O N N 205 
HOH H1   H N N 206 
HOH H2   H N N 207 
ILE N    N N N 208 
ILE CA   C N S 209 
ILE C    C N N 210 
ILE O    O N N 211 
ILE CB   C N S 212 
ILE CG1  C N N 213 
ILE CG2  C N N 214 
ILE CD1  C N N 215 
ILE OXT  O N N 216 
ILE H    H N N 217 
ILE H2   H N N 218 
ILE HA   H N N 219 
ILE HB   H N N 220 
ILE HG12 H N N 221 
ILE HG13 H N N 222 
ILE HG21 H N N 223 
ILE HG22 H N N 224 
ILE HG23 H N N 225 
ILE HD11 H N N 226 
ILE HD12 H N N 227 
ILE HD13 H N N 228 
ILE HXT  H N N 229 
LEU N    N N N 230 
LEU CA   C N S 231 
LEU C    C N N 232 
LEU O    O N N 233 
LEU CB   C N N 234 
LEU CG   C N N 235 
LEU CD1  C N N 236 
LEU CD2  C N N 237 
LEU OXT  O N N 238 
LEU H    H N N 239 
LEU H2   H N N 240 
LEU HA   H N N 241 
LEU HB2  H N N 242 
LEU HB3  H N N 243 
LEU HG   H N N 244 
LEU HD11 H N N 245 
LEU HD12 H N N 246 
LEU HD13 H N N 247 
LEU HD21 H N N 248 
LEU HD22 H N N 249 
LEU HD23 H N N 250 
LEU HXT  H N N 251 
LYS N    N N N 252 
LYS CA   C N S 253 
LYS C    C N N 254 
LYS O    O N N 255 
LYS CB   C N N 256 
LYS CG   C N N 257 
LYS CD   C N N 258 
LYS CE   C N N 259 
LYS NZ   N N N 260 
LYS OXT  O N N 261 
LYS H    H N N 262 
LYS H2   H N N 263 
LYS HA   H N N 264 
LYS HB2  H N N 265 
LYS HB3  H N N 266 
LYS HG2  H N N 267 
LYS HG3  H N N 268 
LYS HD2  H N N 269 
LYS HD3  H N N 270 
LYS HE2  H N N 271 
LYS HE3  H N N 272 
LYS HZ1  H N N 273 
LYS HZ2  H N N 274 
LYS HZ3  H N N 275 
LYS HXT  H N N 276 
MET N    N N N 277 
MET CA   C N S 278 
MET C    C N N 279 
MET O    O N N 280 
MET CB   C N N 281 
MET CG   C N N 282 
MET SD   S N N 283 
MET CE   C N N 284 
MET OXT  O N N 285 
MET H    H N N 286 
MET H2   H N N 287 
MET HA   H N N 288 
MET HB2  H N N 289 
MET HB3  H N N 290 
MET HG2  H N N 291 
MET HG3  H N N 292 
MET HE1  H N N 293 
MET HE2  H N N 294 
MET HE3  H N N 295 
MET HXT  H N N 296 
PHE N    N N N 297 
PHE CA   C N S 298 
PHE C    C N N 299 
PHE O    O N N 300 
PHE CB   C N N 301 
PHE CG   C Y N 302 
PHE CD1  C Y N 303 
PHE CD2  C Y N 304 
PHE CE1  C Y N 305 
PHE CE2  C Y N 306 
PHE CZ   C Y N 307 
PHE OXT  O N N 308 
PHE H    H N N 309 
PHE H2   H N N 310 
PHE HA   H N N 311 
PHE HB2  H N N 312 
PHE HB3  H N N 313 
PHE HD1  H N N 314 
PHE HD2  H N N 315 
PHE HE1  H N N 316 
PHE HE2  H N N 317 
PHE HZ   H N N 318 
PHE HXT  H N N 319 
PRO N    N N N 320 
PRO CA   C N S 321 
PRO C    C N N 322 
PRO O    O N N 323 
PRO CB   C N N 324 
PRO CG   C N N 325 
PRO CD   C N N 326 
PRO OXT  O N N 327 
PRO H    H N N 328 
PRO HA   H N N 329 
PRO HB2  H N N 330 
PRO HB3  H N N 331 
PRO HG2  H N N 332 
PRO HG3  H N N 333 
PRO HD2  H N N 334 
PRO HD3  H N N 335 
PRO HXT  H N N 336 
SER N    N N N 337 
SER CA   C N S 338 
SER C    C N N 339 
SER O    O N N 340 
SER CB   C N N 341 
SER OG   O N N 342 
SER OXT  O N N 343 
SER H    H N N 344 
SER H2   H N N 345 
SER HA   H N N 346 
SER HB2  H N N 347 
SER HB3  H N N 348 
SER HG   H N N 349 
SER HXT  H N N 350 
THR N    N N N 351 
THR CA   C N S 352 
THR C    C N N 353 
THR O    O N N 354 
THR CB   C N R 355 
THR OG1  O N N 356 
THR CG2  C N N 357 
THR OXT  O N N 358 
THR H    H N N 359 
THR H2   H N N 360 
THR HA   H N N 361 
THR HB   H N N 362 
THR HG1  H N N 363 
THR HG21 H N N 364 
THR HG22 H N N 365 
THR HG23 H N N 366 
THR HXT  H N N 367 
TRP N    N N N 368 
TRP CA   C N S 369 
TRP C    C N N 370 
TRP O    O N N 371 
TRP CB   C N N 372 
TRP CG   C Y N 373 
TRP CD1  C Y N 374 
TRP CD2  C Y N 375 
TRP NE1  N Y N 376 
TRP CE2  C Y N 377 
TRP CE3  C Y N 378 
TRP CZ2  C Y N 379 
TRP CZ3  C Y N 380 
TRP CH2  C Y N 381 
TRP OXT  O N N 382 
TRP H    H N N 383 
TRP H2   H N N 384 
TRP HA   H N N 385 
TRP HB2  H N N 386 
TRP HB3  H N N 387 
TRP HD1  H N N 388 
TRP HE1  H N N 389 
TRP HE3  H N N 390 
TRP HZ2  H N N 391 
TRP HZ3  H N N 392 
TRP HH2  H N N 393 
TRP HXT  H N N 394 
TYR N    N N N 395 
TYR CA   C N S 396 
TYR C    C N N 397 
TYR O    O N N 398 
TYR CB   C N N 399 
TYR CG   C Y N 400 
TYR CD1  C Y N 401 
TYR CD2  C Y N 402 
TYR CE1  C Y N 403 
TYR CE2  C Y N 404 
TYR CZ   C Y N 405 
TYR OH   O N N 406 
TYR OXT  O N N 407 
TYR H    H N N 408 
TYR H2   H N N 409 
TYR HA   H N N 410 
TYR HB2  H N N 411 
TYR HB3  H N N 412 
TYR HD1  H N N 413 
TYR HD2  H N N 414 
TYR HE1  H N N 415 
TYR HE2  H N N 416 
TYR HH   H N N 417 
TYR HXT  H N N 418 
VAL N    N N N 419 
VAL CA   C N S 420 
VAL C    C N N 421 
VAL O    O N N 422 
VAL CB   C N N 423 
VAL CG1  C N N 424 
VAL CG2  C N N 425 
VAL OXT  O N N 426 
VAL H    H N N 427 
VAL H2   H N N 428 
VAL HA   H N N 429 
VAL HB   H N N 430 
VAL HG11 H N N 431 
VAL HG12 H N N 432 
VAL HG13 H N N 433 
VAL HG21 H N N 434 
VAL HG22 H N N 435 
VAL HG23 H N N 436 
VAL HXT  H N N 437 
# 
loop_
_chem_comp_bond.comp_id 
_chem_comp_bond.atom_id_1 
_chem_comp_bond.atom_id_2 
_chem_comp_bond.value_order 
_chem_comp_bond.pdbx_aromatic_flag 
_chem_comp_bond.pdbx_stereo_config 
_chem_comp_bond.pdbx_ordinal 
ALA N   CA   sing N N 1   
ALA N   H    sing N N 2   
ALA N   H2   sing N N 3   
ALA CA  C    sing N N 4   
ALA CA  CB   sing N N 5   
ALA CA  HA   sing N N 6   
ALA C   O    doub N N 7   
ALA C   OXT  sing N N 8   
ALA CB  HB1  sing N N 9   
ALA CB  HB2  sing N N 10  
ALA CB  HB3  sing N N 11  
ALA OXT HXT  sing N N 12  
ARG N   CA   sing N N 13  
ARG N   H    sing N N 14  
ARG N   H2   sing N N 15  
ARG CA  C    sing N N 16  
ARG CA  CB   sing N N 17  
ARG CA  HA   sing N N 18  
ARG C   O    doub N N 19  
ARG C   OXT  sing N N 20  
ARG CB  CG   sing N N 21  
ARG CB  HB2  sing N N 22  
ARG CB  HB3  sing N N 23  
ARG CG  CD   sing N N 24  
ARG CG  HG2  sing N N 25  
ARG CG  HG3  sing N N 26  
ARG CD  NE   sing N N 27  
ARG CD  HD2  sing N N 28  
ARG CD  HD3  sing N N 29  
ARG NE  CZ   sing N N 30  
ARG NE  HE   sing N N 31  
ARG CZ  NH1  sing N N 32  
ARG CZ  NH2  doub N N 33  
ARG NH1 HH11 sing N N 34  
ARG NH1 HH12 sing N N 35  
ARG NH2 HH21 sing N N 36  
ARG NH2 HH22 sing N N 37  
ARG OXT HXT  sing N N 38  
ASN N   CA   sing N N 39  
ASN N   H    sing N N 40  
ASN N   H2   sing N N 41  
ASN CA  C    sing N N 42  
ASN CA  CB   sing N N 43  
ASN CA  HA   sing N N 44  
ASN C   O    doub N N 45  
ASN C   OXT  sing N N 46  
ASN CB  CG   sing N N 47  
ASN CB  HB2  sing N N 48  
ASN CB  HB3  sing N N 49  
ASN CG  OD1  doub N N 50  
ASN CG  ND2  sing N N 51  
ASN ND2 HD21 sing N N 52  
ASN ND2 HD22 sing N N 53  
ASN OXT HXT  sing N N 54  
ASP N   CA   sing N N 55  
ASP N   H    sing N N 56  
ASP N   H2   sing N N 57  
ASP CA  C    sing N N 58  
ASP CA  CB   sing N N 59  
ASP CA  HA   sing N N 60  
ASP C   O    doub N N 61  
ASP C   OXT  sing N N 62  
ASP CB  CG   sing N N 63  
ASP CB  HB2  sing N N 64  
ASP CB  HB3  sing N N 65  
ASP CG  OD1  doub N N 66  
ASP CG  OD2  sing N N 67  
ASP OD2 HD2  sing N N 68  
ASP OXT HXT  sing N N 69  
CYS N   CA   sing N N 70  
CYS N   H    sing N N 71  
CYS N   H2   sing N N 72  
CYS CA  C    sing N N 73  
CYS CA  CB   sing N N 74  
CYS CA  HA   sing N N 75  
CYS C   O    doub N N 76  
CYS C   OXT  sing N N 77  
CYS CB  SG   sing N N 78  
CYS CB  HB2  sing N N 79  
CYS CB  HB3  sing N N 80  
CYS SG  HG   sing N N 81  
CYS OXT HXT  sing N N 82  
EB3 CAV CAW  sing N N 83  
EB3 CAV CAU  sing N N 84  
EB3 CAW CAX  sing N N 85  
EB3 CAU CAT  sing N N 86  
EB3 CAX CAY  sing N N 87  
EB3 CAT CAY  sing N N 88  
EB3 CAT NAS  sing N N 89  
EB3 NAS SAP  sing N N 90  
EB3 OAQ SAP  doub N N 91  
EB3 SAP OAR  doub N N 92  
EB3 SAP CAH  sing N N 93  
EB3 CAH CAG  doub Y N 94  
EB3 CAH CAI  sing Y N 95  
EB3 CAJ CAI  doub Y N 96  
EB3 CAJ CAK  sing Y N 97  
EB3 CAG CAF  sing Y N 98  
EB3 CAI CAA  sing Y N 99  
EB3 CAK CAL  doub Y N 100 
EB3 CAA CAE  sing Y N 101 
EB3 CAA CAB  doub Y N 102 
EB3 CAF CAE  doub Y N 103 
EB3 CAL CAB  sing Y N 104 
EB3 CAE NAD  sing N N 105 
EB3 CAB CAC  sing N N 106 
EB3 NAD CAC  sing N N 107 
EB3 NAD CAM  sing N N 108 
EB3 CAC OAN  doub N N 109 
EB3 CAO CAM  sing N N 110 
EB3 CAU H1   sing N N 111 
EB3 CAU H2   sing N N 112 
EB3 CAV H3   sing N N 113 
EB3 CAV H4   sing N N 114 
EB3 CAW H5   sing N N 115 
EB3 CAW H6   sing N N 116 
EB3 CAX H7   sing N N 117 
EB3 CAX H8   sing N N 118 
EB3 CAY H9   sing N N 119 
EB3 CAY H10  sing N N 120 
EB3 CAT H11  sing N N 121 
EB3 NAS H12  sing N N 122 
EB3 CAG H13  sing N N 123 
EB3 CAF H14  sing N N 124 
EB3 CAJ H15  sing N N 125 
EB3 CAK H16  sing N N 126 
EB3 CAL H17  sing N N 127 
EB3 CAM H18  sing N N 128 
EB3 CAM H19  sing N N 129 
EB3 CAO H20  sing N N 130 
EB3 CAO H21  sing N N 131 
EB3 CAO H22  sing N N 132 
GLN N   CA   sing N N 133 
GLN N   H    sing N N 134 
GLN N   H2   sing N N 135 
GLN CA  C    sing N N 136 
GLN CA  CB   sing N N 137 
GLN CA  HA   sing N N 138 
GLN C   O    doub N N 139 
GLN C   OXT  sing N N 140 
GLN CB  CG   sing N N 141 
GLN CB  HB2  sing N N 142 
GLN CB  HB3  sing N N 143 
GLN CG  CD   sing N N 144 
GLN CG  HG2  sing N N 145 
GLN CG  HG3  sing N N 146 
GLN CD  OE1  doub N N 147 
GLN CD  NE2  sing N N 148 
GLN NE2 HE21 sing N N 149 
GLN NE2 HE22 sing N N 150 
GLN OXT HXT  sing N N 151 
GLU N   CA   sing N N 152 
GLU N   H    sing N N 153 
GLU N   H2   sing N N 154 
GLU CA  C    sing N N 155 
GLU CA  CB   sing N N 156 
GLU CA  HA   sing N N 157 
GLU C   O    doub N N 158 
GLU C   OXT  sing N N 159 
GLU CB  CG   sing N N 160 
GLU CB  HB2  sing N N 161 
GLU CB  HB3  sing N N 162 
GLU CG  CD   sing N N 163 
GLU CG  HG2  sing N N 164 
GLU CG  HG3  sing N N 165 
GLU CD  OE1  doub N N 166 
GLU CD  OE2  sing N N 167 
GLU OE2 HE2  sing N N 168 
GLU OXT HXT  sing N N 169 
GLY N   CA   sing N N 170 
GLY N   H    sing N N 171 
GLY N   H2   sing N N 172 
GLY CA  C    sing N N 173 
GLY CA  HA2  sing N N 174 
GLY CA  HA3  sing N N 175 
GLY C   O    doub N N 176 
GLY C   OXT  sing N N 177 
GLY OXT HXT  sing N N 178 
HIS N   CA   sing N N 179 
HIS N   H    sing N N 180 
HIS N   H2   sing N N 181 
HIS CA  C    sing N N 182 
HIS CA  CB   sing N N 183 
HIS CA  HA   sing N N 184 
HIS C   O    doub N N 185 
HIS C   OXT  sing N N 186 
HIS CB  CG   sing N N 187 
HIS CB  HB2  sing N N 188 
HIS CB  HB3  sing N N 189 
HIS CG  ND1  sing Y N 190 
HIS CG  CD2  doub Y N 191 
HIS ND1 CE1  doub Y N 192 
HIS ND1 HD1  sing N N 193 
HIS CD2 NE2  sing Y N 194 
HIS CD2 HD2  sing N N 195 
HIS CE1 NE2  sing Y N 196 
HIS CE1 HE1  sing N N 197 
HIS NE2 HE2  sing N N 198 
HIS OXT HXT  sing N N 199 
HOH O   H1   sing N N 200 
HOH O   H2   sing N N 201 
ILE N   CA   sing N N 202 
ILE N   H    sing N N 203 
ILE N   H2   sing N N 204 
ILE CA  C    sing N N 205 
ILE CA  CB   sing N N 206 
ILE CA  HA   sing N N 207 
ILE C   O    doub N N 208 
ILE C   OXT  sing N N 209 
ILE CB  CG1  sing N N 210 
ILE CB  CG2  sing N N 211 
ILE CB  HB   sing N N 212 
ILE CG1 CD1  sing N N 213 
ILE CG1 HG12 sing N N 214 
ILE CG1 HG13 sing N N 215 
ILE CG2 HG21 sing N N 216 
ILE CG2 HG22 sing N N 217 
ILE CG2 HG23 sing N N 218 
ILE CD1 HD11 sing N N 219 
ILE CD1 HD12 sing N N 220 
ILE CD1 HD13 sing N N 221 
ILE OXT HXT  sing N N 222 
LEU N   CA   sing N N 223 
LEU N   H    sing N N 224 
LEU N   H2   sing N N 225 
LEU CA  C    sing N N 226 
LEU CA  CB   sing N N 227 
LEU CA  HA   sing N N 228 
LEU C   O    doub N N 229 
LEU C   OXT  sing N N 230 
LEU CB  CG   sing N N 231 
LEU CB  HB2  sing N N 232 
LEU CB  HB3  sing N N 233 
LEU CG  CD1  sing N N 234 
LEU CG  CD2  sing N N 235 
LEU CG  HG   sing N N 236 
LEU CD1 HD11 sing N N 237 
LEU CD1 HD12 sing N N 238 
LEU CD1 HD13 sing N N 239 
LEU CD2 HD21 sing N N 240 
LEU CD2 HD22 sing N N 241 
LEU CD2 HD23 sing N N 242 
LEU OXT HXT  sing N N 243 
LYS N   CA   sing N N 244 
LYS N   H    sing N N 245 
LYS N   H2   sing N N 246 
LYS CA  C    sing N N 247 
LYS CA  CB   sing N N 248 
LYS CA  HA   sing N N 249 
LYS C   O    doub N N 250 
LYS C   OXT  sing N N 251 
LYS CB  CG   sing N N 252 
LYS CB  HB2  sing N N 253 
LYS CB  HB3  sing N N 254 
LYS CG  CD   sing N N 255 
LYS CG  HG2  sing N N 256 
LYS CG  HG3  sing N N 257 
LYS CD  CE   sing N N 258 
LYS CD  HD2  sing N N 259 
LYS CD  HD3  sing N N 260 
LYS CE  NZ   sing N N 261 
LYS CE  HE2  sing N N 262 
LYS CE  HE3  sing N N 263 
LYS NZ  HZ1  sing N N 264 
LYS NZ  HZ2  sing N N 265 
LYS NZ  HZ3  sing N N 266 
LYS OXT HXT  sing N N 267 
MET N   CA   sing N N 268 
MET N   H    sing N N 269 
MET N   H2   sing N N 270 
MET CA  C    sing N N 271 
MET CA  CB   sing N N 272 
MET CA  HA   sing N N 273 
MET C   O    doub N N 274 
MET C   OXT  sing N N 275 
MET CB  CG   sing N N 276 
MET CB  HB2  sing N N 277 
MET CB  HB3  sing N N 278 
MET CG  SD   sing N N 279 
MET CG  HG2  sing N N 280 
MET CG  HG3  sing N N 281 
MET SD  CE   sing N N 282 
MET CE  HE1  sing N N 283 
MET CE  HE2  sing N N 284 
MET CE  HE3  sing N N 285 
MET OXT HXT  sing N N 286 
PHE N   CA   sing N N 287 
PHE N   H    sing N N 288 
PHE N   H2   sing N N 289 
PHE CA  C    sing N N 290 
PHE CA  CB   sing N N 291 
PHE CA  HA   sing N N 292 
PHE C   O    doub N N 293 
PHE C   OXT  sing N N 294 
PHE CB  CG   sing N N 295 
PHE CB  HB2  sing N N 296 
PHE CB  HB3  sing N N 297 
PHE CG  CD1  doub Y N 298 
PHE CG  CD2  sing Y N 299 
PHE CD1 CE1  sing Y N 300 
PHE CD1 HD1  sing N N 301 
PHE CD2 CE2  doub Y N 302 
PHE CD2 HD2  sing N N 303 
PHE CE1 CZ   doub Y N 304 
PHE CE1 HE1  sing N N 305 
PHE CE2 CZ   sing Y N 306 
PHE CE2 HE2  sing N N 307 
PHE CZ  HZ   sing N N 308 
PHE OXT HXT  sing N N 309 
PRO N   CA   sing N N 310 
PRO N   CD   sing N N 311 
PRO N   H    sing N N 312 
PRO CA  C    sing N N 313 
PRO CA  CB   sing N N 314 
PRO CA  HA   sing N N 315 
PRO C   O    doub N N 316 
PRO C   OXT  sing N N 317 
PRO CB  CG   sing N N 318 
PRO CB  HB2  sing N N 319 
PRO CB  HB3  sing N N 320 
PRO CG  CD   sing N N 321 
PRO CG  HG2  sing N N 322 
PRO CG  HG3  sing N N 323 
PRO CD  HD2  sing N N 324 
PRO CD  HD3  sing N N 325 
PRO OXT HXT  sing N N 326 
SER N   CA   sing N N 327 
SER N   H    sing N N 328 
SER N   H2   sing N N 329 
SER CA  C    sing N N 330 
SER CA  CB   sing N N 331 
SER CA  HA   sing N N 332 
SER C   O    doub N N 333 
SER C   OXT  sing N N 334 
SER CB  OG   sing N N 335 
SER CB  HB2  sing N N 336 
SER CB  HB3  sing N N 337 
SER OG  HG   sing N N 338 
SER OXT HXT  sing N N 339 
THR N   CA   sing N N 340 
THR N   H    sing N N 341 
THR N   H2   sing N N 342 
THR CA  C    sing N N 343 
THR CA  CB   sing N N 344 
THR CA  HA   sing N N 345 
THR C   O    doub N N 346 
THR C   OXT  sing N N 347 
THR CB  OG1  sing N N 348 
THR CB  CG2  sing N N 349 
THR CB  HB   sing N N 350 
THR OG1 HG1  sing N N 351 
THR CG2 HG21 sing N N 352 
THR CG2 HG22 sing N N 353 
THR CG2 HG23 sing N N 354 
THR OXT HXT  sing N N 355 
TRP N   CA   sing N N 356 
TRP N   H    sing N N 357 
TRP N   H2   sing N N 358 
TRP CA  C    sing N N 359 
TRP CA  CB   sing N N 360 
TRP CA  HA   sing N N 361 
TRP C   O    doub N N 362 
TRP C   OXT  sing N N 363 
TRP CB  CG   sing N N 364 
TRP CB  HB2  sing N N 365 
TRP CB  HB3  sing N N 366 
TRP CG  CD1  doub Y N 367 
TRP CG  CD2  sing Y N 368 
TRP CD1 NE1  sing Y N 369 
TRP CD1 HD1  sing N N 370 
TRP CD2 CE2  doub Y N 371 
TRP CD2 CE3  sing Y N 372 
TRP NE1 CE2  sing Y N 373 
TRP NE1 HE1  sing N N 374 
TRP CE2 CZ2  sing Y N 375 
TRP CE3 CZ3  doub Y N 376 
TRP CE3 HE3  sing N N 377 
TRP CZ2 CH2  doub Y N 378 
TRP CZ2 HZ2  sing N N 379 
TRP CZ3 CH2  sing Y N 380 
TRP CZ3 HZ3  sing N N 381 
TRP CH2 HH2  sing N N 382 
TRP OXT HXT  sing N N 383 
TYR N   CA   sing N N 384 
TYR N   H    sing N N 385 
TYR N   H2   sing N N 386 
TYR CA  C    sing N N 387 
TYR CA  CB   sing N N 388 
TYR CA  HA   sing N N 389 
TYR C   O    doub N N 390 
TYR C   OXT  sing N N 391 
TYR CB  CG   sing N N 392 
TYR CB  HB2  sing N N 393 
TYR CB  HB3  sing N N 394 
TYR CG  CD1  doub Y N 395 
TYR CG  CD2  sing Y N 396 
TYR CD1 CE1  sing Y N 397 
TYR CD1 HD1  sing N N 398 
TYR CD2 CE2  doub Y N 399 
TYR CD2 HD2  sing N N 400 
TYR CE1 CZ   doub Y N 401 
TYR CE1 HE1  sing N N 402 
TYR CE2 CZ   sing Y N 403 
TYR CE2 HE2  sing N N 404 
TYR CZ  OH   sing N N 405 
TYR OH  HH   sing N N 406 
TYR OXT HXT  sing N N 407 
VAL N   CA   sing N N 408 
VAL N   H    sing N N 409 
VAL N   H2   sing N N 410 
VAL CA  C    sing N N 411 
VAL CA  CB   sing N N 412 
VAL CA  HA   sing N N 413 
VAL C   O    doub N N 414 
VAL C   OXT  sing N N 415 
VAL CB  CG1  sing N N 416 
VAL CB  CG2  sing N N 417 
VAL CB  HB   sing N N 418 
VAL CG1 HG11 sing N N 419 
VAL CG1 HG12 sing N N 420 
VAL CG1 HG13 sing N N 421 
VAL CG2 HG21 sing N N 422 
VAL CG2 HG22 sing N N 423 
VAL CG2 HG23 sing N N 424 
VAL OXT HXT  sing N N 425 
# 
loop_
_pdbx_entity_nonpoly.entity_id 
_pdbx_entity_nonpoly.name 
_pdbx_entity_nonpoly.comp_id 
2 'N-cyclohexyl-1-ethyl-2-oxo-1,2-dihydrobenzo[cd]indole-6-sulfonamide' EB3 
3 water                                                                 HOH 
# 
_pdbx_initial_refinement_model.id               1 
_pdbx_initial_refinement_model.entity_id_list   ? 
_pdbx_initial_refinement_model.type             'experimental model' 
_pdbx_initial_refinement_model.source_name      PDB 
_pdbx_initial_refinement_model.accession_code   3MXF 
_pdbx_initial_refinement_model.details          ? 
# 
